data_7U0I
#
_entry.id   7U0I
#
_cell.length_a   1.00
_cell.length_b   1.00
_cell.length_c   1.00
_cell.angle_alpha   90.00
_cell.angle_beta   90.00
_cell.angle_gamma   90.00
#
_symmetry.space_group_name_H-M   'P 1'
#
loop_
_entity.id
_entity.type
_entity.pdbx_description
1 polymer 'Histone H3.1'
2 polymer 'Histone H4'
3 polymer 'Histone H2A type 2-C'
4 polymer 'Histone H2B type 2-E'
5 polymer 'DNA (162-MER)'
6 polymer 'DNA (162-MER)'
7 polymer 'Maltodextrin-binding protein,POU domain, class 5, transcription factor 1'
8 polymer 'Single-chain variable fragment'
#
loop_
_entity_poly.entity_id
_entity_poly.type
_entity_poly.pdbx_seq_one_letter_code
_entity_poly.pdbx_strand_id
1 'polypeptide(L)'
;MARTKQTARKSTGGKAPRKQLATKAARKSAPATGGVKKPHRYRPGTVALREIRRYQKSTELLIRKLPFQRLVREIAQDFK
TDLRFQSSAVMALQEACEAYLVGLFEDTNLCAIHAKRVTIMPKDIQLARRIRGERA
;
A,E
2 'polypeptide(L)'
;MSGRGKGGKGLGKGGAKRHRKVLRDNIQGITKPAIRRLARRGGVKRISGLIYEETRGVLKVFLENVIRDAVTYTEHAKRK
TVTAMDVVYALKRQGRTLYGFGG
;
B,F
3 'polypeptide(L)'
;MSGRGKQGGKARAKAKSRSSRAGLQFPVGRVHRLLRKGNYAERVGAGAPVYMAAVLEYLTAEILELAGNAARDNKKTRII
PRHLQLAIRNDEELNKLLGKVTIAQGGVLPNIQAVLLPKKTESHKAKSK
;
C,G
4 'polypeptide(L)'
;MPEPAKSAPAPKKGSKKAVTKAQKKDGKKRKRSRKESYSIYVYKVLKQVHPDTGISSKAMGIMNSFVNDIFERIAGEASR
LAHYNKRSTITSREIQTAVRLLLPGELAKHAVSEGTKAVTKYTSSK
;
D,H
5 'polydeoxyribonucleotide'
;(DA)(DG)(DT)(DG)(DG)(DT)(DA)(DT)(DT)(DA)(DA)(DC)(DA)(DT)(DA)(DT)(DC)(DC)(DT)(DC)
(DA)(DG)(DT)(DG)(DG)(DT)(DG)(DA)(DG)(DT)(DA)(DT)(DT)(DA)(DA)(DC)(DA)(DT)(DG)(DG)
(DA)(DA)(DC)(DT)(DT)(DA)(DC)(DT)(DC)(DC)(DA)(DA)(DC)(DA)(DA)(DT)(DA)(DC)(DA)(DG)
(DA)(DT)(DG)(DC)(DT)(DG)(DA)(DA)(DT)(DA)(DA)(DA)(DT)(DG)(DT)(DA)(DG)(DT)(DC)(DT)
(DA)(DA)(DG)(DT)(DG)(DA)(DA)(DG)(DG)(DA)(DA)(DG)(DA)(DA)(DG)(DG)(DA)(DA)(DA)(DG)
(DG)(DT)(DG)(DG)(DG)(DA)(DG)(DC)(DT)(DG)(DC)(DC)(DA)(DT)(DC)(DA)(DC)(DT)(DC)(DA)
(DG)(DA)(DA)(DT)(DT)(DG)(DT)(DC)(DC)(DA)(DG)(DC)(DA)(DG)(DG)(DG)(DA)(DT)(DT)(DG)
(DT)(DG)(DC)(DA)(DA)(DG)(DC)(DT)(DT)(DG)(DT)(DG)(DA)(DA)(DT)(DA)(DA)(DA)(DG)(DA)
(DC)(DA)
;
I
6 'polydeoxyribonucleotide'
;(DT)(DG)(DT)(DC)(DT)(DT)(DT)(DA)(DT)(DT)(DC)(DA)(DC)(DA)(DA)(DG)(DC)(DT)(DT)(DG)
(DC)(DA)(DC)(DA)(DA)(DT)(DC)(DC)(DC)(DT)(DG)(DC)(DT)(DG)(DG)(DA)(DC)(DA)(DA)(DT)
(DT)(DC)(DT)(DG)(DA)(DG)(DT)(DG)(DA)(DT)(DG)(DG)(DC)(DA)(DG)(DC)(DT)(DC)(DC)(DC)
(DA)(DC)(DC)(DT)(DT)(DT)(DC)(DC)(DT)(DT)(DC)(DT)(DT)(DC)(DC)(DT)(DT)(DC)(DA)(DC)
(DT)(DT)(DA)(DG)(DA)(DC)(DT)(DA)(DC)(DA)(DT)(DT)(DT)(DA)(DT)(DT)(DC)(DA)(DG)(DC)
(DA)(DT)(DC)(DT)(DG)(DT)(DA)(DT)(DT)(DG)(DT)(DT)(DG)(DG)(DA)(DG)(DT)(DA)(DA)(DG)
(DT)(DT)(DC)(DC)(DA)(DT)(DG)(DT)(DT)(DA)(DA)(DT)(DA)(DC)(DT)(DC)(DA)(DC)(DC)(DA)
(DC)(DT)(DG)(DA)(DG)(DG)(DA)(DT)(DA)(DT)(DG)(DT)(DT)(DA)(DA)(DT)(DA)(DC)(DC)(DA)
(DC)(DT)
;
J
7 'polypeptide(L)'
;MKEAKIEEGKLVIWINGDKGYNGLAEVGKKFEKDTGIKVTVEHPDKLEEKFPQVAATGDGPDIIFWAHDRFGGYAQSGLL
AEITPDKAFQDKLYPFTWDAVRYNGKLIAYPIAVEALSLIYNKDLLPNPPKTWEEIPALDKELKAKGKSALMFNLQEPYF
TWPLIAADGGYAFKYENGKYDIKDVGVDNAGAKAGLTFLVDLIKNKHMNADTDYSIAEAAFNKGETAMTINGPWAWSNID
TSKVNYGVTVLP(UNK)FKGQPSKPFVGVLSAGINAASPNKELAKEFLENYLLTDEGLEAVNKDKPLGAVALKSYEEELA
KDPRIAATMENAQKGEIMPNIPQMSAFWYAVRTAVINAASGRQTVDAALAAAQTNAGSENLYFQGSVDSAAASDIKALQK
ELEQFAKLLKQKRITLGYTQADVGLTLGVLFGKVFSQTTICRFEALQLSFKNMCKLRPLLQKWVEEADNNENLQEICKAE
TLVQARKRKRTSIENRVRGNLENLFLQCPKPTLQQISHIAQQLGLEKDVVRVWFCNRRQKGKRSSSEFHHHHHH
;
L,M
8 'polypeptide(L)'
;MKSSHHHHHHENLYFQSNAMEVQLQQSGPELVEPGTSVKMPCKASGYTFTSYTIQWVKQTPRQGLEWIGYIYPYNAGTKY
NEKFKGKATLTSDKSSSTVYMELSSLTSEDSAVYYCARKSSRLRSTLDYWGQGTSVTVSSGGGGSGGGGSGGGGSMDIKM
TQSPSSMHASLGERVTITCKASQDIRSYLSWYQQKPWKSPKTLIYYATSLADGVPSRFSGSGSGQDFSLTINNLESDDTA
TYYCLQHGESPYTFGSGTKLEIKRA
;
K,N
#
loop_
_chem_comp.id
_chem_comp.type
_chem_comp.name
_chem_comp.formula
DA DNA linking 2'-DEOXYADENOSINE-5'-MONOPHOSPHATE 'C10 H14 N5 O6 P'
DC DNA linking 2'-DEOXYCYTIDINE-5'-MONOPHOSPHATE 'C9 H14 N3 O7 P'
DG DNA linking 2'-DEOXYGUANOSINE-5'-MONOPHOSPHATE 'C10 H14 N5 O7 P'
DT DNA linking THYMIDINE-5'-MONOPHOSPHATE 'C10 H15 N2 O8 P'
#
# COMPACT_ATOMS: atom_id res chain seq x y z
N PRO A 39 -30.85 27.59 24.18
CA PRO A 39 -29.46 27.42 24.54
C PRO A 39 -28.62 27.72 23.35
N HIS A 40 -27.50 27.05 23.17
CA HIS A 40 -26.68 27.38 22.05
C HIS A 40 -26.31 26.14 21.38
N ARG A 41 -26.48 26.05 20.08
CA ARG A 41 -26.09 24.90 19.34
C ARG A 41 -25.31 25.29 18.23
N TYR A 42 -24.31 24.56 17.91
CA TYR A 42 -23.55 24.84 16.78
C TYR A 42 -24.21 24.30 15.61
N ARG A 43 -23.98 24.83 14.46
CA ARG A 43 -24.51 24.36 13.20
C ARG A 43 -23.83 23.05 12.79
N PRO A 44 -24.50 22.24 11.97
CA PRO A 44 -23.89 20.98 11.54
C PRO A 44 -22.65 21.20 10.69
N GLY A 45 -21.62 20.41 10.96
CA GLY A 45 -20.36 20.52 10.27
C GLY A 45 -19.29 21.29 11.03
N THR A 46 -19.67 22.10 12.00
CA THR A 46 -18.69 22.85 12.77
C THR A 46 -17.98 21.95 13.78
N VAL A 47 -18.76 21.18 14.55
CA VAL A 47 -18.16 20.23 15.48
C VAL A 47 -17.44 19.12 14.73
N ALA A 48 -17.91 18.78 13.52
CA ALA A 48 -17.21 17.81 12.70
C ALA A 48 -15.83 18.32 12.29
N LEU A 49 -15.74 19.60 11.90
CA LEU A 49 -14.45 20.17 11.56
C LEU A 49 -13.53 20.26 12.78
N ARG A 50 -14.11 20.59 13.93
CA ARG A 50 -13.35 20.62 15.17
C ARG A 50 -12.81 19.24 15.52
N GLU A 51 -13.62 18.21 15.33
CA GLU A 51 -13.17 16.85 15.60
C GLU A 51 -12.11 16.41 14.60
N ILE A 52 -12.21 16.86 13.35
CA ILE A 52 -11.20 16.55 12.35
C ILE A 52 -9.86 17.14 12.76
N ARG A 53 -9.87 18.41 13.19
CA ARG A 53 -8.64 19.06 13.66
C ARG A 53 -8.09 18.37 14.89
N ARG A 54 -8.96 18.02 15.83
CA ARG A 54 -8.51 17.40 17.09
C ARG A 54 -7.92 16.02 16.85
N TYR A 55 -8.57 15.20 16.04
CA TYR A 55 -8.10 13.84 15.83
C TYR A 55 -6.97 13.76 14.81
N GLN A 56 -6.76 14.80 14.01
CA GLN A 56 -5.55 14.85 13.20
C GLN A 56 -4.37 15.40 13.99
N LYS A 57 -4.63 16.20 15.03
CA LYS A 57 -3.56 16.69 15.88
C LYS A 57 -3.03 15.64 16.85
N SER A 58 -3.84 14.64 17.22
CA SER A 58 -3.46 13.65 18.21
C SER A 58 -2.93 12.40 17.53
N THR A 59 -2.33 11.50 18.33
CA THR A 59 -1.76 10.27 17.81
C THR A 59 -2.23 9.01 18.52
N GLU A 60 -2.97 9.10 19.61
CA GLU A 60 -3.36 7.92 20.36
C GLU A 60 -4.40 7.10 19.58
N LEU A 61 -4.54 5.84 19.98
CA LEU A 61 -5.47 4.94 19.32
C LEU A 61 -6.91 5.36 19.57
N LEU A 62 -7.77 5.11 18.58
CA LEU A 62 -9.14 5.60 18.59
C LEU A 62 -10.16 4.52 18.93
N ILE A 63 -9.81 3.25 18.81
CA ILE A 63 -10.69 2.15 19.20
C ILE A 63 -10.30 1.70 20.59
N ARG A 64 -11.29 1.32 21.38
CA ARG A 64 -11.03 0.80 22.72
C ARG A 64 -10.27 -0.52 22.64
N LYS A 65 -9.40 -0.75 23.62
CA LYS A 65 -8.48 -1.87 23.54
C LYS A 65 -9.19 -3.21 23.75
N LEU A 66 -10.12 -3.25 24.70
CA LEU A 66 -10.83 -4.50 25.00
C LEU A 66 -11.67 -5.03 23.85
N PRO A 67 -12.52 -4.25 23.18
CA PRO A 67 -13.25 -4.78 22.02
C PRO A 67 -12.36 -5.25 20.89
N PHE A 68 -11.26 -4.54 20.63
CA PHE A 68 -10.35 -4.98 19.58
C PHE A 68 -9.65 -6.26 19.97
N GLN A 69 -9.32 -6.41 21.25
CA GLN A 69 -8.70 -7.65 21.73
C GLN A 69 -9.66 -8.82 21.57
N ARG A 70 -10.93 -8.62 21.90
CA ARG A 70 -11.91 -9.69 21.73
C ARG A 70 -12.12 -10.03 20.26
N LEU A 71 -12.14 -9.02 19.39
CA LEU A 71 -12.28 -9.26 17.96
C LEU A 71 -11.09 -10.04 17.41
N VAL A 72 -9.88 -9.67 17.82
CA VAL A 72 -8.68 -10.37 17.37
C VAL A 72 -8.67 -11.81 17.86
N ARG A 73 -9.19 -12.04 19.00
CA ARG A 73 -9.15 -13.29 19.54
C ARG A 73 -10.09 -14.12 18.96
N GLU A 74 -11.28 -13.73 18.67
CA GLU A 74 -12.27 -14.56 18.01
C GLU A 74 -11.91 -14.82 16.55
N ILE A 75 -11.30 -13.84 15.88
CA ILE A 75 -10.85 -14.05 14.50
C ILE A 75 -9.75 -15.10 14.47
N ALA A 76 -8.81 -15.03 15.41
CA ALA A 76 -7.74 -16.00 15.45
C ALA A 76 -8.21 -17.39 15.88
N GLN A 77 -9.34 -17.48 16.58
CA GLN A 77 -9.82 -18.78 17.03
C GLN A 77 -10.33 -19.65 15.89
N ASP A 78 -10.61 -19.08 14.73
CA ASP A 78 -11.03 -19.89 13.58
C ASP A 78 -9.89 -20.67 12.98
N PHE A 79 -8.65 -20.17 13.08
CA PHE A 79 -7.49 -20.86 12.53
C PHE A 79 -6.89 -21.84 13.54
N LYS A 80 -6.48 -21.34 14.71
CA LYS A 80 -5.99 -22.17 15.78
C LYS A 80 -6.96 -22.14 16.95
N THR A 81 -7.21 -23.33 17.51
CA THR A 81 -8.26 -23.48 18.51
C THR A 81 -7.91 -22.90 19.87
N ASP A 82 -6.67 -23.08 20.34
CA ASP A 82 -6.25 -22.57 21.65
C ASP A 82 -4.86 -21.98 21.49
N LEU A 83 -4.82 -20.67 21.22
CA LEU A 83 -3.56 -19.96 21.03
C LEU A 83 -3.60 -18.67 21.82
N ARG A 84 -2.49 -18.34 22.48
CA ARG A 84 -2.40 -17.14 23.28
C ARG A 84 -1.87 -15.98 22.43
N PHE A 85 -1.98 -14.78 22.99
CA PHE A 85 -1.56 -13.56 22.30
C PHE A 85 -0.68 -12.74 23.24
N GLN A 86 0.47 -12.32 22.73
CA GLN A 86 1.25 -11.31 23.44
C GLN A 86 0.48 -9.99 23.41
N SER A 87 0.68 -9.17 24.44
CA SER A 87 0.03 -7.87 24.48
C SER A 87 0.52 -6.96 23.36
N SER A 88 1.83 -7.00 23.09
CA SER A 88 2.39 -6.19 22.02
C SER A 88 1.91 -6.64 20.66
N ALA A 89 1.56 -7.92 20.51
CA ALA A 89 0.98 -8.40 19.26
C ALA A 89 -0.37 -7.75 19.00
N VAL A 90 -1.21 -7.68 20.04
CA VAL A 90 -2.51 -7.04 19.89
C VAL A 90 -2.35 -5.54 19.65
N MET A 91 -1.36 -4.93 20.30
CA MET A 91 -1.11 -3.50 20.09
C MET A 91 -0.66 -3.23 18.65
N ALA A 92 0.21 -4.08 18.11
CA ALA A 92 0.66 -3.92 16.72
C ALA A 92 -0.49 -4.14 15.76
N LEU A 93 -1.36 -5.12 16.04
CA LEU A 93 -2.53 -5.35 15.20
C LEU A 93 -3.47 -4.14 15.21
N GLN A 94 -3.68 -3.54 16.38
CA GLN A 94 -4.55 -2.37 16.47
C GLN A 94 -3.95 -1.18 15.74
N GLU A 95 -2.63 -0.99 15.86
CA GLU A 95 -1.96 0.10 15.16
C GLU A 95 -2.07 -0.06 13.65
N ALA A 96 -1.82 -1.27 13.15
CA ALA A 96 -1.91 -1.53 11.72
C ALA A 96 -3.34 -1.36 11.20
N CYS A 97 -4.32 -1.86 11.96
CA CYS A 97 -5.72 -1.74 11.53
C CYS A 97 -6.18 -0.29 11.52
N GLU A 98 -5.81 0.49 12.54
CA GLU A 98 -6.24 1.88 12.58
C GLU A 98 -5.57 2.71 11.50
N ALA A 99 -4.28 2.45 11.23
CA ALA A 99 -3.61 3.15 10.13
C ALA A 99 -4.22 2.81 8.78
N TYR A 100 -4.55 1.53 8.57
CA TYR A 100 -5.20 1.10 7.33
C TYR A 100 -6.57 1.76 7.17
N LEU A 101 -7.35 1.81 8.25
CA LEU A 101 -8.67 2.41 8.17
C LEU A 101 -8.60 3.92 7.92
N VAL A 102 -7.62 4.59 8.53
CA VAL A 102 -7.47 6.03 8.31
C VAL A 102 -7.06 6.32 6.87
N GLY A 103 -6.15 5.53 6.32
CA GLY A 103 -5.78 5.71 4.91
C GLY A 103 -6.94 5.44 3.97
N LEU A 104 -7.71 4.39 4.25
CA LEU A 104 -8.87 4.07 3.42
C LEU A 104 -9.92 5.17 3.52
N PHE A 105 -10.08 5.78 4.69
CA PHE A 105 -11.03 6.87 4.83
C PHE A 105 -10.56 8.12 4.09
N GLU A 106 -9.24 8.36 4.05
CA GLU A 106 -8.73 9.47 3.25
C GLU A 106 -9.02 9.26 1.76
N ASP A 107 -8.80 8.04 1.28
CA ASP A 107 -9.11 7.73 -0.13
C ASP A 107 -10.61 7.82 -0.40
N THR A 108 -11.42 7.37 0.54
CA THR A 108 -12.88 7.46 0.41
C THR A 108 -13.34 8.91 0.36
N ASN A 109 -12.74 9.77 1.19
CA ASN A 109 -13.06 11.19 1.15
C ASN A 109 -12.69 11.81 -0.18
N LEU A 110 -11.55 11.39 -0.75
CA LEU A 110 -11.15 11.86 -2.07
C LEU A 110 -12.17 11.44 -3.13
N CYS A 111 -12.64 10.20 -3.07
CA CYS A 111 -13.66 9.73 -4.01
C CYS A 111 -14.96 10.50 -3.87
N ALA A 112 -15.38 10.76 -2.62
CA ALA A 112 -16.61 11.51 -2.39
C ALA A 112 -16.51 12.93 -2.92
N ILE A 113 -15.36 13.58 -2.71
CA ILE A 113 -15.18 14.94 -3.23
C ILE A 113 -15.11 14.92 -4.75
N HIS A 114 -14.59 13.83 -5.32
CA HIS A 114 -14.61 13.69 -6.77
C HIS A 114 -16.03 13.59 -7.30
N ALA A 115 -16.91 12.94 -6.55
CA ALA A 115 -18.31 12.83 -6.95
C ALA A 115 -19.15 14.04 -6.57
N LYS A 116 -18.53 15.17 -6.20
CA LYS A 116 -19.22 16.41 -5.87
C LYS A 116 -20.10 16.25 -4.63
N ARG A 117 -19.60 15.53 -3.63
CA ARG A 117 -20.30 15.32 -2.39
C ARG A 117 -19.35 15.63 -1.23
N VAL A 118 -19.94 15.82 -0.05
CA VAL A 118 -19.18 15.91 1.19
C VAL A 118 -19.46 14.75 2.12
N THR A 119 -20.41 13.89 1.77
CA THR A 119 -20.76 12.71 2.56
C THR A 119 -20.16 11.47 1.92
N ILE A 120 -19.42 10.71 2.71
CA ILE A 120 -18.84 9.46 2.22
C ILE A 120 -19.90 8.37 2.27
N MET A 121 -20.02 7.63 1.18
CA MET A 121 -20.97 6.52 1.05
C MET A 121 -20.22 5.22 0.86
N PRO A 122 -20.90 4.08 0.96
CA PRO A 122 -20.24 2.79 0.71
C PRO A 122 -19.70 2.65 -0.71
N LYS A 123 -20.30 3.33 -1.69
CA LYS A 123 -19.79 3.29 -3.06
C LYS A 123 -18.41 3.93 -3.14
N ASP A 124 -18.16 4.97 -2.36
CA ASP A 124 -16.85 5.59 -2.33
C ASP A 124 -15.80 4.66 -1.75
N ILE A 125 -16.16 3.93 -0.68
CA ILE A 125 -15.26 2.95 -0.10
C ILE A 125 -14.97 1.82 -1.09
N GLN A 126 -16.01 1.38 -1.81
CA GLN A 126 -15.83 0.32 -2.79
C GLN A 126 -14.93 0.77 -3.95
N LEU A 127 -15.11 2.01 -4.41
CA LEU A 127 -14.25 2.53 -5.47
C LEU A 127 -12.81 2.68 -5.01
N ALA A 128 -12.60 3.15 -3.78
CA ALA A 128 -11.24 3.29 -3.26
C ALA A 128 -10.58 1.93 -3.10
N ARG A 129 -11.32 0.91 -2.65
CA ARG A 129 -10.73 -0.41 -2.51
C ARG A 129 -10.53 -1.09 -3.86
N ARG A 130 -11.33 -0.74 -4.87
CA ARG A 130 -11.13 -1.32 -6.19
C ARG A 130 -9.92 -0.72 -6.89
N ILE A 131 -9.75 0.61 -6.79
CA ILE A 131 -8.61 1.24 -7.44
C ILE A 131 -7.31 0.86 -6.74
N ARG A 132 -7.36 0.66 -5.42
CA ARG A 132 -6.18 0.23 -4.68
C ARG A 132 -5.75 -1.18 -5.05
N GLY A 133 -6.67 -2.01 -5.54
CA GLY A 133 -6.34 -3.38 -5.87
C GLY A 133 -6.69 -4.39 -4.80
N GLU A 134 -7.77 -4.18 -4.07
CA GLU A 134 -8.16 -5.07 -2.98
C GLU A 134 -9.42 -5.86 -3.32
N ARG B 20 -12.28 -22.30 27.83
CA ARG B 20 -12.38 -20.99 27.20
C ARG B 20 -13.72 -20.83 26.48
N LYS B 21 -14.24 -19.61 26.48
CA LYS B 21 -15.53 -19.34 25.85
C LYS B 21 -15.40 -19.41 24.33
N VAL B 22 -16.54 -19.28 23.64
CA VAL B 22 -16.58 -19.36 22.19
C VAL B 22 -16.30 -18.01 21.53
N LEU B 23 -16.63 -16.89 22.18
CA LEU B 23 -16.38 -15.55 21.67
C LEU B 23 -17.12 -15.31 20.34
N ARG B 24 -18.45 -15.33 20.43
CA ARG B 24 -19.28 -15.07 19.26
C ARG B 24 -19.43 -13.57 19.01
N ASP B 25 -19.76 -13.25 17.76
CA ASP B 25 -20.04 -11.88 17.32
C ASP B 25 -18.80 -10.99 17.42
N ASN B 26 -18.83 -10.02 18.33
CA ASN B 26 -17.69 -9.16 18.68
C ASN B 26 -17.25 -8.17 17.61
N ILE B 27 -17.86 -8.20 16.42
CA ILE B 27 -17.56 -7.19 15.42
C ILE B 27 -18.32 -5.92 15.74
N GLN B 28 -19.39 -6.03 16.53
CA GLN B 28 -20.15 -4.87 17.00
C GLN B 28 -19.41 -4.09 18.09
N GLY B 29 -18.32 -4.63 18.63
CA GLY B 29 -17.50 -3.89 19.56
C GLY B 29 -16.77 -2.72 18.92
N ILE B 30 -16.57 -2.77 17.61
CA ILE B 30 -16.09 -1.60 16.87
C ILE B 30 -17.29 -0.69 16.65
N THR B 31 -17.49 0.24 17.57
CA THR B 31 -18.75 0.97 17.64
C THR B 31 -18.80 2.06 16.59
N LYS B 32 -19.99 2.64 16.46
CA LYS B 32 -20.19 3.78 15.56
C LYS B 32 -19.34 4.99 15.93
N PRO B 33 -19.22 5.41 17.19
CA PRO B 33 -18.29 6.51 17.52
C PRO B 33 -16.83 6.20 17.18
N ALA B 34 -16.39 4.95 17.31
CA ALA B 34 -15.02 4.62 16.95
C ALA B 34 -14.78 4.79 15.45
N ILE B 35 -15.72 4.33 14.63
CA ILE B 35 -15.60 4.50 13.18
C ILE B 35 -15.68 5.98 12.82
N ARG B 36 -16.51 6.73 13.54
CA ARG B 36 -16.60 8.17 13.30
C ARG B 36 -15.30 8.87 13.63
N ARG B 37 -14.63 8.47 14.72
CA ARG B 37 -13.33 9.05 15.04
C ARG B 37 -12.28 8.68 14.00
N LEU B 38 -12.31 7.44 13.53
CA LEU B 38 -11.36 7.02 12.49
C LEU B 38 -11.58 7.78 11.19
N ALA B 39 -12.84 8.12 10.90
CA ALA B 39 -13.13 8.93 9.72
C ALA B 39 -12.70 10.38 9.95
N ARG B 40 -12.81 10.86 11.18
CA ARG B 40 -12.38 12.23 11.50
C ARG B 40 -10.87 12.37 11.33
N ARG B 41 -10.11 11.36 11.75
CA ARG B 41 -8.66 11.42 11.53
C ARG B 41 -8.33 11.33 10.05
N GLY B 42 -9.17 10.67 9.27
CA GLY B 42 -9.01 10.63 7.83
C GLY B 42 -9.51 11.86 7.11
N GLY B 43 -10.06 12.83 7.83
CA GLY B 43 -10.51 14.07 7.23
C GLY B 43 -11.93 14.08 6.74
N VAL B 44 -12.74 13.10 7.12
CA VAL B 44 -14.12 13.03 6.66
C VAL B 44 -14.98 13.96 7.50
N LYS B 45 -15.88 14.69 6.84
CA LYS B 45 -16.75 15.66 7.50
C LYS B 45 -18.17 15.13 7.70
N ARG B 46 -18.75 14.51 6.68
CA ARG B 46 -20.08 13.93 6.76
C ARG B 46 -19.99 12.44 6.45
N ILE B 47 -20.69 11.63 7.24
CA ILE B 47 -20.62 10.19 7.14
C ILE B 47 -22.02 9.63 6.93
N SER B 48 -22.21 8.86 5.87
CA SER B 48 -23.49 8.24 5.60
C SER B 48 -23.77 7.13 6.62
N GLY B 49 -25.05 6.83 6.81
CA GLY B 49 -25.43 5.86 7.82
C GLY B 49 -25.03 4.43 7.49
N LEU B 50 -24.84 4.11 6.22
CA LEU B 50 -24.45 2.77 5.80
C LEU B 50 -22.96 2.55 5.80
N ILE B 51 -22.17 3.57 6.17
CA ILE B 51 -20.72 3.46 6.13
C ILE B 51 -20.22 2.50 7.21
N TYR B 52 -20.94 2.39 8.32
CA TYR B 52 -20.40 1.67 9.48
C TYR B 52 -20.34 0.17 9.26
N GLU B 53 -21.37 -0.41 8.64
CA GLU B 53 -21.35 -1.84 8.36
C GLU B 53 -20.29 -2.19 7.31
N GLU B 54 -20.14 -1.35 6.29
CA GLU B 54 -19.10 -1.55 5.29
C GLU B 54 -17.72 -1.46 5.91
N THR B 55 -17.53 -0.51 6.82
CA THR B 55 -16.24 -0.38 7.49
C THR B 55 -15.95 -1.58 8.38
N ARG B 56 -16.98 -2.10 9.05
CA ARG B 56 -16.80 -3.31 9.85
C ARG B 56 -16.41 -4.50 9.00
N GLY B 57 -17.05 -4.65 7.83
CA GLY B 57 -16.69 -5.75 6.93
C GLY B 57 -15.27 -5.61 6.39
N VAL B 58 -14.87 -4.38 6.04
CA VAL B 58 -13.53 -4.14 5.52
C VAL B 58 -12.49 -4.43 6.60
N LEU B 59 -12.74 -3.98 7.75
CA LEU B 59 -11.89 -4.21 8.81
C LEU B 59 -11.82 -5.57 9.15
N LYS B 60 -12.79 -6.36 9.00
CA LYS B 60 -12.73 -7.71 9.30
C LYS B 60 -12.00 -8.39 8.35
N VAL B 61 -12.16 -8.19 7.13
CA VAL B 61 -11.40 -8.85 6.06
C VAL B 61 -9.91 -8.60 6.24
N PHE B 62 -9.54 -7.35 6.54
CA PHE B 62 -8.13 -7.00 6.75
C PHE B 62 -7.55 -7.75 7.95
N LEU B 63 -8.31 -7.82 9.05
CA LEU B 63 -7.86 -8.52 10.23
C LEU B 63 -7.72 -10.01 10.00
N GLU B 64 -8.65 -10.60 9.23
CA GLU B 64 -8.54 -12.01 8.90
C GLU B 64 -7.30 -12.31 8.07
N ASN B 65 -7.03 -11.45 7.08
CA ASN B 65 -5.86 -11.64 6.22
C ASN B 65 -4.56 -11.52 7.01
N VAL B 66 -4.48 -10.55 7.93
CA VAL B 66 -3.26 -10.41 8.71
C VAL B 66 -3.12 -11.55 9.71
N ILE B 67 -4.21 -11.91 10.39
CA ILE B 67 -4.14 -12.89 11.47
C ILE B 67 -3.87 -14.29 10.94
N ARG B 68 -4.33 -14.61 9.73
CA ARG B 68 -4.01 -15.91 9.14
C ARG B 68 -2.51 -16.05 8.91
N ASP B 69 -1.87 -15.01 8.38
CA ASP B 69 -0.42 -15.05 8.18
C ASP B 69 0.32 -15.09 9.50
N ALA B 70 -0.15 -14.32 10.50
CA ALA B 70 0.49 -14.33 11.81
C ALA B 70 0.38 -15.70 12.48
N VAL B 71 -0.78 -16.35 12.36
CA VAL B 71 -0.96 -17.67 12.93
C VAL B 71 -0.12 -18.70 12.19
N THR B 72 0.04 -18.53 10.88
CA THR B 72 0.90 -19.44 10.11
C THR B 72 2.36 -19.30 10.55
N TYR B 73 2.81 -18.07 10.77
CA TYR B 73 4.17 -17.85 11.27
C TYR B 73 4.33 -18.44 12.67
N THR B 74 3.32 -18.29 13.52
CA THR B 74 3.40 -18.87 14.86
C THR B 74 3.42 -20.39 14.82
N GLU B 75 2.62 -20.99 13.93
CA GLU B 75 2.56 -22.44 13.82
C GLU B 75 3.84 -23.02 13.27
N HIS B 76 4.50 -22.29 12.34
CA HIS B 76 5.76 -22.79 11.80
C HIS B 76 6.85 -22.82 12.85
N ALA B 77 6.79 -21.89 13.81
CA ALA B 77 7.78 -21.86 14.89
C ALA B 77 7.48 -22.87 15.99
N LYS B 78 6.38 -23.62 15.88
CA LYS B 78 5.94 -24.57 16.88
C LYS B 78 5.58 -23.91 18.20
N ARG B 79 5.18 -22.65 18.15
CA ARG B 79 4.76 -21.91 19.33
C ARG B 79 3.25 -21.89 19.42
N LYS B 80 2.75 -21.61 20.62
CA LYS B 80 1.32 -21.48 20.85
C LYS B 80 0.91 -20.05 21.13
N THR B 81 1.85 -19.12 21.18
CA THR B 81 1.59 -17.72 21.47
C THR B 81 1.94 -16.89 20.24
N VAL B 82 1.04 -16.00 19.85
CA VAL B 82 1.30 -15.07 18.75
C VAL B 82 2.08 -13.89 19.30
N THR B 83 3.29 -13.70 18.81
CA THR B 83 4.14 -12.61 19.25
C THR B 83 4.00 -11.41 18.32
N ALA B 84 4.52 -10.28 18.77
CA ALA B 84 4.48 -9.07 17.94
C ALA B 84 5.35 -9.21 16.71
N MET B 85 6.41 -10.02 16.79
CA MET B 85 7.24 -10.29 15.62
C MET B 85 6.46 -11.00 14.53
N ASP B 86 5.60 -11.95 14.90
CA ASP B 86 4.78 -12.66 13.92
C ASP B 86 3.82 -11.71 13.20
N VAL B 87 3.20 -10.80 13.95
CA VAL B 87 2.33 -9.81 13.34
C VAL B 87 3.12 -8.88 12.44
N VAL B 88 4.36 -8.55 12.83
CA VAL B 88 5.18 -7.66 12.03
C VAL B 88 5.58 -8.32 10.70
N TYR B 89 5.95 -9.61 10.75
CA TYR B 89 6.29 -10.30 9.51
C TYR B 89 5.06 -10.49 8.63
N ALA B 90 3.90 -10.77 9.23
CA ALA B 90 2.68 -10.91 8.46
C ALA B 90 2.29 -9.59 7.80
N LEU B 91 2.45 -8.47 8.50
CA LEU B 91 2.18 -7.17 7.89
C LEU B 91 3.18 -6.85 6.79
N LYS B 92 4.47 -7.17 7.01
CA LYS B 92 5.49 -6.85 6.02
C LYS B 92 5.31 -7.68 4.76
N ARG B 93 4.68 -8.77 4.85
CA ARG B 93 4.50 -9.57 3.72
C ARG B 93 3.36 -9.26 2.97
N GLN B 94 2.55 -8.42 3.43
CA GLN B 94 1.43 -7.86 2.69
C GLN B 94 1.72 -6.46 2.18
N GLY B 95 2.97 -6.02 2.22
CA GLY B 95 3.31 -4.68 1.80
C GLY B 95 2.78 -3.60 2.72
N ARG B 96 2.70 -3.87 4.02
CA ARG B 96 2.20 -2.95 5.02
C ARG B 96 3.13 -2.91 6.22
N THR B 97 4.41 -2.67 5.95
CA THR B 97 5.47 -2.66 6.95
C THR B 97 5.19 -1.69 8.09
N LEU B 98 5.41 -2.17 9.31
CA LEU B 98 5.09 -1.42 10.53
C LEU B 98 6.37 -1.18 11.32
N TYR B 99 6.54 0.04 11.79
CA TYR B 99 7.72 0.43 12.56
C TYR B 99 7.34 0.61 14.02
N GLY B 100 8.21 0.14 14.92
CA GLY B 100 8.03 0.37 16.33
C GLY B 100 7.70 -0.84 17.16
N PHE B 101 7.77 -2.06 16.61
CA PHE B 101 7.44 -3.26 17.36
C PHE B 101 8.51 -4.34 17.19
N GLY B 102 9.77 -3.95 17.03
CA GLY B 102 10.85 -4.91 16.91
C GLY B 102 11.28 -5.14 15.47
N ALA C 13 25.13 -50.02 -8.99
CA ALA C 13 25.23 -48.63 -9.32
C ALA C 13 24.38 -48.44 -10.53
N LYS C 14 23.43 -47.48 -10.55
CA LYS C 14 22.57 -47.19 -11.74
C LYS C 14 21.84 -45.85 -12.26
N ALA C 15 20.58 -45.99 -12.31
CA ALA C 15 19.56 -45.16 -12.94
C ALA C 15 18.70 -44.46 -11.88
N LYS C 16 17.47 -44.11 -12.27
CA LYS C 16 16.49 -43.52 -11.36
C LYS C 16 16.91 -42.15 -10.86
N SER C 17 16.92 -41.17 -11.76
CA SER C 17 17.04 -39.77 -11.37
C SER C 17 15.96 -39.37 -10.38
N ARG C 18 16.22 -38.30 -9.64
CA ARG C 18 15.39 -37.94 -8.49
C ARG C 18 13.98 -37.52 -8.91
N SER C 19 13.81 -37.03 -10.14
CA SER C 19 12.47 -36.68 -10.60
C SER C 19 11.62 -37.93 -10.78
N SER C 20 12.19 -38.98 -11.37
CA SER C 20 11.43 -40.21 -11.60
C SER C 20 11.16 -40.93 -10.28
N ARG C 21 12.09 -40.82 -9.33
CA ARG C 21 11.90 -41.49 -8.05
C ARG C 21 10.75 -40.88 -7.26
N ALA C 22 10.49 -39.60 -7.45
CA ALA C 22 9.36 -38.93 -6.81
C ALA C 22 8.10 -38.92 -7.66
N GLY C 23 8.15 -39.53 -8.83
CA GLY C 23 6.99 -39.52 -9.72
C GLY C 23 6.66 -38.13 -10.26
N LEU C 24 7.68 -37.37 -10.63
CA LEU C 24 7.51 -36.00 -11.09
C LEU C 24 8.00 -35.85 -12.52
N GLN C 25 7.60 -34.74 -13.14
CA GLN C 25 8.10 -34.35 -14.45
C GLN C 25 9.13 -33.23 -14.38
N PHE C 26 8.99 -32.31 -13.43
CA PHE C 26 9.95 -31.23 -13.27
C PHE C 26 11.26 -31.77 -12.68
N PRO C 27 12.37 -31.09 -12.94
CA PRO C 27 13.68 -31.62 -12.55
C PRO C 27 13.97 -31.34 -11.08
N VAL C 28 14.00 -32.40 -10.28
CA VAL C 28 14.32 -32.25 -8.87
C VAL C 28 15.78 -31.86 -8.69
N GLY C 29 16.66 -32.42 -9.52
CA GLY C 29 18.08 -32.12 -9.39
C GLY C 29 18.42 -30.67 -9.72
N ARG C 30 17.80 -30.13 -10.78
CA ARG C 30 18.04 -28.74 -11.13
C ARG C 30 17.46 -27.80 -10.09
N VAL C 31 16.31 -28.16 -9.51
CA VAL C 31 15.72 -27.35 -8.45
C VAL C 31 16.61 -27.37 -7.21
N HIS C 32 17.19 -28.52 -6.90
CA HIS C 32 18.11 -28.62 -5.76
C HIS C 32 19.36 -27.79 -6.00
N ARG C 33 19.91 -27.83 -7.22
CA ARG C 33 21.09 -27.03 -7.52
C ARG C 33 20.78 -25.54 -7.48
N LEU C 34 19.62 -25.14 -7.97
CA LEU C 34 19.23 -23.73 -7.92
C LEU C 34 19.01 -23.27 -6.49
N LEU C 35 18.46 -24.14 -5.64
CA LEU C 35 18.32 -23.80 -4.23
C LEU C 35 19.69 -23.68 -3.56
N ARG C 36 20.62 -24.57 -3.91
CA ARG C 36 21.96 -24.52 -3.32
C ARG C 36 22.71 -23.26 -3.74
N LYS C 37 22.61 -22.88 -5.01
CA LYS C 37 23.36 -21.75 -5.54
C LYS C 37 22.58 -20.43 -5.48
N GLY C 38 21.35 -20.45 -4.98
CA GLY C 38 20.54 -19.25 -4.99
C GLY C 38 20.69 -18.33 -3.80
N ASN C 39 21.58 -18.67 -2.85
CA ASN C 39 21.81 -17.85 -1.67
C ASN C 39 20.56 -17.74 -0.81
N TYR C 40 19.94 -18.89 -0.54
CA TYR C 40 18.72 -18.94 0.26
C TYR C 40 18.95 -19.46 1.66
N ALA C 41 19.86 -20.40 1.84
CA ALA C 41 20.16 -20.92 3.16
C ALA C 41 21.51 -21.62 3.11
N GLU C 42 22.09 -21.83 4.29
CA GLU C 42 23.37 -22.52 4.37
C GLU C 42 23.26 -23.99 4.01
N ARG C 43 22.10 -24.60 4.24
CA ARG C 43 21.90 -26.01 3.95
C ARG C 43 20.52 -26.19 3.32
N VAL C 44 20.37 -27.25 2.55
CA VAL C 44 19.12 -27.59 1.89
C VAL C 44 18.85 -29.06 2.12
N GLY C 45 17.82 -29.38 2.90
CA GLY C 45 17.45 -30.76 3.10
C GLY C 45 16.93 -31.39 1.82
N ALA C 46 17.02 -32.71 1.74
CA ALA C 46 16.63 -33.39 0.51
C ALA C 46 15.16 -33.79 0.53
N GLY C 47 14.29 -32.88 0.94
CA GLY C 47 12.87 -33.00 0.69
C GLY C 47 12.37 -31.69 0.13
N ALA C 48 13.14 -30.64 0.37
CA ALA C 48 12.81 -29.31 -0.12
C ALA C 48 12.77 -29.23 -1.64
N PRO C 49 13.78 -29.70 -2.39
CA PRO C 49 13.67 -29.70 -3.85
C PRO C 49 12.53 -30.54 -4.39
N VAL C 50 12.21 -31.66 -3.74
CA VAL C 50 11.11 -32.51 -4.19
C VAL C 50 9.78 -31.80 -3.99
N TYR C 51 9.59 -31.18 -2.82
CA TYR C 51 8.37 -30.44 -2.53
C TYR C 51 8.21 -29.24 -3.45
N MET C 52 9.21 -28.54 -3.70
CA MET C 52 9.20 -27.50 -4.54
C MET C 52 8.99 -27.84 -5.85
N ALA C 53 9.61 -28.78 -6.46
CA ALA C 53 9.37 -29.23 -7.81
C ALA C 53 7.95 -29.72 -8.00
N ALA C 54 7.41 -30.41 -6.99
CA ALA C 54 6.02 -30.84 -7.06
C ALA C 54 5.05 -29.66 -7.09
N VAL C 55 5.32 -28.62 -6.29
CA VAL C 55 4.47 -27.44 -6.29
C VAL C 55 4.54 -26.71 -7.63
N LEU C 56 5.75 -26.58 -8.17
CA LEU C 56 5.92 -25.91 -9.47
C LEU C 56 5.24 -26.70 -10.58
N GLU C 57 5.36 -28.03 -10.55
CA GLU C 57 4.70 -28.86 -11.55
C GLU C 57 3.19 -28.78 -11.44
N TYR C 58 2.67 -28.71 -10.21
CA TYR C 58 1.22 -28.59 -10.03
C TYR C 58 0.71 -27.27 -10.57
N LEU C 59 1.40 -26.17 -10.26
CA LEU C 59 0.98 -24.85 -10.75
C LEU C 59 1.07 -24.78 -12.28
N THR C 60 2.14 -25.33 -12.84
CA THR C 60 2.30 -25.36 -14.29
C THR C 60 1.21 -26.19 -14.95
N ALA C 61 0.88 -27.35 -14.38
CA ALA C 61 -0.15 -28.20 -14.95
C ALA C 61 -1.53 -27.54 -14.87
N GLU C 62 -1.80 -26.85 -13.76
CA GLU C 62 -3.08 -26.17 -13.60
C GLU C 62 -3.25 -25.05 -14.62
N ILE C 63 -2.23 -24.20 -14.75
CA ILE C 63 -2.29 -23.09 -15.71
C ILE C 63 -2.33 -23.61 -17.13
N LEU C 64 -1.56 -24.67 -17.43
CA LEU C 64 -1.52 -25.22 -18.77
C LEU C 64 -2.85 -25.86 -19.15
N GLU C 65 -3.50 -26.55 -18.22
CA GLU C 65 -4.77 -27.18 -18.54
C GLU C 65 -5.88 -26.15 -18.69
N LEU C 66 -5.86 -25.09 -17.87
CA LEU C 66 -6.84 -24.02 -18.05
C LEU C 66 -6.64 -23.30 -19.38
N ALA C 67 -5.38 -23.03 -19.75
CA ALA C 67 -5.11 -22.40 -21.04
C ALA C 67 -5.47 -23.32 -22.20
N GLY C 68 -5.28 -24.63 -22.03
CA GLY C 68 -5.69 -25.56 -23.06
C GLY C 68 -7.20 -25.62 -23.23
N ASN C 69 -7.94 -25.53 -22.12
CA ASN C 69 -9.40 -25.44 -22.22
C ASN C 69 -9.83 -24.15 -22.91
N ALA C 70 -9.16 -23.04 -22.59
CA ALA C 70 -9.48 -21.78 -23.24
C ALA C 70 -9.18 -21.83 -24.74
N ALA C 71 -8.10 -22.51 -25.12
CA ALA C 71 -7.78 -22.66 -26.54
C ALA C 71 -8.75 -23.61 -27.22
N ARG C 72 -9.19 -24.65 -26.52
CA ARG C 72 -10.15 -25.59 -27.09
C ARG C 72 -11.50 -24.93 -27.31
N ASP C 73 -11.87 -24.00 -26.45
CA ASP C 73 -13.06 -23.19 -26.71
C ASP C 73 -12.76 -21.93 -27.52
N ASN C 74 -11.96 -22.09 -28.57
CA ASN C 74 -11.73 -21.06 -29.58
C ASN C 74 -11.56 -21.67 -30.96
N LYS C 75 -11.74 -22.99 -31.11
CA LYS C 75 -11.42 -23.71 -32.34
C LYS C 75 -9.95 -23.57 -32.71
N LYS C 76 -9.08 -23.55 -31.71
CA LYS C 76 -7.64 -23.50 -31.91
C LYS C 76 -6.97 -24.65 -31.17
N THR C 77 -5.86 -25.12 -31.72
CA THR C 77 -5.13 -26.26 -31.16
C THR C 77 -3.70 -25.86 -30.80
N ARG C 78 -3.51 -24.63 -30.34
CA ARG C 78 -2.19 -24.18 -29.92
C ARG C 78 -2.37 -23.09 -28.89
N ILE C 79 -1.69 -23.21 -27.75
CA ILE C 79 -1.78 -22.23 -26.69
C ILE C 79 -0.90 -21.03 -27.03
N ILE C 80 -1.50 -19.85 -27.03
CA ILE C 80 -0.77 -18.60 -27.25
C ILE C 80 -0.83 -17.81 -25.95
N PRO C 81 -0.16 -16.66 -25.84
CA PRO C 81 -0.25 -15.87 -24.60
C PRO C 81 -1.65 -15.35 -24.28
N ARG C 82 -2.50 -15.19 -25.29
CA ARG C 82 -3.88 -14.78 -25.05
C ARG C 82 -4.63 -15.82 -24.24
N HIS C 83 -4.40 -17.10 -24.52
CA HIS C 83 -5.07 -18.16 -23.76
C HIS C 83 -4.58 -18.22 -22.33
N LEU C 84 -3.28 -17.99 -22.11
CA LEU C 84 -2.76 -17.92 -20.76
C LEU C 84 -3.34 -16.75 -19.99
N GLN C 85 -3.48 -15.59 -20.65
CA GLN C 85 -4.08 -14.43 -20.00
C GLN C 85 -5.55 -14.68 -19.68
N LEU C 86 -6.27 -15.34 -20.59
CA LEU C 86 -7.68 -15.66 -20.33
C LEU C 86 -7.83 -16.64 -19.18
N ALA C 87 -6.93 -17.63 -19.09
CA ALA C 87 -6.99 -18.59 -17.99
C ALA C 87 -6.66 -17.91 -16.66
N ILE C 88 -5.66 -17.03 -16.65
CA ILE C 88 -5.24 -16.41 -15.39
C ILE C 88 -6.28 -15.39 -14.91
N ARG C 89 -6.72 -14.51 -15.80
CA ARG C 89 -7.61 -13.42 -15.38
C ARG C 89 -9.02 -13.90 -15.07
N ASN C 90 -9.39 -15.11 -15.45
CA ASN C 90 -10.71 -15.65 -15.18
C ASN C 90 -10.79 -16.41 -13.87
N ASP C 91 -9.71 -16.46 -13.10
CA ASP C 91 -9.64 -17.20 -11.85
C ASP C 91 -9.38 -16.25 -10.70
N GLU C 92 -10.16 -16.40 -9.62
CA GLU C 92 -9.91 -15.63 -8.40
C GLU C 92 -8.55 -15.96 -7.81
N GLU C 93 -8.17 -17.23 -7.79
CA GLU C 93 -6.93 -17.61 -7.12
C GLU C 93 -5.71 -17.18 -7.91
N LEU C 94 -5.81 -17.43 -9.14
CA LEU C 94 -4.83 -17.21 -10.05
C LEU C 94 -4.73 -15.84 -10.31
N ASN C 95 -5.71 -15.02 -10.32
CA ASN C 95 -5.56 -13.68 -10.53
C ASN C 95 -5.02 -13.06 -9.38
N LYS C 96 -5.03 -13.63 -8.26
CA LYS C 96 -4.58 -13.01 -7.11
C LYS C 96 -3.24 -13.38 -6.97
N LEU C 97 -2.78 -14.48 -7.45
CA LEU C 97 -1.41 -14.81 -7.41
C LEU C 97 -0.68 -14.11 -8.34
N LEU C 98 -1.08 -13.98 -9.54
CA LEU C 98 -0.39 -13.21 -10.58
C LEU C 98 -1.05 -11.86 -10.80
N GLY C 99 -1.50 -11.23 -9.72
CA GLY C 99 -2.22 -9.97 -9.82
C GLY C 99 -1.36 -8.78 -10.21
N LYS C 100 -0.06 -8.85 -9.95
CA LYS C 100 0.87 -7.77 -10.29
C LYS C 100 1.74 -8.12 -11.50
N VAL C 101 1.31 -9.08 -12.31
CA VAL C 101 2.09 -9.61 -13.42
C VAL C 101 1.46 -9.17 -14.72
N THR C 102 2.29 -8.69 -15.65
CA THR C 102 1.86 -8.34 -16.99
C THR C 102 2.34 -9.43 -17.95
N ILE C 103 1.41 -10.00 -18.70
CA ILE C 103 1.72 -11.06 -19.66
C ILE C 103 1.85 -10.41 -21.04
N ALA C 104 3.01 -10.59 -21.66
CA ALA C 104 3.26 -10.00 -22.97
C ALA C 104 2.37 -10.62 -24.02
N GLN C 105 1.72 -9.76 -24.82
CA GLN C 105 0.80 -10.18 -25.88
C GLN C 105 -0.41 -10.92 -25.32
N GLY C 106 -0.82 -10.62 -24.10
CA GLY C 106 -1.95 -11.28 -23.50
C GLY C 106 -3.26 -10.54 -23.66
N GLY C 107 -3.19 -9.24 -23.92
CA GLY C 107 -4.40 -8.47 -24.04
C GLY C 107 -5.08 -8.29 -22.69
N VAL C 108 -6.38 -8.02 -22.75
CA VAL C 108 -7.20 -7.82 -21.57
C VAL C 108 -8.46 -8.67 -21.68
N LEU C 109 -9.10 -8.87 -20.55
CA LEU C 109 -10.38 -9.56 -20.52
C LEU C 109 -11.45 -8.68 -21.14
N PRO C 110 -12.32 -9.22 -22.00
CA PRO C 110 -13.44 -8.42 -22.53
C PRO C 110 -14.41 -8.02 -21.44
N ASN C 111 -14.48 -6.73 -21.14
CA ASN C 111 -15.31 -6.25 -20.03
C ASN C 111 -15.74 -4.82 -20.30
N ILE C 112 -17.03 -4.64 -20.52
CA ILE C 112 -17.63 -3.32 -20.71
C ILE C 112 -18.53 -3.02 -19.52
N GLN C 113 -18.44 -1.80 -18.99
CA GLN C 113 -19.27 -1.42 -17.86
C GLN C 113 -20.74 -1.41 -18.25
N ALA C 114 -21.60 -1.75 -17.28
CA ALA C 114 -23.02 -1.92 -17.57
C ALA C 114 -23.68 -0.60 -17.94
N VAL C 115 -23.27 0.49 -17.29
CA VAL C 115 -23.83 1.80 -17.60
C VAL C 115 -23.44 2.25 -19.00
N LEU C 116 -22.27 1.83 -19.48
CA LEU C 116 -21.81 2.26 -20.80
C LEU C 116 -22.64 1.67 -21.93
N LEU C 117 -23.30 0.54 -21.68
CA LEU C 117 -24.10 -0.09 -22.73
C LEU C 117 -25.32 0.76 -23.05
N PRO C 118 -25.81 0.70 -24.28
CA PRO C 118 -26.92 1.57 -24.69
C PRO C 118 -28.28 0.97 -24.43
N LYS C 119 -29.19 1.84 -24.00
CA LYS C 119 -30.58 1.47 -23.78
C LYS C 119 -31.44 2.71 -23.51
N ARG D 30 35.82 -23.27 -30.69
CA ARG D 30 35.51 -21.84 -30.57
C ARG D 30 34.88 -21.54 -29.22
N LYS D 31 33.83 -20.71 -29.24
CA LYS D 31 33.11 -20.37 -28.03
C LYS D 31 31.93 -21.33 -27.86
N ARG D 32 31.08 -21.06 -26.87
CA ARG D 32 29.92 -21.91 -26.59
C ARG D 32 28.71 -21.04 -26.31
N SER D 33 27.54 -21.63 -26.53
CA SER D 33 26.27 -20.95 -26.23
C SER D 33 25.30 -22.01 -25.73
N ARG D 34 25.01 -21.98 -24.42
CA ARG D 34 24.13 -22.98 -23.82
C ARG D 34 23.28 -22.29 -22.76
N LYS D 35 22.01 -22.07 -23.07
CA LYS D 35 21.06 -21.55 -22.10
C LYS D 35 20.24 -22.71 -21.53
N GLU D 36 19.58 -22.47 -20.40
CA GLU D 36 18.80 -23.52 -19.76
C GLU D 36 17.48 -22.92 -19.29
N SER D 37 16.41 -23.70 -19.40
CA SER D 37 15.07 -23.23 -19.09
C SER D 37 14.21 -24.42 -18.71
N TYR D 38 12.92 -24.16 -18.49
CA TYR D 38 11.97 -25.20 -18.12
C TYR D 38 11.10 -25.65 -19.29
N SER D 39 11.46 -25.26 -20.51
CA SER D 39 10.61 -25.54 -21.66
C SER D 39 10.49 -27.02 -21.98
N ILE D 40 11.48 -27.83 -21.61
CA ILE D 40 11.40 -29.27 -21.84
C ILE D 40 10.36 -29.92 -20.93
N TYR D 41 10.28 -29.49 -19.68
CA TYR D 41 9.36 -30.09 -18.72
C TYR D 41 7.97 -29.48 -18.81
N VAL D 42 7.87 -28.22 -19.23
CA VAL D 42 6.57 -27.61 -19.49
C VAL D 42 5.88 -28.33 -20.63
N TYR D 43 6.64 -28.74 -21.64
CA TYR D 43 6.07 -29.51 -22.74
C TYR D 43 5.61 -30.88 -22.27
N LYS D 44 6.36 -31.49 -21.34
CA LYS D 44 5.97 -32.78 -20.79
C LYS D 44 4.67 -32.68 -20.01
N VAL D 45 4.53 -31.62 -19.20
CA VAL D 45 3.30 -31.42 -18.45
C VAL D 45 2.13 -31.11 -19.39
N LEU D 46 2.40 -30.36 -20.47
CA LEU D 46 1.36 -30.05 -21.43
C LEU D 46 0.87 -31.30 -22.15
N LYS D 47 1.80 -32.18 -22.53
CA LYS D 47 1.40 -33.45 -23.12
C LYS D 47 0.67 -34.33 -22.11
N GLN D 48 1.02 -34.21 -20.84
CA GLN D 48 0.31 -34.96 -19.81
C GLN D 48 -1.14 -34.50 -19.67
N VAL D 49 -1.38 -33.20 -19.67
CA VAL D 49 -2.73 -32.70 -19.44
C VAL D 49 -3.51 -32.53 -20.74
N HIS D 50 -2.86 -32.07 -21.81
CA HIS D 50 -3.49 -31.86 -23.11
C HIS D 50 -2.64 -32.56 -24.16
N PRO D 51 -2.94 -33.83 -24.46
CA PRO D 51 -2.08 -34.58 -25.40
C PRO D 51 -2.10 -34.04 -26.81
N ASP D 52 -3.26 -33.70 -27.35
CA ASP D 52 -3.37 -33.15 -28.69
C ASP D 52 -3.51 -31.63 -28.59
N THR D 53 -2.40 -30.98 -28.26
CA THR D 53 -2.36 -29.52 -28.14
C THR D 53 -0.92 -29.08 -28.05
N GLY D 54 -0.54 -28.12 -28.88
CA GLY D 54 0.78 -27.55 -28.87
C GLY D 54 0.85 -26.28 -28.07
N ILE D 55 1.97 -25.57 -28.20
CA ILE D 55 2.16 -24.31 -27.51
C ILE D 55 3.12 -23.44 -28.31
N SER D 56 2.80 -22.15 -28.42
CA SER D 56 3.67 -21.25 -29.16
C SER D 56 4.92 -20.94 -28.35
N SER D 57 5.91 -20.36 -29.04
CA SER D 57 7.17 -20.03 -28.38
C SER D 57 6.98 -18.90 -27.37
N LYS D 58 6.10 -17.95 -27.68
CA LYS D 58 5.81 -16.87 -26.74
C LYS D 58 5.13 -17.40 -25.48
N ALA D 59 4.21 -18.36 -25.65
CA ALA D 59 3.59 -19.00 -24.50
C ALA D 59 4.60 -19.78 -23.69
N MET D 60 5.57 -20.40 -24.36
CA MET D 60 6.63 -21.11 -23.64
C MET D 60 7.50 -20.14 -22.84
N GLY D 61 7.80 -18.97 -23.41
CA GLY D 61 8.54 -17.97 -22.65
C GLY D 61 7.76 -17.44 -21.47
N ILE D 62 6.45 -17.28 -21.63
CA ILE D 62 5.59 -16.87 -20.53
C ILE D 62 5.60 -17.91 -19.42
N MET D 63 5.51 -19.18 -19.79
CA MET D 63 5.52 -20.25 -18.80
C MET D 63 6.86 -20.35 -18.09
N ASN D 64 7.96 -20.11 -18.82
CA ASN D 64 9.29 -20.10 -18.21
C ASN D 64 9.42 -18.98 -17.20
N SER D 65 8.95 -17.77 -17.56
CA SER D 65 8.99 -16.65 -16.63
C SER D 65 8.11 -16.91 -15.42
N PHE D 66 6.96 -17.57 -15.63
CA PHE D 66 6.07 -17.90 -14.52
C PHE D 66 6.72 -18.86 -13.55
N VAL D 67 7.36 -19.91 -14.08
CA VAL D 67 8.00 -20.91 -13.23
C VAL D 67 9.16 -20.29 -12.46
N ASN D 68 9.95 -19.44 -13.13
CA ASN D 68 11.06 -18.76 -12.45
C ASN D 68 10.56 -17.82 -11.36
N ASP D 69 9.48 -17.07 -11.63
CA ASP D 69 8.95 -16.13 -10.66
C ASP D 69 8.40 -16.85 -9.43
N ILE D 70 7.67 -17.95 -9.66
CA ILE D 70 7.12 -18.70 -8.54
C ILE D 70 8.23 -19.36 -7.73
N PHE D 71 9.28 -19.83 -8.42
CA PHE D 71 10.43 -20.40 -7.72
C PHE D 71 11.10 -19.37 -6.82
N GLU D 72 11.37 -18.17 -7.35
CA GLU D 72 12.01 -17.13 -6.54
C GLU D 72 11.11 -16.69 -5.38
N ARG D 73 9.80 -16.63 -5.59
CA ARG D 73 8.88 -16.26 -4.52
C ARG D 73 8.90 -17.28 -3.39
N ILE D 74 8.75 -18.56 -3.73
CA ILE D 74 8.69 -19.60 -2.70
C ILE D 74 10.04 -19.75 -2.01
N ALA D 75 11.14 -19.67 -2.77
CA ALA D 75 12.47 -19.78 -2.17
C ALA D 75 12.77 -18.61 -1.27
N GLY D 76 12.35 -17.40 -1.65
CA GLY D 76 12.56 -16.25 -0.78
C GLY D 76 11.77 -16.34 0.51
N GLU D 77 10.50 -16.78 0.42
CA GLU D 77 9.71 -16.96 1.63
C GLU D 77 10.29 -18.05 2.53
N ALA D 78 10.76 -19.15 1.94
CA ALA D 78 11.36 -20.22 2.74
C ALA D 78 12.66 -19.77 3.38
N SER D 79 13.46 -18.97 2.67
CA SER D 79 14.69 -18.43 3.24
C SER D 79 14.39 -17.49 4.40
N ARG D 80 13.37 -16.64 4.24
CA ARG D 80 12.97 -15.77 5.33
C ARG D 80 12.45 -16.55 6.53
N LEU D 81 11.69 -17.62 6.28
CA LEU D 81 11.17 -18.45 7.36
C LEU D 81 12.29 -19.15 8.11
N ALA D 82 13.31 -19.64 7.39
CA ALA D 82 14.45 -20.25 8.06
C ALA D 82 15.24 -19.21 8.85
N HIS D 83 15.38 -17.99 8.31
CA HIS D 83 16.14 -16.97 9.02
C HIS D 83 15.43 -16.49 10.28
N TYR D 84 14.10 -16.41 10.24
CA TYR D 84 13.35 -15.94 11.40
C TYR D 84 13.47 -16.90 12.58
N ASN D 85 13.60 -18.20 12.30
CA ASN D 85 13.63 -19.23 13.33
C ASN D 85 15.04 -19.63 13.73
N LYS D 86 16.05 -18.88 13.27
CA LYS D 86 17.45 -19.13 13.62
C LYS D 86 17.91 -20.50 13.14
N ARG D 87 17.43 -20.91 11.97
CA ARG D 87 17.80 -22.20 11.40
C ARG D 87 18.61 -21.99 10.13
N SER D 88 19.49 -22.94 9.86
CA SER D 88 20.43 -22.84 8.76
C SER D 88 20.17 -23.88 7.69
N THR D 89 18.93 -24.34 7.57
CA THR D 89 18.58 -25.34 6.57
C THR D 89 17.15 -25.13 6.13
N ILE D 90 16.92 -25.24 4.83
CA ILE D 90 15.59 -25.12 4.25
C ILE D 90 15.09 -26.53 4.00
N THR D 91 14.09 -26.95 4.75
CA THR D 91 13.51 -28.28 4.64
C THR D 91 12.18 -28.22 3.90
N SER D 92 11.52 -29.37 3.81
CA SER D 92 10.20 -29.41 3.19
C SER D 92 9.15 -28.74 4.07
N ARG D 93 9.49 -28.59 5.28
CA ARG D 93 8.65 -27.98 6.18
C ARG D 93 8.64 -26.54 6.04
N GLU D 94 9.68 -25.86 5.69
CA GLU D 94 9.77 -24.46 5.32
C GLU D 94 9.11 -24.20 3.97
N ILE D 95 9.29 -25.12 3.03
CA ILE D 95 8.68 -24.97 1.71
C ILE D 95 7.17 -25.07 1.82
N GLN D 96 6.67 -25.95 2.68
CA GLN D 96 5.23 -26.10 2.87
C GLN D 96 4.64 -24.84 3.51
N THR D 97 5.32 -24.28 4.51
CA THR D 97 4.83 -23.05 5.12
C THR D 97 4.89 -21.88 4.15
N ALA D 98 5.93 -21.82 3.32
CA ALA D 98 6.02 -20.77 2.30
C ALA D 98 4.92 -20.90 1.26
N VAL D 99 4.59 -22.15 0.88
CA VAL D 99 3.50 -22.37 -0.06
C VAL D 99 2.17 -21.96 0.55
N ARG D 100 2.00 -22.21 1.85
CA ARG D 100 0.77 -21.81 2.52
C ARG D 100 0.67 -20.28 2.62
N LEU D 101 1.81 -19.61 2.82
CA LEU D 101 1.79 -18.15 2.90
C LEU D 101 1.54 -17.52 1.53
N LEU D 102 2.23 -18.00 0.50
CA LEU D 102 2.18 -17.35 -0.81
C LEU D 102 0.86 -17.64 -1.52
N LEU D 103 0.56 -18.91 -1.74
CA LEU D 103 -0.58 -19.26 -2.58
C LEU D 103 -1.90 -18.98 -1.86
N PRO D 104 -2.94 -18.61 -2.61
CA PRO D 104 -4.28 -18.48 -2.01
C PRO D 104 -4.87 -19.83 -1.64
N GLY D 105 -6.12 -19.84 -1.17
CA GLY D 105 -6.65 -20.93 -0.37
C GLY D 105 -6.66 -22.34 -0.95
N GLU D 106 -7.52 -22.60 -1.92
CA GLU D 106 -7.61 -23.95 -2.48
C GLU D 106 -6.37 -24.26 -3.31
N LEU D 107 -5.77 -23.22 -3.90
CA LEU D 107 -4.49 -23.38 -4.59
C LEU D 107 -3.41 -23.87 -3.63
N ALA D 108 -3.31 -23.24 -2.46
CA ALA D 108 -2.32 -23.66 -1.48
C ALA D 108 -2.62 -25.05 -0.95
N LYS D 109 -3.91 -25.38 -0.79
CA LYS D 109 -4.28 -26.70 -0.31
C LYS D 109 -3.87 -27.80 -1.28
N HIS D 110 -4.18 -27.62 -2.56
CA HIS D 110 -3.81 -28.63 -3.55
C HIS D 110 -2.30 -28.68 -3.76
N ALA D 111 -1.62 -27.54 -3.69
CA ALA D 111 -0.16 -27.53 -3.82
C ALA D 111 0.50 -28.26 -2.66
N VAL D 112 -0.02 -28.05 -1.44
CA VAL D 112 0.53 -28.73 -0.28
C VAL D 112 0.28 -30.23 -0.37
N SER D 113 -0.89 -30.62 -0.87
CA SER D 113 -1.19 -32.04 -1.04
C SER D 113 -0.26 -32.68 -2.07
N GLU D 114 -0.02 -31.98 -3.18
CA GLU D 114 0.89 -32.49 -4.21
C GLU D 114 2.31 -32.61 -3.70
N GLY D 115 2.79 -31.59 -2.96
CA GLY D 115 4.13 -31.65 -2.42
C GLY D 115 4.31 -32.74 -1.38
N THR D 116 3.30 -32.92 -0.51
CA THR D 116 3.37 -33.97 0.50
C THR D 116 3.37 -35.35 -0.15
N LYS D 117 2.53 -35.57 -1.16
CA LYS D 117 2.51 -36.87 -1.82
C LYS D 117 3.81 -37.12 -2.58
N ALA D 118 4.39 -36.08 -3.18
CA ALA D 118 5.66 -36.23 -3.88
C ALA D 118 6.78 -36.60 -2.92
N VAL D 119 6.83 -35.95 -1.75
CA VAL D 119 7.88 -36.24 -0.79
C VAL D 119 7.68 -37.64 -0.20
N THR D 120 6.44 -38.05 0.03
CA THR D 120 6.18 -39.39 0.54
C THR D 120 6.58 -40.46 -0.47
N LYS D 121 6.28 -40.22 -1.76
CA LYS D 121 6.72 -41.17 -2.78
C LYS D 121 8.23 -41.18 -2.92
N TYR D 122 8.87 -40.02 -2.74
CA TYR D 122 10.33 -39.96 -2.87
C TYR D 122 11.01 -40.72 -1.74
N THR D 123 10.58 -40.52 -0.51
CA THR D 123 11.20 -41.21 0.63
C THR D 123 10.53 -42.56 0.90
N SER D 124 10.41 -43.38 -0.14
CA SER D 124 9.93 -44.75 0.00
C SER D 124 10.66 -45.69 -0.95
N SER D 125 11.65 -45.19 -1.69
CA SER D 125 12.38 -46.00 -2.66
C SER D 125 13.87 -45.67 -2.63
N PRO E 39 -26.95 11.22 -45.99
CA PRO E 39 -26.66 9.79 -46.10
C PRO E 39 -26.92 9.04 -44.80
N HIS E 40 -26.07 8.06 -44.50
CA HIS E 40 -26.18 7.25 -43.29
C HIS E 40 -25.03 7.57 -42.36
N ARG E 41 -25.35 7.87 -41.11
CA ARG E 41 -24.36 8.21 -40.10
C ARG E 41 -24.59 7.37 -38.85
N TYR E 42 -23.49 6.89 -38.28
CA TYR E 42 -23.56 6.13 -37.03
C TYR E 42 -23.73 7.07 -35.85
N ARG E 43 -24.57 6.69 -34.90
CA ARG E 43 -24.77 7.50 -33.72
C ARG E 43 -23.51 7.50 -32.87
N PRO E 44 -23.19 8.60 -32.18
CA PRO E 44 -22.05 8.59 -31.26
C PRO E 44 -22.28 7.63 -30.11
N GLY E 45 -21.24 6.85 -29.80
CA GLY E 45 -21.32 5.81 -28.83
C GLY E 45 -21.63 4.44 -29.38
N THR E 46 -22.16 4.36 -30.60
CA THR E 46 -22.34 3.06 -31.24
C THR E 46 -21.04 2.57 -31.86
N VAL E 47 -20.33 3.43 -32.58
CA VAL E 47 -19.03 3.08 -33.12
C VAL E 47 -17.99 2.95 -32.00
N ALA E 48 -18.14 3.74 -30.93
CA ALA E 48 -17.25 3.63 -29.79
C ALA E 48 -17.36 2.29 -29.10
N LEU E 49 -18.59 1.76 -28.97
CA LEU E 49 -18.77 0.45 -28.37
C LEU E 49 -18.14 -0.65 -29.23
N ARG E 50 -18.27 -0.55 -30.55
CA ARG E 50 -17.65 -1.55 -31.41
C ARG E 50 -16.14 -1.42 -31.40
N GLU E 51 -15.62 -0.20 -31.22
CA GLU E 51 -14.17 -0.04 -31.08
C GLU E 51 -13.68 -0.65 -29.77
N ILE E 52 -14.47 -0.51 -28.70
CA ILE E 52 -14.13 -1.14 -27.43
C ILE E 52 -14.13 -2.65 -27.56
N ARG E 53 -15.13 -3.19 -28.24
CA ARG E 53 -15.20 -4.64 -28.42
C ARG E 53 -14.08 -5.15 -29.33
N ARG E 54 -13.68 -4.35 -30.31
CA ARG E 54 -12.62 -4.77 -31.22
C ARG E 54 -11.25 -4.72 -30.56
N TYR E 55 -10.95 -3.65 -29.83
CA TYR E 55 -9.63 -3.52 -29.23
C TYR E 55 -9.49 -4.28 -27.93
N GLN E 56 -10.59 -4.70 -27.32
CA GLN E 56 -10.53 -5.56 -26.14
C GLN E 56 -10.44 -7.03 -26.50
N LYS E 57 -10.54 -7.36 -27.78
CA LYS E 57 -10.42 -8.73 -28.25
C LYS E 57 -9.07 -9.03 -28.87
N SER E 58 -8.39 -8.04 -29.43
CA SER E 58 -7.08 -8.23 -30.03
C SER E 58 -5.99 -8.11 -28.97
N THR E 59 -4.77 -8.45 -29.37
CA THR E 59 -3.63 -8.42 -28.45
C THR E 59 -2.42 -7.66 -28.97
N GLU E 60 -2.46 -7.12 -30.19
CA GLU E 60 -1.29 -6.46 -30.74
C GLU E 60 -1.05 -5.11 -30.07
N LEU E 61 0.14 -4.56 -30.30
CA LEU E 61 0.48 -3.26 -29.75
C LEU E 61 -0.37 -2.16 -30.39
N LEU E 62 -0.78 -1.19 -29.58
CA LEU E 62 -1.65 -0.13 -30.03
C LEU E 62 -0.91 1.15 -30.40
N ILE E 63 0.32 1.32 -29.93
CA ILE E 63 1.14 2.47 -30.28
C ILE E 63 2.06 2.07 -31.41
N ARG E 64 2.45 2.91 -32.31
CA ARG E 64 3.36 2.53 -33.34
C ARG E 64 4.63 2.28 -32.86
N LYS E 65 5.37 1.50 -33.49
CA LYS E 65 6.65 0.99 -32.99
C LYS E 65 7.78 2.00 -33.18
N LEU E 66 7.86 2.60 -34.37
CA LEU E 66 8.92 3.57 -34.64
C LEU E 66 8.84 4.82 -33.77
N PRO E 67 7.69 5.50 -33.64
CA PRO E 67 7.64 6.66 -32.72
C PRO E 67 7.90 6.29 -31.27
N PHE E 68 7.48 5.11 -30.82
CA PHE E 68 7.80 4.69 -29.47
C PHE E 68 9.28 4.45 -29.30
N GLN E 69 9.93 3.86 -30.31
CA GLN E 69 11.37 3.65 -30.23
C GLN E 69 12.13 4.97 -30.19
N ARG E 70 11.69 5.95 -30.98
CA ARG E 70 12.32 7.27 -30.95
C ARG E 70 12.12 7.94 -29.60
N LEU E 71 10.92 7.82 -29.03
CA LEU E 71 10.65 8.39 -27.71
C LEU E 71 11.51 7.73 -26.64
N VAL E 72 11.67 6.41 -26.72
CA VAL E 72 12.49 5.68 -25.75
C VAL E 72 13.95 6.11 -25.85
N ARG E 73 14.46 6.25 -27.07
CA ARG E 73 15.84 6.68 -27.25
C ARG E 73 16.06 8.10 -26.74
N GLU E 74 15.12 9.02 -27.02
CA GLU E 74 15.29 10.39 -26.55
C GLU E 74 15.18 10.49 -25.04
N ILE E 75 14.30 9.69 -24.43
CA ILE E 75 14.20 9.67 -22.97
C ILE E 75 15.48 9.11 -22.35
N ALA E 76 16.01 8.04 -22.93
CA ALA E 76 17.19 7.40 -22.36
C ALA E 76 18.45 8.22 -22.60
N GLN E 77 18.44 9.12 -23.59
CA GLN E 77 19.62 9.91 -23.87
C GLN E 77 19.91 10.97 -22.82
N ASP E 78 18.98 11.26 -21.91
CA ASP E 78 19.23 12.16 -20.80
C ASP E 78 19.90 11.48 -19.62
N PHE E 79 20.07 10.16 -19.65
CA PHE E 79 20.75 9.44 -18.60
C PHE E 79 22.13 8.94 -18.99
N LYS E 80 22.37 8.70 -20.27
CA LYS E 80 23.66 8.22 -20.75
C LYS E 80 23.70 8.37 -22.26
N THR E 81 24.82 8.85 -22.77
CA THR E 81 24.96 9.10 -24.19
C THR E 81 25.49 7.87 -24.90
N ASP E 82 25.14 7.75 -26.19
CA ASP E 82 25.56 6.63 -27.03
C ASP E 82 25.04 5.30 -26.52
N LEU E 83 23.85 5.29 -25.93
CA LEU E 83 23.23 4.05 -25.50
C LEU E 83 22.69 3.30 -26.71
N ARG E 84 22.66 1.97 -26.58
CA ARG E 84 22.09 1.11 -27.62
C ARG E 84 21.10 0.16 -26.97
N PHE E 85 20.05 -0.19 -27.70
CA PHE E 85 18.98 -1.03 -27.18
C PHE E 85 18.83 -2.28 -28.04
N GLN E 86 18.70 -3.42 -27.38
CA GLN E 86 18.20 -4.57 -28.11
C GLN E 86 16.73 -4.33 -28.49
N SER E 87 16.31 -4.98 -29.57
CA SER E 87 14.93 -4.85 -30.02
C SER E 87 13.97 -5.44 -28.99
N SER E 88 14.39 -6.51 -28.31
CA SER E 88 13.57 -7.10 -27.27
C SER E 88 13.40 -6.16 -26.09
N ALA E 89 14.41 -5.32 -25.80
CA ALA E 89 14.28 -4.34 -24.72
C ALA E 89 13.21 -3.30 -25.05
N VAL E 90 13.21 -2.81 -26.29
CA VAL E 90 12.21 -1.83 -26.70
C VAL E 90 10.83 -2.45 -26.74
N MET E 91 10.74 -3.72 -27.17
CA MET E 91 9.46 -4.41 -27.18
C MET E 91 8.93 -4.61 -25.76
N ALA E 92 9.80 -4.97 -24.82
CA ALA E 92 9.41 -5.12 -23.43
C ALA E 92 8.94 -3.79 -22.84
N LEU E 93 9.66 -2.71 -23.16
CA LEU E 93 9.26 -1.38 -22.68
C LEU E 93 7.89 -0.98 -23.23
N GLN E 94 7.65 -1.26 -24.51
CA GLN E 94 6.35 -0.92 -25.10
C GLN E 94 5.23 -1.76 -24.51
N GLU E 95 5.50 -3.05 -24.26
CA GLU E 95 4.48 -3.92 -23.66
C GLU E 95 4.12 -3.45 -22.25
N ALA E 96 5.15 -3.13 -21.45
CA ALA E 96 4.91 -2.64 -20.10
C ALA E 96 4.16 -1.31 -20.10
N CYS E 97 4.55 -0.40 -21.01
CA CYS E 97 3.90 0.91 -21.07
C CYS E 97 2.45 0.79 -21.50
N GLU E 98 2.16 -0.07 -22.48
CA GLU E 98 0.78 -0.22 -22.94
C GLU E 98 -0.08 -0.90 -21.90
N ALA E 99 0.47 -1.88 -21.17
CA ALA E 99 -0.28 -2.51 -20.09
C ALA E 99 -0.58 -1.51 -18.98
N TYR E 100 0.40 -0.67 -18.63
CA TYR E 100 0.20 0.35 -17.61
C TYR E 100 -0.86 1.35 -18.03
N LEU E 101 -0.82 1.79 -19.29
CA LEU E 101 -1.78 2.77 -19.78
C LEU E 101 -3.19 2.18 -19.84
N VAL E 102 -3.32 0.92 -20.23
CA VAL E 102 -4.64 0.29 -20.27
C VAL E 102 -5.22 0.13 -18.87
N GLY E 103 -4.40 -0.26 -17.90
CA GLY E 103 -4.87 -0.37 -16.52
C GLY E 103 -5.26 0.99 -15.96
N LEU E 104 -4.46 2.02 -16.26
CA LEU E 104 -4.78 3.37 -15.81
C LEU E 104 -6.07 3.88 -16.45
N PHE E 105 -6.31 3.51 -17.71
CA PHE E 105 -7.55 3.94 -18.35
C PHE E 105 -8.75 3.21 -17.80
N GLU E 106 -8.60 1.94 -17.40
CA GLU E 106 -9.68 1.24 -16.71
C GLU E 106 -10.02 1.91 -15.39
N ASP E 107 -8.99 2.27 -14.62
CA ASP E 107 -9.22 2.97 -13.35
C ASP E 107 -9.84 4.34 -13.57
N THR E 108 -9.39 5.06 -14.61
CA THR E 108 -9.96 6.36 -14.93
C THR E 108 -11.42 6.23 -15.36
N ASN E 109 -11.76 5.17 -16.09
CA ASN E 109 -13.15 4.94 -16.47
C ASN E 109 -14.01 4.68 -15.24
N LEU E 110 -13.48 3.92 -14.28
CA LEU E 110 -14.21 3.72 -13.02
C LEU E 110 -14.42 5.03 -12.27
N CYS E 111 -13.39 5.89 -12.23
CA CYS E 111 -13.52 7.19 -11.59
C CYS E 111 -14.54 8.07 -12.28
N ALA E 112 -14.56 8.05 -13.63
CA ALA E 112 -15.53 8.83 -14.37
C ALA E 112 -16.95 8.32 -14.14
N ILE E 113 -17.13 7.00 -14.09
CA ILE E 113 -18.45 6.43 -13.86
C ILE E 113 -18.95 6.77 -12.46
N HIS E 114 -18.02 6.82 -11.50
CA HIS E 114 -18.38 7.19 -10.13
C HIS E 114 -18.91 8.63 -10.04
N ALA E 115 -18.46 9.50 -10.93
CA ALA E 115 -18.91 10.89 -10.97
C ALA E 115 -20.16 11.08 -11.82
N LYS E 116 -20.79 9.98 -12.24
CA LYS E 116 -21.99 10.02 -13.08
C LYS E 116 -21.70 10.67 -14.43
N ARG E 117 -20.65 10.19 -15.08
CA ARG E 117 -20.25 10.67 -16.40
C ARG E 117 -19.91 9.46 -17.26
N VAL E 118 -19.61 9.71 -18.54
CA VAL E 118 -19.19 8.65 -19.44
C VAL E 118 -17.92 9.06 -20.15
N THR E 119 -17.59 10.35 -20.10
CA THR E 119 -16.38 10.88 -20.71
C THR E 119 -15.31 11.01 -19.63
N ILE E 120 -14.14 10.47 -19.90
CA ILE E 120 -13.03 10.56 -18.95
C ILE E 120 -12.35 11.91 -19.11
N MET E 121 -11.89 12.46 -18.00
CA MET E 121 -11.26 13.77 -17.93
C MET E 121 -9.96 13.64 -17.17
N PRO E 122 -9.08 14.65 -17.27
CA PRO E 122 -7.80 14.59 -16.53
C PRO E 122 -7.96 14.52 -15.02
N LYS E 123 -9.07 15.02 -14.46
CA LYS E 123 -9.29 14.88 -13.03
C LYS E 123 -9.51 13.42 -12.64
N ASP E 124 -10.13 12.63 -13.53
CA ASP E 124 -10.29 11.21 -13.26
C ASP E 124 -8.96 10.49 -13.24
N ILE E 125 -8.06 10.82 -14.18
CA ILE E 125 -6.72 10.25 -14.20
C ILE E 125 -5.95 10.65 -12.95
N GLN E 126 -6.08 11.91 -12.54
CA GLN E 126 -5.40 12.38 -11.34
C GLN E 126 -5.91 11.68 -10.09
N LEU E 127 -7.22 11.47 -9.99
CA LEU E 127 -7.78 10.76 -8.85
C LEU E 127 -7.33 9.30 -8.83
N ALA E 128 -7.31 8.65 -9.99
CA ALA E 128 -6.88 7.26 -10.06
C ALA E 128 -5.41 7.11 -9.68
N ARG E 129 -4.56 8.03 -10.15
CA ARG E 129 -3.16 7.98 -9.78
C ARG E 129 -2.95 8.30 -8.30
N ARG E 130 -3.75 9.22 -7.75
CA ARG E 130 -3.64 9.56 -6.34
C ARG E 130 -4.06 8.40 -5.45
N ILE E 131 -5.12 7.70 -5.82
CA ILE E 131 -5.57 6.55 -5.03
C ILE E 131 -4.59 5.40 -5.18
N ARG E 132 -4.04 5.21 -6.38
CA ARG E 132 -3.08 4.13 -6.60
C ARG E 132 -1.78 4.34 -5.85
N GLY E 133 -1.44 5.58 -5.51
CA GLY E 133 -0.22 5.88 -4.81
C GLY E 133 0.89 6.45 -5.66
N GLU E 134 0.61 6.72 -6.94
CA GLU E 134 1.63 7.24 -7.84
C GLU E 134 1.88 8.74 -7.66
N ARG E 135 1.05 9.42 -6.87
CA ARG E 135 1.23 10.85 -6.64
C ARG E 135 1.52 11.13 -5.17
N ARG F 20 25.78 9.40 -34.39
CA ARG F 20 25.43 10.42 -33.39
C ARG F 20 24.31 11.30 -33.89
N LYS F 21 23.38 11.62 -33.00
CA LYS F 21 22.24 12.47 -33.34
C LYS F 21 21.63 12.98 -32.04
N VAL F 22 20.65 13.86 -32.17
CA VAL F 22 19.97 14.43 -31.01
C VAL F 22 18.47 14.42 -31.26
N LEU F 23 17.76 13.45 -30.70
CA LEU F 23 16.33 13.37 -30.84
C LEU F 23 15.66 14.44 -29.98
N ARG F 24 14.44 14.80 -30.36
CA ARG F 24 13.70 15.83 -29.63
C ARG F 24 12.24 15.76 -30.04
N ASP F 25 11.36 16.20 -29.13
CA ASP F 25 9.92 16.37 -29.35
C ASP F 25 9.21 15.08 -29.78
N ASN F 26 9.77 13.93 -29.42
CA ASN F 26 9.24 12.65 -29.82
C ASN F 26 8.03 12.21 -28.99
N ILE F 27 7.67 12.96 -27.96
CA ILE F 27 6.47 12.62 -27.17
C ILE F 27 5.21 12.85 -27.99
N GLN F 28 5.27 13.72 -29.01
CA GLN F 28 4.14 13.92 -29.91
C GLN F 28 3.92 12.72 -30.84
N GLY F 29 4.90 11.81 -30.94
CA GLY F 29 4.72 10.60 -31.71
C GLY F 29 3.71 9.63 -31.13
N ILE F 30 3.41 9.75 -29.83
CA ILE F 30 2.30 9.03 -29.25
C ILE F 30 1.04 9.80 -29.63
N THR F 31 0.47 9.46 -30.78
CA THR F 31 -0.56 10.28 -31.37
C THR F 31 -1.87 10.16 -30.61
N LYS F 32 -2.79 11.07 -30.95
CA LYS F 32 -4.14 11.00 -30.41
C LYS F 32 -4.88 9.70 -30.74
N PRO F 33 -4.84 9.17 -31.99
CA PRO F 33 -5.46 7.87 -32.23
C PRO F 33 -4.87 6.72 -31.43
N ALA F 34 -3.56 6.74 -31.16
CA ALA F 34 -2.97 5.69 -30.32
C ALA F 34 -3.51 5.75 -28.90
N ILE F 35 -3.64 6.96 -28.34
CA ILE F 35 -4.20 7.12 -27.01
C ILE F 35 -5.66 6.72 -26.99
N ARG F 36 -6.39 7.00 -28.08
CA ARG F 36 -7.78 6.57 -28.17
C ARG F 36 -7.89 5.06 -28.23
N ARG F 37 -6.99 4.39 -28.94
CA ARG F 37 -6.99 2.93 -28.97
C ARG F 37 -6.69 2.35 -27.59
N LEU F 38 -5.73 2.95 -26.88
CA LEU F 38 -5.42 2.51 -25.52
C LEU F 38 -6.61 2.72 -24.58
N ALA F 39 -7.33 3.82 -24.75
CA ALA F 39 -8.53 4.04 -23.94
C ALA F 39 -9.63 3.06 -24.30
N ARG F 40 -9.74 2.71 -25.59
CA ARG F 40 -10.75 1.76 -26.01
C ARG F 40 -10.49 0.37 -25.44
N ARG F 41 -9.23 -0.05 -25.40
CA ARG F 41 -8.91 -1.32 -24.76
C ARG F 41 -9.19 -1.28 -23.26
N GLY F 42 -9.12 -0.12 -22.63
CA GLY F 42 -9.53 0.03 -21.26
C GLY F 42 -11.02 0.16 -21.04
N GLY F 43 -11.80 0.17 -22.11
CA GLY F 43 -13.25 0.23 -21.99
C GLY F 43 -13.84 1.62 -21.88
N VAL F 44 -13.14 2.63 -22.38
CA VAL F 44 -13.59 4.02 -22.26
C VAL F 44 -14.46 4.35 -23.47
N LYS F 45 -15.62 4.97 -23.21
CA LYS F 45 -16.58 5.29 -24.27
C LYS F 45 -16.37 6.68 -24.84
N ARG F 46 -16.27 7.67 -23.96
CA ARG F 46 -16.06 9.08 -24.36
C ARG F 46 -14.74 9.59 -23.78
N ILE F 47 -14.01 10.39 -24.55
CA ILE F 47 -12.71 10.91 -24.14
C ILE F 47 -12.72 12.42 -24.29
N SER F 48 -12.36 13.12 -23.22
CA SER F 48 -12.26 14.56 -23.26
C SER F 48 -11.03 14.98 -24.07
N GLY F 49 -11.04 16.23 -24.53
CA GLY F 49 -9.95 16.72 -25.36
C GLY F 49 -8.64 16.91 -24.63
N LEU F 50 -8.69 17.11 -23.31
CA LEU F 50 -7.49 17.32 -22.52
C LEU F 50 -6.87 16.03 -22.02
N ILE F 51 -7.45 14.89 -22.35
CA ILE F 51 -6.93 13.60 -21.90
C ILE F 51 -5.59 13.28 -22.52
N TYR F 52 -5.34 13.79 -23.73
CA TYR F 52 -4.16 13.37 -24.48
C TYR F 52 -2.87 13.91 -23.87
N GLU F 53 -2.86 15.19 -23.49
CA GLU F 53 -1.66 15.77 -22.88
C GLU F 53 -1.38 15.15 -21.53
N GLU F 54 -2.43 14.88 -20.74
CA GLU F 54 -2.26 14.22 -19.45
C GLU F 54 -1.71 12.82 -19.62
N THR F 55 -2.20 12.10 -20.63
CA THR F 55 -1.71 10.75 -20.91
C THR F 55 -0.26 10.77 -21.35
N ARG F 56 0.12 11.76 -22.16
CA ARG F 56 1.51 11.91 -22.58
C ARG F 56 2.42 12.18 -21.39
N GLY F 57 1.98 13.05 -20.47
CA GLY F 57 2.78 13.31 -19.28
C GLY F 57 2.93 12.08 -18.39
N VAL F 58 1.85 11.33 -18.21
CA VAL F 58 1.90 10.12 -17.38
C VAL F 58 2.82 9.08 -18.01
N LEU F 59 2.71 8.90 -19.33
CA LEU F 59 3.56 7.94 -20.03
C LEU F 59 5.02 8.36 -19.98
N LYS F 60 5.29 9.67 -20.08
CA LYS F 60 6.67 10.14 -19.98
C LYS F 60 7.25 9.89 -18.60
N VAL F 61 6.45 10.10 -17.54
CA VAL F 61 6.94 9.86 -16.19
C VAL F 61 7.24 8.38 -15.96
N PHE F 62 6.31 7.51 -16.40
CA PHE F 62 6.51 6.07 -16.24
C PHE F 62 7.71 5.57 -17.03
N LEU F 63 7.86 6.04 -18.27
CA LEU F 63 8.99 5.67 -19.10
C LEU F 63 10.30 6.18 -18.51
N GLU F 64 10.28 7.37 -17.92
CA GLU F 64 11.48 7.92 -17.31
C GLU F 64 11.94 7.09 -16.14
N ASN F 65 11.00 6.67 -15.28
CA ASN F 65 11.36 5.84 -14.13
C ASN F 65 11.92 4.48 -14.57
N VAL F 66 11.21 3.83 -15.51
CA VAL F 66 11.62 2.50 -15.95
C VAL F 66 12.97 2.55 -16.67
N ILE F 67 13.14 3.53 -17.55
CA ILE F 67 14.39 3.65 -18.30
C ILE F 67 15.55 4.06 -17.39
N ARG F 68 15.27 4.84 -16.34
CA ARG F 68 16.34 5.18 -15.40
C ARG F 68 16.83 3.96 -14.65
N ASP F 69 15.91 3.11 -14.18
CA ASP F 69 16.33 1.88 -13.52
C ASP F 69 17.04 0.94 -14.50
N ALA F 70 16.56 0.86 -15.74
CA ALA F 70 17.19 0.00 -16.73
C ALA F 70 18.60 0.47 -17.08
N VAL F 71 18.79 1.79 -17.20
CA VAL F 71 20.11 2.32 -17.50
C VAL F 71 21.05 2.13 -16.32
N THR F 72 20.52 2.20 -15.09
CA THR F 72 21.36 1.93 -13.92
C THR F 72 21.81 0.47 -13.91
N TYR F 73 20.90 -0.45 -14.23
CA TYR F 73 21.27 -1.87 -14.33
C TYR F 73 22.28 -2.11 -15.43
N THR F 74 22.14 -1.41 -16.56
CA THR F 74 23.10 -1.54 -17.65
C THR F 74 24.46 -0.99 -17.26
N GLU F 75 24.48 0.14 -16.54
CA GLU F 75 25.75 0.76 -16.18
C GLU F 75 26.48 -0.07 -15.14
N HIS F 76 25.75 -0.75 -14.26
CA HIS F 76 26.40 -1.61 -13.28
C HIS F 76 27.12 -2.77 -13.95
N ALA F 77 26.58 -3.27 -15.06
CA ALA F 77 27.19 -4.37 -15.78
C ALA F 77 28.31 -3.92 -16.72
N LYS F 78 28.58 -2.61 -16.79
CA LYS F 78 29.61 -2.06 -17.66
C LYS F 78 29.33 -2.31 -19.13
N ARG F 79 28.06 -2.36 -19.51
CA ARG F 79 27.65 -2.54 -20.88
C ARG F 79 27.15 -1.21 -21.45
N LYS F 80 27.28 -1.07 -22.76
CA LYS F 80 26.76 0.09 -23.47
C LYS F 80 25.42 -0.18 -24.13
N THR F 81 24.89 -1.38 -23.98
CA THR F 81 23.64 -1.79 -24.60
C THR F 81 22.62 -2.15 -23.53
N VAL F 82 21.41 -1.61 -23.67
CA VAL F 82 20.32 -1.96 -22.75
C VAL F 82 19.67 -3.25 -23.25
N THR F 83 19.66 -4.27 -22.41
CA THR F 83 19.09 -5.56 -22.76
C THR F 83 17.68 -5.67 -22.22
N ALA F 84 16.96 -6.70 -22.70
CA ALA F 84 15.61 -6.93 -22.21
C ALA F 84 15.60 -7.36 -20.75
N MET F 85 16.68 -8.01 -20.30
CA MET F 85 16.78 -8.40 -18.90
C MET F 85 16.86 -7.19 -17.99
N ASP F 86 17.54 -6.13 -18.43
CA ASP F 86 17.60 -4.90 -17.64
C ASP F 86 16.23 -4.26 -17.50
N VAL F 87 15.45 -4.24 -18.58
CA VAL F 87 14.10 -3.70 -18.53
C VAL F 87 13.21 -4.54 -17.63
N VAL F 88 13.37 -5.87 -17.69
CA VAL F 88 12.57 -6.76 -16.85
C VAL F 88 12.92 -6.56 -15.37
N TYR F 89 14.22 -6.41 -15.06
CA TYR F 89 14.64 -6.18 -13.70
C TYR F 89 14.13 -4.84 -13.17
N ALA F 90 14.16 -3.81 -14.02
CA ALA F 90 13.63 -2.51 -13.62
C ALA F 90 12.13 -2.57 -13.36
N LEU F 91 11.38 -3.26 -14.22
CA LEU F 91 9.94 -3.39 -14.04
C LEU F 91 9.62 -4.18 -12.78
N LYS F 92 10.37 -5.25 -12.51
CA LYS F 92 10.17 -6.00 -11.28
C LYS F 92 10.52 -5.17 -10.06
N ARG F 93 11.52 -4.30 -10.19
CA ARG F 93 11.90 -3.43 -9.09
C ARG F 93 10.82 -2.40 -8.79
N GLN F 94 10.06 -1.96 -9.81
CA GLN F 94 8.92 -1.09 -9.60
C GLN F 94 7.62 -1.85 -9.34
N GLY F 95 7.71 -3.16 -9.10
CA GLY F 95 6.51 -3.95 -8.86
C GLY F 95 5.60 -4.09 -10.07
N ARG F 96 6.10 -4.29 -11.21
CA ARG F 96 5.35 -4.39 -12.36
C ARG F 96 6.01 -5.46 -13.13
N THR F 97 6.06 -6.65 -12.72
CA THR F 97 6.67 -7.85 -13.29
C THR F 97 6.07 -8.22 -14.63
N LEU F 98 6.94 -8.50 -15.60
CA LEU F 98 6.55 -8.75 -16.98
C LEU F 98 7.01 -10.14 -17.39
N TYR F 99 6.13 -10.88 -18.07
CA TYR F 99 6.41 -12.23 -18.49
C TYR F 99 6.68 -12.28 -19.99
N GLY F 100 7.49 -13.25 -20.40
CA GLY F 100 7.73 -13.49 -21.81
C GLY F 100 8.90 -12.75 -22.41
N PHE F 101 9.83 -12.25 -21.59
CA PHE F 101 10.98 -11.54 -22.13
C PHE F 101 12.29 -11.97 -21.46
N GLY F 102 12.32 -13.12 -20.82
CA GLY F 102 13.51 -13.59 -20.14
C GLY F 102 13.32 -13.63 -18.63
N GLY F 103 14.28 -14.25 -17.98
CA GLY F 103 14.25 -14.42 -16.53
C GLY F 103 13.11 -15.30 -16.08
N ALA G 13 48.21 -4.34 18.76
CA ALA G 13 48.21 -3.12 17.96
C ALA G 13 47.12 -2.16 18.43
N LYS G 14 46.63 -2.40 19.65
CA LYS G 14 45.65 -1.62 20.40
C LYS G 14 44.22 -1.82 19.91
N ALA G 15 44.00 -2.48 18.77
CA ALA G 15 42.68 -2.88 18.29
C ALA G 15 41.74 -1.69 18.06
N LYS G 16 42.10 -0.85 17.11
CA LYS G 16 41.24 0.26 16.71
C LYS G 16 40.12 -0.28 15.81
N SER G 17 38.91 0.25 16.00
CA SER G 17 37.76 -0.30 15.30
C SER G 17 37.69 0.23 13.87
N ARG G 18 36.93 -0.49 13.04
CA ARG G 18 36.79 -0.10 11.64
C ARG G 18 35.92 1.14 11.49
N SER G 19 34.94 1.31 12.38
CA SER G 19 34.09 2.50 12.33
C SER G 19 34.90 3.76 12.61
N SER G 20 35.84 3.69 13.55
CA SER G 20 36.71 4.83 13.80
C SER G 20 37.62 5.09 12.61
N ARG G 21 38.05 4.03 11.92
CA ARG G 21 38.85 4.21 10.72
C ARG G 21 38.07 4.93 9.63
N ALA G 22 36.81 4.57 9.47
CA ALA G 22 35.98 5.18 8.43
C ALA G 22 35.37 6.51 8.88
N GLY G 23 35.60 6.92 10.12
CA GLY G 23 34.99 8.14 10.61
C GLY G 23 33.48 8.05 10.73
N LEU G 24 32.97 6.90 11.16
CA LEU G 24 31.54 6.65 11.24
C LEU G 24 31.16 6.31 12.68
N GLN G 25 29.90 6.57 13.00
CA GLN G 25 29.36 6.16 14.28
C GLN G 25 28.67 4.81 14.23
N PHE G 26 28.16 4.42 13.07
CA PHE G 26 27.53 3.12 12.95
C PHE G 26 28.58 2.01 12.94
N PRO G 27 28.21 0.81 13.36
CA PRO G 27 29.19 -0.28 13.51
C PRO G 27 29.51 -0.94 12.17
N VAL G 28 30.73 -0.73 11.69
CA VAL G 28 31.15 -1.35 10.45
C VAL G 28 31.30 -2.87 10.63
N GLY G 29 31.83 -3.28 11.78
CA GLY G 29 32.00 -4.70 12.04
C GLY G 29 30.68 -5.45 12.17
N ARG G 30 29.71 -4.84 12.86
CA ARG G 30 28.39 -5.47 12.98
C ARG G 30 27.68 -5.52 11.64
N VAL G 31 27.84 -4.48 10.82
CA VAL G 31 27.25 -4.49 9.47
C VAL G 31 27.88 -5.58 8.62
N HIS G 32 29.20 -5.75 8.74
CA HIS G 32 29.89 -6.82 8.02
C HIS G 32 29.42 -8.20 8.49
N ARG G 33 29.23 -8.37 9.79
CA ARG G 33 28.74 -9.65 10.30
C ARG G 33 27.31 -9.92 9.85
N LEU G 34 26.46 -8.91 9.82
CA LEU G 34 25.08 -9.11 9.37
C LEU G 34 25.04 -9.38 7.88
N LEU G 35 25.94 -8.77 7.11
CA LEU G 35 26.03 -9.08 5.69
C LEU G 35 26.51 -10.50 5.47
N ARG G 36 27.45 -10.96 6.30
CA ARG G 36 27.98 -12.31 6.16
C ARG G 36 26.92 -13.37 6.45
N LYS G 37 26.13 -13.16 7.51
CA LYS G 37 25.18 -14.15 7.97
C LYS G 37 23.78 -13.94 7.42
N GLY G 38 23.58 -12.93 6.57
CA GLY G 38 22.27 -12.63 6.06
C GLY G 38 21.85 -13.40 4.82
N ASN G 39 22.70 -14.29 4.32
CA ASN G 39 22.42 -15.07 3.11
C ASN G 39 22.25 -14.17 1.89
N TYR G 40 23.13 -13.18 1.74
CA TYR G 40 23.06 -12.27 0.61
C TYR G 40 24.00 -12.65 -0.52
N ALA G 41 25.19 -13.14 -0.20
CA ALA G 41 26.14 -13.55 -1.22
C ALA G 41 27.17 -14.47 -0.56
N GLU G 42 27.97 -15.11 -1.41
CA GLU G 42 29.01 -16.01 -0.91
C GLU G 42 30.07 -15.24 -0.13
N ARG G 43 30.46 -14.06 -0.61
CA ARG G 43 31.50 -13.26 0.01
C ARG G 43 31.05 -11.82 0.13
N VAL G 44 31.75 -11.08 0.99
CA VAL G 44 31.52 -9.64 1.16
C VAL G 44 32.85 -8.94 0.94
N GLY G 45 32.80 -7.81 0.23
CA GLY G 45 33.99 -7.21 -0.32
C GLY G 45 34.82 -6.32 0.58
N ALA G 46 34.48 -6.21 1.86
CA ALA G 46 35.30 -5.51 2.87
C ALA G 46 35.33 -3.99 2.72
N GLY G 47 34.61 -3.44 1.75
CA GLY G 47 34.38 -2.02 1.64
C GLY G 47 32.89 -1.83 1.52
N ALA G 48 32.20 -2.92 1.24
CA ALA G 48 30.74 -2.93 1.28
C ALA G 48 30.16 -2.58 2.64
N PRO G 49 30.62 -3.17 3.76
CA PRO G 49 30.09 -2.74 5.07
C PRO G 49 30.38 -1.28 5.40
N VAL G 50 31.52 -0.75 4.97
CA VAL G 50 31.83 0.66 5.23
C VAL G 50 30.86 1.56 4.48
N TYR G 51 30.63 1.27 3.20
CA TYR G 51 29.69 2.03 2.39
C TYR G 51 28.28 1.93 2.94
N MET G 52 27.93 0.82 3.38
CA MET G 52 26.68 0.63 3.89
C MET G 52 26.43 1.16 5.13
N ALA G 53 27.27 1.11 6.04
CA ALA G 53 27.18 1.79 7.32
C ALA G 53 27.16 3.29 7.14
N ALA G 54 27.93 3.82 6.19
CA ALA G 54 27.92 5.25 5.92
C ALA G 54 26.56 5.71 5.40
N VAL G 55 25.95 4.92 4.51
CA VAL G 55 24.63 5.27 3.98
C VAL G 55 23.58 5.23 5.07
N LEU G 56 23.63 4.19 5.92
CA LEU G 56 22.69 4.06 7.02
C LEU G 56 22.84 5.20 8.02
N GLU G 57 24.09 5.58 8.32
CA GLU G 57 24.33 6.69 9.24
C GLU G 57 23.84 8.01 8.66
N TYR G 58 24.01 8.20 7.34
CA TYR G 58 23.52 9.43 6.71
C TYR G 58 22.00 9.51 6.76
N LEU G 59 21.31 8.40 6.47
CA LEU G 59 19.85 8.40 6.51
C LEU G 59 19.34 8.63 7.92
N THR G 60 19.98 7.98 8.91
CA THR G 60 19.59 8.17 10.30
C THR G 60 19.83 9.60 10.75
N ALA G 61 20.95 10.21 10.35
CA ALA G 61 21.23 11.58 10.73
C ALA G 61 20.24 12.55 10.09
N GLU G 62 19.86 12.31 8.84
CA GLU G 62 18.89 13.19 8.18
C GLU G 62 17.53 13.11 8.85
N ILE G 63 17.06 11.89 9.13
CA ILE G 63 15.76 11.73 9.78
C ILE G 63 15.78 12.29 11.21
N LEU G 64 16.88 12.07 11.93
CA LEU G 64 16.99 12.58 13.29
C LEU G 64 17.04 14.10 13.33
N GLU G 65 17.73 14.71 12.37
CA GLU G 65 17.80 16.18 12.34
C GLU G 65 16.46 16.78 12.00
N LEU G 66 15.74 16.19 11.05
CA LEU G 66 14.40 16.68 10.72
C LEU G 66 13.43 16.50 11.88
N ALA G 67 13.51 15.36 12.57
CA ALA G 67 12.64 15.12 13.72
C ALA G 67 12.97 16.06 14.87
N GLY G 68 14.25 16.34 15.10
CA GLY G 68 14.62 17.28 16.13
C GLY G 68 14.18 18.69 15.81
N ASN G 69 14.23 19.08 14.54
CA ASN G 69 13.70 20.37 14.14
C ASN G 69 12.20 20.45 14.37
N ALA G 70 11.47 19.37 14.06
CA ALA G 70 10.03 19.35 14.30
C ALA G 70 9.71 19.43 15.79
N ALA G 71 10.50 18.75 16.62
CA ALA G 71 10.33 18.84 18.06
C ALA G 71 10.62 20.25 18.56
N ARG G 72 11.63 20.91 17.99
CA ARG G 72 11.93 22.29 18.38
C ARG G 72 10.80 23.23 18.02
N ASP G 73 10.21 23.05 16.84
CA ASP G 73 9.04 23.88 16.48
C ASP G 73 7.83 23.53 17.33
N ASN G 74 7.78 22.32 17.88
CA ASN G 74 6.72 21.95 18.82
C ASN G 74 7.07 22.36 20.25
N LYS G 75 8.21 23.04 20.45
CA LYS G 75 8.70 23.43 21.77
C LYS G 75 8.96 22.23 22.67
N LYS G 76 9.43 21.14 22.09
CA LYS G 76 9.73 19.92 22.84
C LYS G 76 11.22 19.62 22.76
N THR G 77 11.74 18.98 23.80
CA THR G 77 13.13 18.57 23.85
C THR G 77 13.33 17.12 23.42
N ARG G 78 12.36 16.25 23.67
CA ARG G 78 12.48 14.83 23.42
C ARG G 78 11.76 14.48 22.12
N ILE G 79 12.42 13.67 21.29
CA ILE G 79 11.82 13.23 20.03
C ILE G 79 10.88 12.07 20.30
N ILE G 80 9.67 12.17 19.79
CA ILE G 80 8.66 11.12 19.93
C ILE G 80 8.31 10.62 18.53
N PRO G 81 7.52 9.55 18.39
CA PRO G 81 7.17 9.07 17.03
C PRO G 81 6.37 10.05 16.20
N ARG G 82 5.66 10.97 16.84
CA ARG G 82 4.93 12.00 16.10
C ARG G 82 5.87 12.90 15.33
N HIS G 83 7.01 13.26 15.94
CA HIS G 83 7.99 14.10 15.26
C HIS G 83 8.63 13.37 14.08
N LEU G 84 8.89 12.06 14.25
CA LEU G 84 9.40 11.26 13.14
C LEU G 84 8.39 11.19 12.00
N GLN G 85 7.12 11.01 12.33
CA GLN G 85 6.08 10.98 11.30
C GLN G 85 5.96 12.31 10.58
N LEU G 86 6.07 13.41 11.32
CA LEU G 86 6.02 14.74 10.70
C LEU G 86 7.23 14.97 9.80
N ALA G 87 8.41 14.53 10.23
CA ALA G 87 9.60 14.71 9.42
C ALA G 87 9.53 13.89 8.13
N ILE G 88 9.08 12.65 8.21
CA ILE G 88 9.03 11.80 7.03
C ILE G 88 7.92 12.26 6.08
N ARG G 89 6.73 12.55 6.62
CA ARG G 89 5.61 12.86 5.74
C ARG G 89 5.69 14.25 5.13
N ASN G 90 6.52 15.13 5.70
CA ASN G 90 6.66 16.49 5.20
C ASN G 90 7.76 16.62 4.15
N ASP G 91 8.38 15.52 3.76
CA ASP G 91 9.48 15.53 2.80
C ASP G 91 9.10 14.64 1.63
N GLU G 92 9.36 15.12 0.40
CA GLU G 92 9.04 14.35 -0.79
C GLU G 92 9.83 13.05 -0.85
N GLU G 93 11.15 13.15 -0.73
CA GLU G 93 12.01 11.98 -0.93
C GLU G 93 11.86 10.99 0.21
N LEU G 94 11.77 11.48 1.45
CA LEU G 94 11.62 10.60 2.60
C LEU G 94 10.26 9.90 2.58
N ASN G 95 9.20 10.62 2.18
CA ASN G 95 7.88 10.01 2.10
C ASN G 95 7.82 8.98 0.98
N LYS G 96 8.52 9.24 -0.13
CA LYS G 96 8.59 8.25 -1.19
C LYS G 96 9.37 7.02 -0.74
N LEU G 97 10.44 7.23 0.05
CA LEU G 97 11.25 6.11 0.52
C LEU G 97 10.46 5.23 1.49
N LEU G 98 9.63 5.83 2.33
CA LEU G 98 8.83 5.12 3.32
C LEU G 98 7.34 5.25 3.02
N GLY G 99 6.98 5.10 1.74
CA GLY G 99 5.59 5.23 1.36
C GLY G 99 4.70 4.14 1.91
N LYS G 100 5.23 2.92 2.00
CA LYS G 100 4.47 1.78 2.47
C LYS G 100 4.79 1.41 3.92
N VAL G 101 5.23 2.38 4.71
CA VAL G 101 5.64 2.15 6.09
C VAL G 101 4.64 2.84 7.01
N THR G 102 4.21 2.12 8.05
CA THR G 102 3.34 2.65 9.08
C THR G 102 4.15 2.85 10.35
N ILE G 103 4.18 4.09 10.85
CA ILE G 103 4.91 4.43 12.06
C ILE G 103 3.92 4.38 13.21
N ALA G 104 4.19 3.50 14.18
CA ALA G 104 3.31 3.36 15.33
C ALA G 104 3.31 4.62 16.18
N GLN G 105 2.12 5.07 16.56
CA GLN G 105 1.92 6.30 17.32
C GLN G 105 2.37 7.55 16.58
N GLY G 106 2.40 7.51 15.25
CA GLY G 106 2.85 8.64 14.48
C GLY G 106 1.74 9.59 14.07
N GLY G 107 0.50 9.11 14.10
CA GLY G 107 -0.60 9.94 13.68
C GLY G 107 -0.58 10.19 12.17
N VAL G 108 -1.24 11.27 11.78
CA VAL G 108 -1.30 11.68 10.38
C VAL G 108 -1.03 13.17 10.29
N LEU G 109 -0.65 13.61 9.10
CA LEU G 109 -0.44 15.04 8.88
C LEU G 109 -1.77 15.78 8.91
N PRO G 110 -1.81 16.99 9.46
CA PRO G 110 -3.05 17.78 9.41
C PRO G 110 -3.36 18.21 7.99
N ASN G 111 -4.51 17.77 7.50
CA ASN G 111 -4.91 18.07 6.13
C ASN G 111 -6.41 17.97 5.99
N ILE G 112 -7.06 19.10 5.78
CA ILE G 112 -8.49 19.16 5.49
C ILE G 112 -8.66 19.66 4.06
N GLN G 113 -9.53 18.99 3.30
CA GLN G 113 -9.79 19.41 1.93
C GLN G 113 -10.46 20.78 1.91
N ALA G 114 -10.11 21.58 0.90
CA ALA G 114 -10.55 22.98 0.87
C ALA G 114 -12.06 23.10 0.66
N VAL G 115 -12.67 22.11 0.03
CA VAL G 115 -14.12 22.13 -0.17
C VAL G 115 -14.89 21.92 1.12
N LEU G 116 -14.26 21.30 2.12
CA LEU G 116 -14.92 21.01 3.39
C LEU G 116 -15.04 22.21 4.31
N LEU G 117 -14.23 23.24 4.12
CA LEU G 117 -14.28 24.39 5.01
C LEU G 117 -15.57 25.18 4.81
N PRO G 118 -15.95 25.98 5.80
CA PRO G 118 -17.21 26.73 5.71
C PRO G 118 -17.16 27.80 4.64
N LYS G 119 -18.33 28.26 4.22
CA LYS G 119 -18.53 29.27 3.18
C LYS G 119 -17.93 28.81 1.86
N LYS H 31 19.51 -16.12 32.96
CA LYS H 31 20.54 -16.17 31.93
C LYS H 31 19.81 -15.98 30.60
N ARG H 32 18.91 -15.00 30.57
CA ARG H 32 18.18 -14.65 29.36
C ARG H 32 19.14 -14.10 28.31
N SER H 33 18.80 -14.35 27.04
CA SER H 33 19.70 -14.07 25.93
C SER H 33 19.90 -12.57 25.75
N ARG H 34 20.95 -12.19 25.06
CA ARG H 34 21.18 -10.81 24.79
C ARG H 34 20.73 -10.55 23.44
N LYS H 35 20.02 -9.51 23.20
CA LYS H 35 19.53 -9.05 21.91
C LYS H 35 20.09 -7.67 21.61
N GLU H 36 20.63 -7.51 20.40
CA GLU H 36 21.30 -6.28 19.99
C GLU H 36 20.37 -5.38 19.19
N SER H 37 20.73 -4.09 19.15
CA SER H 37 19.95 -3.09 18.45
C SER H 37 20.86 -1.91 18.12
N TYR H 38 20.37 -1.01 17.28
CA TYR H 38 21.12 0.17 16.88
C TYR H 38 20.88 1.37 17.77
N SER H 39 20.54 1.14 19.04
CA SER H 39 20.11 2.25 19.90
C SER H 39 21.27 3.19 20.23
N ILE H 40 22.43 2.63 20.57
CA ILE H 40 23.54 3.48 20.99
C ILE H 40 24.11 4.26 19.81
N TYR H 41 24.11 3.66 18.62
CA TYR H 41 24.60 4.36 17.44
C TYR H 41 23.64 5.46 17.00
N VAL H 42 22.34 5.19 17.09
CA VAL H 42 21.33 6.20 16.79
C VAL H 42 21.43 7.35 17.79
N TYR H 43 21.70 7.03 19.06
CA TYR H 43 21.87 8.07 20.06
C TYR H 43 23.13 8.89 19.80
N LYS H 44 24.20 8.24 19.35
CA LYS H 44 25.42 8.97 19.00
C LYS H 44 25.18 9.93 17.83
N VAL H 45 24.46 9.46 16.81
CA VAL H 45 24.14 10.32 15.67
C VAL H 45 23.23 11.47 16.10
N LEU H 46 22.29 11.20 17.00
CA LEU H 46 21.40 12.24 17.49
C LEU H 46 22.14 13.29 18.30
N LYS H 47 23.08 12.87 19.13
CA LYS H 47 23.89 13.84 19.88
C LYS H 47 24.88 14.55 18.99
N GLN H 48 25.22 14.01 17.82
CA GLN H 48 25.97 14.76 16.83
C GLN H 48 25.16 15.81 16.10
N VAL H 49 23.93 15.50 15.69
CA VAL H 49 23.15 16.46 14.91
C VAL H 49 22.32 17.38 15.80
N HIS H 50 21.94 16.94 16.99
CA HIS H 50 21.21 17.77 17.95
C HIS H 50 21.76 17.48 19.33
N PRO H 51 22.76 18.24 19.78
CA PRO H 51 23.36 17.95 21.09
C PRO H 51 22.64 18.60 22.26
N ASP H 52 21.32 18.65 22.21
CA ASP H 52 20.47 18.89 23.37
C ASP H 52 19.21 18.05 23.37
N THR H 53 18.77 17.55 22.21
CA THR H 53 17.51 16.84 22.09
C THR H 53 17.69 15.38 22.48
N GLY H 54 16.73 14.85 23.25
CA GLY H 54 16.69 13.45 23.59
C GLY H 54 15.77 12.69 22.65
N ILE H 55 15.54 11.42 23.01
CA ILE H 55 14.66 10.56 22.22
C ILE H 55 13.97 9.60 23.17
N SER H 56 12.70 9.33 22.90
CA SER H 56 11.94 8.38 23.70
C SER H 56 12.22 6.96 23.23
N SER H 57 11.79 5.99 24.05
CA SER H 57 12.05 4.60 23.71
C SER H 57 11.24 4.14 22.51
N LYS H 58 10.02 4.66 22.35
CA LYS H 58 9.21 4.34 21.19
C LYS H 58 9.85 4.89 19.91
N ALA H 59 10.37 6.11 19.96
CA ALA H 59 11.06 6.66 18.80
C ALA H 59 12.34 5.89 18.51
N MET H 60 13.00 5.39 19.55
CA MET H 60 14.18 4.56 19.32
C MET H 60 13.80 3.24 18.66
N GLY H 61 12.67 2.66 19.04
CA GLY H 61 12.20 1.47 18.36
C GLY H 61 11.85 1.73 16.91
N ILE H 62 11.25 2.89 16.63
CA ILE H 62 10.96 3.29 15.26
C ILE H 62 12.24 3.44 14.46
N MET H 63 13.26 4.06 15.06
CA MET H 63 14.55 4.23 14.38
C MET H 63 15.23 2.89 14.13
N ASN H 64 15.13 1.97 15.08
CA ASN H 64 15.69 0.64 14.91
C ASN H 64 15.00 -0.10 13.76
N SER H 65 13.67 -0.01 13.70
CA SER H 65 12.93 -0.62 12.60
C SER H 65 13.31 0.00 11.26
N PHE H 66 13.49 1.32 11.23
CA PHE H 66 13.87 2.01 10.00
C PHE H 66 15.25 1.58 9.52
N VAL H 67 16.21 1.49 10.45
CA VAL H 67 17.56 1.09 10.09
C VAL H 67 17.59 -0.35 9.60
N ASN H 68 16.87 -1.24 10.27
CA ASN H 68 16.82 -2.64 9.85
C ASN H 68 16.14 -2.79 8.49
N ASP H 69 15.08 -2.03 8.24
CA ASP H 69 14.38 -2.10 6.97
C ASP H 69 15.25 -1.60 5.82
N ILE H 70 15.97 -0.49 6.04
CA ILE H 70 16.83 0.05 4.99
C ILE H 70 18.01 -0.87 4.74
N PHE H 71 18.56 -1.48 5.80
CA PHE H 71 19.63 -2.46 5.65
C PHE H 71 19.16 -3.65 4.83
N GLU H 72 17.96 -4.16 5.13
CA GLU H 72 17.44 -5.32 4.40
C GLU H 72 17.20 -4.98 2.94
N ARG H 73 16.66 -3.78 2.67
CA ARG H 73 16.40 -3.37 1.29
C ARG H 73 17.70 -3.25 0.50
N ILE H 74 18.69 -2.57 1.05
CA ILE H 74 19.94 -2.36 0.33
C ILE H 74 20.70 -3.66 0.16
N ALA H 75 20.72 -4.51 1.19
CA ALA H 75 21.43 -5.78 1.09
C ALA H 75 20.75 -6.72 0.10
N GLY H 76 19.41 -6.74 0.08
CA GLY H 76 18.72 -7.59 -0.89
C GLY H 76 18.93 -7.12 -2.31
N GLU H 77 18.89 -5.79 -2.53
CA GLU H 77 19.14 -5.27 -3.87
C GLU H 77 20.57 -5.54 -4.32
N ALA H 78 21.54 -5.39 -3.41
CA ALA H 78 22.93 -5.67 -3.75
C ALA H 78 23.14 -7.14 -4.03
N SER H 79 22.46 -8.01 -3.28
CA SER H 79 22.55 -9.45 -3.53
C SER H 79 21.99 -9.80 -4.90
N ARG H 80 20.85 -9.22 -5.27
CA ARG H 80 20.29 -9.47 -6.59
C ARG H 80 21.19 -8.91 -7.69
N LEU H 81 21.81 -7.76 -7.44
CA LEU H 81 22.73 -7.18 -8.42
C LEU H 81 23.95 -8.07 -8.63
N ALA H 82 24.50 -8.61 -7.55
CA ALA H 82 25.64 -9.51 -7.68
C ALA H 82 25.23 -10.81 -8.34
N HIS H 83 23.99 -11.25 -8.13
CA HIS H 83 23.52 -12.48 -8.76
C HIS H 83 23.30 -12.29 -10.26
N TYR H 84 22.81 -11.12 -10.67
CA TYR H 84 22.52 -10.88 -12.09
C TYR H 84 23.79 -10.87 -12.93
N ASN H 85 24.93 -10.54 -12.34
CA ASN H 85 26.18 -10.42 -13.08
C ASN H 85 27.10 -11.62 -12.87
N LYS H 86 26.57 -12.71 -12.30
CA LYS H 86 27.34 -13.93 -12.02
C LYS H 86 28.55 -13.65 -11.14
N ARG H 87 28.40 -12.90 -10.11
CA ARG H 87 29.44 -12.65 -9.18
C ARG H 87 29.17 -13.12 -7.87
N SER H 88 30.08 -13.55 -7.12
CA SER H 88 29.90 -14.17 -5.82
C SER H 88 30.30 -13.27 -4.68
N THR H 89 30.59 -12.00 -4.94
CA THR H 89 31.01 -11.06 -3.92
C THR H 89 30.15 -9.80 -3.98
N ILE H 90 29.73 -9.33 -2.83
CA ILE H 90 29.01 -8.07 -2.70
C ILE H 90 30.05 -7.02 -2.34
N THR H 91 30.42 -6.19 -3.31
CA THR H 91 31.41 -5.16 -3.13
C THR H 91 30.73 -3.82 -2.87
N SER H 92 31.54 -2.77 -2.70
CA SER H 92 30.99 -1.44 -2.52
C SER H 92 30.31 -0.92 -3.78
N ARG H 93 30.69 -1.44 -4.96
CA ARG H 93 30.02 -1.05 -6.19
C ARG H 93 28.58 -1.52 -6.22
N GLU H 94 28.33 -2.75 -5.75
CA GLU H 94 26.96 -3.26 -5.65
C GLU H 94 26.14 -2.43 -4.67
N ILE H 95 26.75 -2.05 -3.54
CA ILE H 95 26.05 -1.24 -2.55
C ILE H 95 25.73 0.13 -3.11
N GLN H 96 26.66 0.71 -3.88
CA GLN H 96 26.41 2.01 -4.49
C GLN H 96 25.30 1.95 -5.53
N THR H 97 25.29 0.90 -6.36
CA THR H 97 24.22 0.78 -7.35
C THR H 97 22.89 0.51 -6.68
N ALA H 98 22.87 -0.28 -5.61
CA ALA H 98 21.64 -0.51 -4.86
C ALA H 98 21.13 0.76 -4.21
N VAL H 99 22.04 1.61 -3.70
CA VAL H 99 21.64 2.88 -3.13
C VAL H 99 21.08 3.80 -4.20
N ARG H 100 21.67 3.78 -5.40
CA ARG H 100 21.14 4.60 -6.48
C ARG H 100 19.78 4.10 -6.95
N LEU H 101 19.57 2.79 -6.95
CA LEU H 101 18.27 2.25 -7.36
C LEU H 101 17.19 2.50 -6.32
N LEU H 102 17.49 2.30 -5.05
CA LEU H 102 16.47 2.29 -4.01
C LEU H 102 16.10 3.66 -3.48
N LEU H 103 17.06 4.54 -3.33
CA LEU H 103 16.73 5.84 -2.77
C LEU H 103 16.29 6.80 -3.86
N PRO H 104 15.51 7.82 -3.51
CA PRO H 104 15.16 8.86 -4.49
C PRO H 104 16.36 9.77 -4.78
N GLY H 105 16.17 10.81 -5.60
CA GLY H 105 17.29 11.43 -6.29
C GLY H 105 18.34 12.14 -5.46
N GLU H 106 17.99 13.26 -4.81
CA GLU H 106 18.94 13.98 -3.98
C GLU H 106 19.38 13.12 -2.79
N LEU H 107 18.45 12.33 -2.27
CA LEU H 107 18.76 11.40 -1.18
C LEU H 107 19.82 10.40 -1.60
N ALA H 108 19.65 9.80 -2.79
CA ALA H 108 20.62 8.85 -3.28
C ALA H 108 21.95 9.51 -3.59
N LYS H 109 21.92 10.76 -4.08
CA LYS H 109 23.16 11.47 -4.38
C LYS H 109 23.97 11.75 -3.12
N HIS H 110 23.31 12.22 -2.06
CA HIS H 110 24.03 12.49 -0.82
C HIS H 110 24.48 11.20 -0.14
N ALA H 111 23.66 10.14 -0.24
CA ALA H 111 24.07 8.86 0.32
C ALA H 111 25.29 8.30 -0.41
N VAL H 112 25.34 8.46 -1.74
CA VAL H 112 26.49 8.01 -2.50
C VAL H 112 27.73 8.81 -2.14
N SER H 113 27.57 10.12 -1.93
CA SER H 113 28.70 10.96 -1.52
C SER H 113 29.23 10.53 -0.15
N GLU H 114 28.33 10.27 0.80
CA GLU H 114 28.75 9.82 2.13
C GLU H 114 29.43 8.46 2.08
N GLY H 115 28.90 7.53 1.29
CA GLY H 115 29.52 6.22 1.17
C GLY H 115 30.89 6.28 0.53
N THR H 116 31.04 7.09 -0.53
CA THR H 116 32.33 7.23 -1.17
C THR H 116 33.35 7.89 -0.25
N LYS H 117 32.92 8.91 0.50
CA LYS H 117 33.83 9.56 1.45
C LYS H 117 34.25 8.59 2.56
N ALA H 118 33.31 7.79 3.06
CA ALA H 118 33.64 6.82 4.11
C ALA H 118 34.61 5.75 3.59
N VAL H 119 34.38 5.25 2.37
CA VAL H 119 35.25 4.22 1.83
C VAL H 119 36.63 4.77 1.53
N THR H 120 36.70 6.00 1.02
CA THR H 120 38.00 6.61 0.74
C THR H 120 38.79 6.88 2.02
N LYS H 121 38.11 7.37 3.06
CA LYS H 121 38.79 7.62 4.32
C LYS H 121 39.22 6.32 4.99
N TYR H 122 38.43 5.26 4.82
CA TYR H 122 38.80 3.96 5.38
C TYR H 122 40.02 3.40 4.65
N THR H 123 40.03 3.47 3.32
CA THR H 123 41.14 2.92 2.55
C THR H 123 42.41 3.73 2.75
N SER H 124 42.28 5.05 2.93
CA SER H 124 43.46 5.89 3.11
C SER H 124 44.07 5.74 4.50
N SER H 125 43.38 5.10 5.44
CA SER H 125 43.90 4.91 6.78
C SER H 125 44.95 3.80 6.79
N LYS H 126 45.35 3.41 8.00
CA LYS H 126 46.36 2.37 8.22
C LYS H 126 47.71 2.75 7.62
N LYS K 392 -27.31 -23.47 38.33
CA LYS K 392 -28.35 -24.12 37.48
C LYS K 392 -29.77 -23.74 37.93
N ALA K 393 -30.00 -23.78 39.25
CA ALA K 393 -31.27 -23.33 39.83
C ALA K 393 -31.21 -21.86 40.22
N LEU K 394 -30.04 -21.39 40.69
CA LEU K 394 -29.93 -20.02 41.17
C LEU K 394 -29.93 -19.03 40.02
N GLN K 395 -29.30 -19.38 38.90
CA GLN K 395 -29.17 -18.43 37.79
C GLN K 395 -30.51 -18.15 37.13
N LYS K 396 -31.38 -19.15 37.04
CA LYS K 396 -32.70 -18.95 36.45
C LYS K 396 -33.53 -17.99 37.29
N GLU K 397 -33.54 -18.20 38.62
CA GLU K 397 -34.27 -17.32 39.51
C GLU K 397 -33.69 -15.91 39.51
N LEU K 398 -32.35 -15.81 39.46
CA LEU K 398 -31.72 -14.50 39.42
C LEU K 398 -32.04 -13.77 38.13
N GLU K 399 -32.07 -14.49 37.00
CA GLU K 399 -32.42 -13.89 35.72
C GLU K 399 -33.86 -13.40 35.71
N GLN K 400 -34.78 -14.20 36.26
CA GLN K 400 -36.17 -13.79 36.33
C GLN K 400 -36.35 -12.58 37.24
N PHE K 401 -35.65 -12.56 38.37
CA PHE K 401 -35.72 -11.41 39.27
C PHE K 401 -35.12 -10.16 38.62
N ALA K 402 -34.03 -10.33 37.86
CA ALA K 402 -33.44 -9.19 37.18
C ALA K 402 -34.35 -8.63 36.10
N LYS K 403 -35.03 -9.53 35.36
CA LYS K 403 -35.99 -9.07 34.35
C LYS K 403 -37.16 -8.33 34.99
N LEU K 404 -37.68 -8.86 36.10
CA LEU K 404 -38.78 -8.19 36.80
C LEU K 404 -38.32 -6.85 37.37
N LEU K 405 -37.09 -6.79 37.89
CA LEU K 405 -36.55 -5.54 38.41
C LEU K 405 -36.40 -4.50 37.32
N LYS K 406 -35.90 -4.91 36.14
CA LYS K 406 -35.73 -3.97 35.04
C LYS K 406 -37.08 -3.48 34.52
N GLN K 407 -38.06 -4.38 34.44
CA GLN K 407 -39.41 -3.97 34.01
C GLN K 407 -40.04 -3.01 35.02
N LYS K 408 -39.85 -3.26 36.31
CA LYS K 408 -40.41 -2.37 37.33
C LYS K 408 -39.72 -1.00 37.30
N ARG K 409 -38.40 -1.00 37.07
CA ARG K 409 -37.66 0.25 36.96
C ARG K 409 -38.11 1.04 35.74
N ILE K 410 -38.37 0.36 34.64
CA ILE K 410 -38.83 1.05 33.43
C ILE K 410 -40.25 1.58 33.63
N THR K 411 -41.10 0.84 34.35
CA THR K 411 -42.49 1.23 34.48
C THR K 411 -42.65 2.50 35.31
N LEU K 412 -42.04 2.57 36.48
CA LEU K 412 -42.11 3.75 37.32
C LEU K 412 -41.22 4.90 36.84
N GLY K 413 -40.35 4.68 35.85
CA GLY K 413 -39.52 5.74 35.32
C GLY K 413 -38.26 6.06 36.11
N TYR K 414 -37.94 5.28 37.14
CA TYR K 414 -36.69 5.49 37.86
C TYR K 414 -35.50 5.14 36.98
N THR K 415 -34.39 5.84 37.22
CA THR K 415 -33.10 5.56 36.61
C THR K 415 -32.28 4.68 37.55
N GLN K 416 -31.22 4.09 37.02
CA GLN K 416 -30.37 3.20 37.80
C GLN K 416 -29.65 3.97 38.92
N ALA K 417 -29.20 5.19 38.62
CA ALA K 417 -28.58 6.01 39.66
C ALA K 417 -29.59 6.39 40.74
N ASP K 418 -30.83 6.68 40.35
CA ASP K 418 -31.87 6.94 41.33
C ASP K 418 -32.16 5.71 42.18
N VAL K 419 -32.09 4.52 41.57
CA VAL K 419 -32.29 3.27 42.30
C VAL K 419 -31.20 3.09 43.34
N GLY K 420 -29.95 3.34 42.95
CA GLY K 420 -28.85 3.24 43.91
C GLY K 420 -28.95 4.29 45.01
N LEU K 421 -29.39 5.49 44.66
CA LEU K 421 -29.53 6.55 45.67
C LEU K 421 -30.64 6.22 46.66
N THR K 422 -31.77 5.68 46.17
CA THR K 422 -32.85 5.30 47.08
C THR K 422 -32.44 4.10 47.94
N LEU K 423 -31.64 3.18 47.37
CA LEU K 423 -31.11 2.07 48.17
C LEU K 423 -30.22 2.58 49.29
N GLY K 424 -29.35 3.54 48.98
CA GLY K 424 -28.52 4.13 50.02
C GLY K 424 -29.32 4.90 51.05
N VAL K 425 -30.40 5.55 50.61
CA VAL K 425 -31.26 6.29 51.54
C VAL K 425 -31.96 5.33 52.49
N LEU K 426 -32.49 4.22 51.95
CA LEU K 426 -33.24 3.29 52.78
C LEU K 426 -32.32 2.50 53.70
N PHE K 427 -31.41 1.71 53.12
CA PHE K 427 -30.60 0.75 53.86
C PHE K 427 -29.23 1.29 54.27
N GLY K 428 -28.93 2.56 54.01
CA GLY K 428 -27.67 3.12 54.46
C GLY K 428 -26.43 2.56 53.79
N LYS K 429 -26.57 1.97 52.60
CA LYS K 429 -25.45 1.41 51.84
C LYS K 429 -25.68 1.79 50.38
N VAL K 430 -25.15 2.95 49.98
CA VAL K 430 -25.32 3.42 48.61
C VAL K 430 -24.52 2.54 47.67
N PHE K 431 -25.06 2.35 46.46
CA PHE K 431 -24.45 1.56 45.40
C PHE K 431 -24.45 2.37 44.12
N SER K 432 -23.35 2.26 43.38
CA SER K 432 -23.19 3.04 42.16
C SER K 432 -24.13 2.55 41.07
N GLN K 433 -24.31 3.40 40.06
CA GLN K 433 -25.12 3.02 38.91
C GLN K 433 -24.48 1.87 38.13
N THR K 434 -23.16 1.76 38.16
CA THR K 434 -22.46 0.62 37.56
C THR K 434 -22.90 -0.68 38.22
N THR K 435 -23.06 -0.67 39.55
CA THR K 435 -23.50 -1.87 40.25
C THR K 435 -24.91 -2.26 39.85
N ILE K 436 -25.82 -1.29 39.71
CA ILE K 436 -27.19 -1.57 39.34
C ILE K 436 -27.27 -2.12 37.92
N CYS K 437 -26.53 -1.50 37.00
CA CYS K 437 -26.55 -1.95 35.61
C CYS K 437 -25.91 -3.34 35.48
N ARG K 438 -24.84 -3.60 36.24
CA ARG K 438 -24.24 -4.92 36.24
C ARG K 438 -25.20 -5.96 36.81
N PHE K 439 -25.95 -5.59 37.86
CA PHE K 439 -26.93 -6.49 38.46
C PHE K 439 -28.03 -6.83 37.47
N GLU K 440 -28.52 -5.82 36.75
CA GLU K 440 -29.58 -6.08 35.77
C GLU K 440 -29.10 -6.94 34.61
N ALA K 441 -27.82 -6.86 34.26
CA ALA K 441 -27.21 -7.70 33.23
C ALA K 441 -26.63 -9.02 33.75
N LEU K 442 -26.74 -9.30 35.06
CA LEU K 442 -26.23 -10.54 35.67
C LEU K 442 -24.72 -10.69 35.45
N GLN K 443 -23.99 -9.58 35.50
CA GLN K 443 -22.56 -9.58 35.17
C GLN K 443 -21.66 -9.96 36.35
N LEU K 444 -22.15 -9.93 37.58
CA LEU K 444 -21.32 -10.14 38.76
C LEU K 444 -21.32 -11.63 39.15
N SER K 445 -20.47 -11.95 40.11
CA SER K 445 -20.42 -13.31 40.63
C SER K 445 -21.70 -13.65 41.38
N PHE K 446 -22.01 -14.94 41.42
CA PHE K 446 -23.27 -15.40 42.04
C PHE K 446 -23.31 -15.12 43.54
N LYS K 447 -22.14 -15.13 44.20
CA LYS K 447 -22.08 -14.77 45.61
C LYS K 447 -22.52 -13.33 45.84
N ASN K 448 -22.00 -12.40 45.03
CA ASN K 448 -22.38 -11.01 45.18
C ASN K 448 -23.82 -10.77 44.76
N MET K 449 -24.31 -11.51 43.76
CA MET K 449 -25.73 -11.44 43.39
C MET K 449 -26.63 -11.85 44.54
N CYS K 450 -26.33 -12.99 45.17
CA CYS K 450 -27.13 -13.45 46.30
C CYS K 450 -27.01 -12.51 47.48
N LYS K 451 -25.83 -11.92 47.70
CA LYS K 451 -25.67 -10.95 48.77
C LYS K 451 -26.49 -9.70 48.54
N LEU K 452 -26.56 -9.22 47.29
CA LEU K 452 -27.25 -7.97 46.99
C LEU K 452 -28.76 -8.12 46.86
N ARG K 453 -29.25 -9.30 46.45
CA ARG K 453 -30.66 -9.52 46.07
C ARG K 453 -31.72 -9.09 47.10
N PRO K 454 -31.58 -9.34 48.42
CA PRO K 454 -32.66 -8.90 49.34
C PRO K 454 -32.84 -7.40 49.41
N LEU K 455 -31.79 -6.60 49.18
CA LEU K 455 -31.95 -5.15 49.22
C LEU K 455 -32.81 -4.65 48.07
N LEU K 456 -32.55 -5.13 46.85
CA LEU K 456 -33.39 -4.72 45.72
C LEU K 456 -34.77 -5.37 45.79
N GLN K 457 -34.90 -6.55 46.41
CA GLN K 457 -36.23 -7.10 46.63
C GLN K 457 -37.04 -6.21 47.58
N LYS K 458 -36.41 -5.74 48.65
CA LYS K 458 -37.04 -4.81 49.57
C LYS K 458 -37.40 -3.51 48.87
N TRP K 459 -36.51 -3.01 48.01
CA TRP K 459 -36.78 -1.79 47.27
C TRP K 459 -37.94 -1.98 46.30
N VAL K 460 -38.03 -3.15 45.66
CA VAL K 460 -39.08 -3.41 44.69
C VAL K 460 -40.45 -3.45 45.39
N GLU K 461 -40.52 -4.18 46.51
CA GLU K 461 -41.81 -4.26 47.21
C GLU K 461 -42.16 -2.93 47.88
N GLU K 462 -41.17 -2.14 48.31
CA GLU K 462 -41.45 -0.85 48.91
C GLU K 462 -41.94 0.15 47.87
N ALA K 463 -41.32 0.16 46.68
CA ALA K 463 -41.65 1.14 45.66
C ALA K 463 -43.04 0.96 45.06
N ASP K 464 -43.64 -0.22 45.20
CA ASP K 464 -44.97 -0.46 44.66
C ASP K 464 -46.05 0.39 45.34
N ASN K 465 -45.86 0.75 46.60
CA ASN K 465 -46.80 1.58 47.37
C ASN K 465 -46.29 3.01 47.49
N ASN K 466 -44.96 3.17 47.60
CA ASN K 466 -44.35 4.49 47.70
C ASN K 466 -42.93 4.46 47.15
N LYS L 392 -10.37 49.93 43.54
CA LYS L 392 -11.26 51.07 43.85
C LYS L 392 -10.99 52.24 42.90
N ALA L 393 -9.72 52.66 42.84
CA ALA L 393 -9.35 53.80 42.01
C ALA L 393 -9.35 53.43 40.52
N LEU L 394 -8.86 52.23 40.19
CA LEU L 394 -8.69 51.86 38.79
C LEU L 394 -10.03 51.63 38.10
N GLN L 395 -10.99 51.02 38.80
CA GLN L 395 -12.23 50.61 38.15
C GLN L 395 -13.09 51.81 37.78
N LYS L 396 -13.07 52.87 38.61
CA LYS L 396 -13.83 54.08 38.30
C LYS L 396 -13.30 54.75 37.04
N GLU L 397 -11.98 54.88 36.93
CA GLU L 397 -11.37 55.49 35.76
C GLU L 397 -11.59 54.63 34.51
N LEU L 398 -11.51 53.31 34.66
CA LEU L 398 -11.76 52.43 33.51
C LEU L 398 -13.21 52.49 33.08
N GLU L 399 -14.15 52.61 34.03
CA GLU L 399 -15.56 52.76 33.69
C GLU L 399 -15.80 54.07 32.93
N GLN L 400 -15.19 55.15 33.42
CA GLN L 400 -15.34 56.44 32.74
C GLN L 400 -14.75 56.40 31.33
N PHE L 401 -13.58 55.79 31.17
CA PHE L 401 -12.96 55.72 29.85
C PHE L 401 -13.75 54.79 28.93
N ALA L 402 -14.34 53.73 29.47
CA ALA L 402 -15.18 52.85 28.65
C ALA L 402 -16.44 53.58 28.19
N LYS L 403 -17.03 54.39 29.06
CA LYS L 403 -18.17 55.21 28.65
C LYS L 403 -17.77 56.20 27.57
N LEU L 404 -16.59 56.82 27.72
CA LEU L 404 -16.09 57.74 26.70
C LEU L 404 -15.86 57.02 25.37
N LEU L 405 -15.29 55.80 25.42
CA LEU L 405 -15.04 55.03 24.20
C LEU L 405 -16.35 54.66 23.52
N LYS L 406 -17.35 54.23 24.28
CA LYS L 406 -18.63 53.85 23.67
C LYS L 406 -19.34 55.07 23.09
N GLN L 407 -19.26 56.21 23.79
CA GLN L 407 -19.85 57.44 23.26
C GLN L 407 -19.15 57.89 21.98
N LYS L 408 -17.82 57.78 21.93
CA LYS L 408 -17.10 58.17 20.73
C LYS L 408 -17.41 57.23 19.57
N ARG L 409 -17.52 55.93 19.86
CA ARG L 409 -17.87 54.96 18.83
C ARG L 409 -19.28 55.20 18.29
N ILE L 410 -20.22 55.55 19.18
CA ILE L 410 -21.57 55.84 18.73
C ILE L 410 -21.60 57.13 17.92
N THR L 411 -20.82 58.13 18.33
CA THR L 411 -20.82 59.41 17.62
C THR L 411 -20.20 59.28 16.23
N LEU L 412 -19.03 58.65 16.13
CA LEU L 412 -18.37 58.47 14.84
C LEU L 412 -19.02 57.39 13.98
N GLY L 413 -19.91 56.56 14.54
CA GLY L 413 -20.63 55.57 13.76
C GLY L 413 -19.89 54.29 13.45
N TYR L 414 -18.66 54.12 13.96
CA TYR L 414 -17.93 52.88 13.73
C TYR L 414 -18.56 51.74 14.51
N THR L 415 -18.23 50.53 14.09
CA THR L 415 -18.59 49.29 14.79
C THR L 415 -17.40 48.82 15.62
N GLN L 416 -17.66 47.81 16.46
CA GLN L 416 -16.61 47.23 17.28
C GLN L 416 -15.55 46.54 16.43
N ALA L 417 -15.99 45.86 15.37
CA ALA L 417 -15.05 45.22 14.45
C ALA L 417 -14.21 46.25 13.72
N ASP L 418 -14.80 47.39 13.37
CA ASP L 418 -14.04 48.46 12.74
C ASP L 418 -12.97 49.01 13.67
N VAL L 419 -13.30 49.14 14.96
CA VAL L 419 -12.32 49.53 15.97
C VAL L 419 -11.19 48.51 16.03
N GLY L 420 -11.55 47.22 15.96
CA GLY L 420 -10.55 46.16 16.03
C GLY L 420 -9.59 46.15 14.85
N LEU L 421 -10.12 46.24 13.62
CA LEU L 421 -9.20 46.17 12.48
C LEU L 421 -8.44 47.48 12.33
N THR L 422 -8.98 48.60 12.83
CA THR L 422 -8.18 49.82 12.86
C THR L 422 -7.01 49.70 13.83
N LEU L 423 -7.23 49.08 15.00
CA LEU L 423 -6.13 48.81 15.93
C LEU L 423 -5.09 47.90 15.28
N GLY L 424 -5.56 46.88 14.57
CA GLY L 424 -4.65 46.01 13.83
C GLY L 424 -3.89 46.74 12.75
N VAL L 425 -4.51 47.76 12.14
CA VAL L 425 -3.84 48.53 11.11
C VAL L 425 -2.72 49.37 11.73
N LEU L 426 -3.08 50.30 12.62
CA LEU L 426 -2.10 51.27 13.11
C LEU L 426 -1.23 50.77 14.27
N PHE L 427 -1.38 49.50 14.71
CA PHE L 427 -0.43 48.86 15.61
C PHE L 427 0.08 47.51 15.13
N GLY L 428 -0.50 46.92 14.08
CA GLY L 428 -0.05 45.62 13.66
C GLY L 428 -0.38 44.49 14.61
N LYS L 429 -1.35 44.68 15.52
CA LYS L 429 -1.77 43.68 16.50
C LYS L 429 -3.30 43.69 16.47
N VAL L 430 -3.89 42.88 15.59
CA VAL L 430 -5.33 42.87 15.43
C VAL L 430 -5.97 42.14 16.61
N PHE L 431 -7.10 42.67 17.08
CA PHE L 431 -7.88 42.13 18.18
C PHE L 431 -9.31 41.91 17.71
N SER L 432 -9.92 40.83 18.18
CA SER L 432 -11.28 40.51 17.78
C SER L 432 -12.25 41.53 18.38
N GLN L 433 -13.44 41.62 17.77
CA GLN L 433 -14.48 42.51 18.26
C GLN L 433 -15.02 42.08 19.63
N THR L 434 -14.88 40.79 19.97
CA THR L 434 -15.26 40.31 21.29
C THR L 434 -14.47 41.02 22.38
N THR L 435 -13.17 41.23 22.15
CA THR L 435 -12.34 41.94 23.11
C THR L 435 -12.79 43.40 23.26
N ILE L 436 -13.16 44.03 22.15
CA ILE L 436 -13.58 45.43 22.18
C ILE L 436 -14.90 45.56 22.95
N CYS L 437 -15.86 44.68 22.66
CA CYS L 437 -17.15 44.75 23.35
C CYS L 437 -17.02 44.38 24.82
N ARG L 438 -16.12 43.45 25.14
CA ARG L 438 -15.89 43.09 26.53
C ARG L 438 -15.22 44.23 27.28
N PHE L 439 -14.36 45.00 26.60
CA PHE L 439 -13.86 46.24 27.20
C PHE L 439 -15.00 47.21 27.44
N GLU L 440 -15.93 47.32 26.48
CA GLU L 440 -17.06 48.23 26.65
C GLU L 440 -17.97 47.76 27.77
N ALA L 441 -18.13 46.45 27.95
CA ALA L 441 -18.92 45.87 29.02
C ALA L 441 -18.14 45.66 30.33
N LEU L 442 -16.83 45.96 30.36
CA LEU L 442 -15.95 45.85 31.53
C LEU L 442 -15.77 44.40 32.03
N GLN L 443 -16.18 43.39 31.25
CA GLN L 443 -16.08 42.02 31.72
C GLN L 443 -14.64 41.49 31.75
N LEU L 444 -13.70 42.16 31.09
CA LEU L 444 -12.32 41.71 31.12
C LEU L 444 -11.72 41.92 32.51
N SER L 445 -10.63 41.19 32.77
CA SER L 445 -9.90 41.37 34.02
C SER L 445 -9.22 42.73 34.05
N PHE L 446 -8.95 43.22 35.27
CA PHE L 446 -8.44 44.57 35.45
C PHE L 446 -7.06 44.75 34.85
N LYS L 447 -6.23 43.71 34.92
CA LYS L 447 -4.93 43.74 34.25
C LYS L 447 -5.10 43.84 32.74
N ASN L 448 -6.05 43.09 32.19
CA ASN L 448 -6.31 43.14 30.75
C ASN L 448 -6.87 44.50 30.34
N MET L 449 -7.74 45.07 31.17
CA MET L 449 -8.27 46.41 30.89
C MET L 449 -7.16 47.46 30.91
N CYS L 450 -6.26 47.38 31.90
CA CYS L 450 -5.15 48.32 31.99
C CYS L 450 -4.19 48.17 30.81
N LYS L 451 -3.96 46.92 30.38
CA LYS L 451 -3.11 46.70 29.21
C LYS L 451 -3.76 47.25 27.95
N LEU L 452 -5.08 47.08 27.81
CA LEU L 452 -5.77 47.51 26.61
C LEU L 452 -6.03 49.01 26.54
N ARG L 453 -6.02 49.72 27.68
CA ARG L 453 -6.44 51.12 27.73
C ARG L 453 -5.60 52.08 26.86
N PRO L 454 -4.25 52.06 26.87
CA PRO L 454 -3.52 53.05 26.05
C PRO L 454 -3.73 52.92 24.56
N LEU L 455 -4.01 51.70 24.07
CA LEU L 455 -4.25 51.52 22.64
C LEU L 455 -5.57 52.17 22.21
N LEU L 456 -6.63 52.00 23.01
CA LEU L 456 -7.88 52.68 22.68
C LEU L 456 -7.77 54.18 22.90
N GLN L 457 -6.94 54.61 23.86
CA GLN L 457 -6.68 56.05 24.00
C GLN L 457 -6.01 56.61 22.75
N LYS L 458 -5.04 55.88 22.20
CA LYS L 458 -4.38 56.28 20.97
C LYS L 458 -5.37 56.31 19.81
N TRP L 459 -6.26 55.32 19.74
CA TRP L 459 -7.27 55.30 18.68
C TRP L 459 -8.26 56.45 18.84
N VAL L 460 -8.58 56.82 20.08
CA VAL L 460 -9.52 57.91 20.33
C VAL L 460 -8.93 59.23 19.86
N GLU L 461 -7.68 59.50 20.25
CA GLU L 461 -7.07 60.77 19.83
C GLU L 461 -6.76 60.77 18.33
N GLU L 462 -6.52 59.60 17.73
CA GLU L 462 -6.28 59.55 16.29
C GLU L 462 -7.56 59.79 15.51
N ALA L 463 -8.66 59.16 15.93
CA ALA L 463 -9.93 59.23 15.20
C ALA L 463 -10.55 60.61 15.19
N ASP L 464 -10.18 61.50 16.12
CA ASP L 464 -10.75 62.84 16.17
C ASP L 464 -10.28 63.76 15.05
N ASN L 465 -9.28 63.36 14.25
CA ASN L 465 -8.75 64.17 13.14
C ASN L 465 -8.80 63.41 11.82
N ASN L 466 -8.65 62.09 11.87
CA ASN L 466 -8.69 61.25 10.67
C ASN L 466 -9.15 59.84 11.01
N GLU M 21 19.62 21.67 -18.74
CA GLU M 21 18.53 20.83 -18.28
C GLU M 21 17.65 21.58 -17.28
N VAL M 22 18.25 21.97 -16.15
CA VAL M 22 17.52 22.67 -15.10
C VAL M 22 17.62 24.16 -15.35
N GLN M 23 16.47 24.83 -15.37
CA GLN M 23 16.44 26.27 -15.59
C GLN M 23 15.24 26.86 -14.87
N LEU M 24 15.33 28.16 -14.56
CA LEU M 24 14.28 28.88 -13.85
C LEU M 24 14.05 30.20 -14.61
N GLN M 25 13.08 30.18 -15.51
CA GLN M 25 12.77 31.38 -16.29
C GLN M 25 12.13 32.44 -15.41
N GLN M 26 12.50 33.69 -15.64
CA GLN M 26 11.96 34.82 -14.90
C GLN M 26 11.52 35.91 -15.88
N SER M 27 10.71 36.83 -15.38
CA SER M 27 10.11 37.86 -16.20
C SER M 27 11.09 39.00 -16.45
N GLY M 28 10.65 39.99 -17.24
CA GLY M 28 11.47 41.14 -17.55
C GLY M 28 11.51 42.14 -16.42
N PRO M 29 12.26 43.21 -16.62
CA PRO M 29 12.39 44.24 -15.58
C PRO M 29 11.06 44.97 -15.35
N GLU M 30 10.82 45.30 -14.10
CA GLU M 30 9.61 46.00 -13.68
C GLU M 30 9.94 47.47 -13.38
N LEU M 31 9.19 48.37 -13.97
CA LEU M 31 9.21 49.79 -13.62
C LEU M 31 7.87 50.09 -12.96
N VAL M 32 7.86 50.19 -11.64
CA VAL M 32 6.62 50.19 -10.87
C VAL M 32 6.54 51.44 -10.01
N GLU M 33 5.33 52.00 -9.91
CA GLU M 33 5.07 53.13 -9.02
C GLU M 33 4.95 52.63 -7.59
N PRO M 34 5.24 53.50 -6.62
CA PRO M 34 5.18 53.07 -5.21
C PRO M 34 3.75 52.83 -4.76
N GLY M 35 3.61 51.98 -3.74
CA GLY M 35 2.32 51.68 -3.15
C GLY M 35 1.55 50.56 -3.80
N THR M 36 2.07 49.97 -4.87
CA THR M 36 1.37 48.90 -5.58
C THR M 36 1.98 47.55 -5.20
N SER M 37 1.54 46.51 -5.90
CA SER M 37 2.03 45.16 -5.69
C SER M 37 2.42 44.54 -7.04
N VAL M 38 3.38 43.62 -6.99
CA VAL M 38 3.96 43.04 -8.20
C VAL M 38 4.04 41.53 -8.06
N LYS M 39 3.65 40.83 -9.13
CA LYS M 39 3.84 39.40 -9.31
C LYS M 39 5.13 39.16 -10.09
N MET M 40 6.00 38.31 -9.56
CA MET M 40 7.16 37.83 -10.30
C MET M 40 7.09 36.32 -10.42
N PRO M 41 7.10 35.75 -11.63
CA PRO M 41 7.05 34.30 -11.79
C PRO M 41 8.45 33.68 -11.82
N CYS M 42 8.49 32.40 -11.49
CA CYS M 42 9.70 31.59 -11.48
C CYS M 42 9.45 30.23 -12.13
N LYS M 43 8.95 30.27 -13.36
CA LYS M 43 8.66 29.08 -14.15
C LYS M 43 9.88 28.17 -14.29
N ALA M 44 9.71 26.92 -13.87
CA ALA M 44 10.81 25.96 -13.76
C ALA M 44 10.58 24.78 -14.69
N SER M 45 11.68 24.21 -15.18
CA SER M 45 11.61 23.07 -16.08
C SER M 45 12.88 22.25 -15.96
N GLY M 46 12.79 21.00 -16.38
CA GLY M 46 13.94 20.11 -16.40
C GLY M 46 14.09 19.21 -15.18
N TYR M 47 13.18 19.28 -14.22
CA TYR M 47 13.28 18.46 -13.03
C TYR M 47 11.89 18.27 -12.43
N THR M 48 11.78 17.30 -11.54
CA THR M 48 10.54 17.06 -10.81
C THR M 48 10.22 18.25 -9.93
N PHE M 49 9.11 18.94 -10.21
CA PHE M 49 8.87 20.24 -9.63
C PHE M 49 8.58 20.17 -8.14
N THR M 50 7.82 19.17 -7.71
CA THR M 50 7.36 19.13 -6.32
C THR M 50 8.45 18.74 -5.34
N SER M 51 9.57 18.17 -5.81
CA SER M 51 10.58 17.63 -4.92
C SER M 51 11.66 18.65 -4.53
N TYR M 52 11.55 19.89 -4.99
CA TYR M 52 12.53 20.92 -4.66
C TYR M 52 11.83 22.19 -4.22
N THR M 53 12.32 22.79 -3.14
CA THR M 53 11.83 24.09 -2.71
C THR M 53 12.39 25.16 -3.62
N ILE M 54 11.64 26.25 -3.75
CA ILE M 54 12.06 27.42 -4.51
C ILE M 54 12.36 28.53 -3.51
N GLN M 55 13.58 29.02 -3.54
CA GLN M 55 14.03 30.10 -2.67
C GLN M 55 14.02 31.41 -3.43
N TRP M 56 13.66 32.48 -2.74
CA TRP M 56 13.62 33.82 -3.29
C TRP M 56 14.59 34.69 -2.50
N VAL M 57 15.49 35.36 -3.23
CA VAL M 57 16.55 36.19 -2.66
C VAL M 57 16.49 37.54 -3.35
N LYS M 58 16.82 38.61 -2.60
CA LYS M 58 16.89 39.95 -3.15
C LYS M 58 18.31 40.46 -3.06
N GLN M 59 18.74 41.20 -4.07
CA GLN M 59 20.09 41.75 -4.15
C GLN M 59 20.01 43.23 -4.47
N THR M 60 20.71 44.03 -3.66
CA THR M 60 20.84 45.46 -3.86
C THR M 60 22.31 45.84 -3.80
N PRO M 61 22.69 46.90 -4.51
CA PRO M 61 24.08 47.38 -4.38
C PRO M 61 24.42 47.88 -2.99
N ARG M 62 23.44 48.38 -2.25
CA ARG M 62 23.72 48.95 -0.93
C ARG M 62 24.09 47.88 0.08
N GLN M 63 23.36 46.77 0.11
CA GLN M 63 23.53 45.79 1.18
C GLN M 63 23.58 44.36 0.65
N GLY M 64 23.95 44.18 -0.61
CA GLY M 64 24.22 42.85 -1.13
C GLY M 64 22.97 42.00 -1.26
N LEU M 65 23.05 40.77 -0.77
CA LEU M 65 22.00 39.77 -0.93
C LEU M 65 21.30 39.50 0.40
N GLU M 66 19.98 39.39 0.35
CA GLU M 66 19.19 38.96 1.49
C GLU M 66 18.28 37.82 1.08
N TRP M 67 18.27 36.77 1.91
CA TRP M 67 17.37 35.64 1.68
C TRP M 67 15.95 36.06 2.05
N ILE M 68 15.07 36.13 1.05
CA ILE M 68 13.71 36.58 1.29
C ILE M 68 12.91 35.44 1.91
N GLY M 69 12.90 34.28 1.26
CA GLY M 69 12.13 33.18 1.79
C GLY M 69 12.17 31.98 0.87
N TYR M 70 11.29 31.03 1.13
CA TYR M 70 11.17 29.87 0.25
C TYR M 70 9.77 29.31 0.33
N ILE M 71 9.42 28.52 -0.69
CA ILE M 71 8.18 27.77 -0.73
C ILE M 71 8.46 26.35 -1.20
N TYR M 72 7.84 25.38 -0.54
CA TYR M 72 7.95 23.98 -0.90
C TYR M 72 6.68 23.59 -1.64
N PRO M 73 6.75 23.33 -2.94
CA PRO M 73 5.52 23.03 -3.70
C PRO M 73 4.93 21.65 -3.43
N TYR M 74 5.64 20.78 -2.72
CA TYR M 74 5.11 19.45 -2.43
C TYR M 74 3.91 19.53 -1.50
N ASN M 75 4.00 20.34 -0.45
CA ASN M 75 2.88 20.61 0.43
C ASN M 75 2.51 22.08 0.46
N ALA M 76 3.09 22.89 -0.43
CA ALA M 76 2.86 24.33 -0.47
C ALA M 76 3.27 25.01 0.84
N GLY M 77 4.33 24.50 1.46
CA GLY M 77 4.74 25.04 2.75
C GLY M 77 5.78 26.13 2.63
N THR M 78 5.47 27.33 3.10
CA THR M 78 6.34 28.47 2.91
C THR M 78 7.06 28.83 4.21
N LYS M 79 8.11 29.62 4.06
CA LYS M 79 8.82 30.19 5.21
C LYS M 79 9.52 31.45 4.75
N TYR M 80 9.20 32.58 5.40
CA TYR M 80 9.71 33.88 5.00
C TYR M 80 10.73 34.39 6.02
N ASN M 81 11.57 35.30 5.56
CA ASN M 81 12.45 36.01 6.48
C ASN M 81 11.63 36.91 7.38
N GLU M 82 12.18 37.20 8.56
CA GLU M 82 11.44 38.01 9.54
C GLU M 82 11.24 39.44 9.05
N LYS M 83 12.27 40.03 8.46
CA LYS M 83 12.14 41.40 7.96
C LYS M 83 11.24 41.46 6.73
N PHE M 84 11.13 40.37 5.98
CA PHE M 84 10.28 40.32 4.79
C PHE M 84 8.90 39.75 5.07
N LYS M 85 8.57 39.47 6.33
CA LYS M 85 7.27 38.90 6.66
C LYS M 85 6.16 39.91 6.39
N GLY M 86 5.18 39.49 5.62
CA GLY M 86 4.09 40.37 5.23
C GLY M 86 4.35 41.12 3.94
N LYS M 87 5.59 41.61 3.77
CA LYS M 87 5.94 42.34 2.56
C LYS M 87 5.92 41.44 1.34
N ALA M 88 6.40 40.21 1.48
CA ALA M 88 6.49 39.27 0.37
C ALA M 88 5.63 38.06 0.65
N THR M 89 4.96 37.56 -0.39
CA THR M 89 4.10 36.40 -0.29
C THR M 89 4.43 35.44 -1.42
N LEU M 90 4.68 34.17 -1.09
CA LEU M 90 5.04 33.18 -2.10
C LEU M 90 3.88 32.24 -2.36
N THR M 91 3.66 31.92 -3.63
CA THR M 91 2.58 31.04 -4.04
C THR M 91 3.10 30.06 -5.08
N SER M 92 2.43 28.93 -5.20
CA SER M 92 2.82 27.89 -6.14
C SER M 92 1.66 27.55 -7.07
N ASP M 93 2.01 27.05 -8.25
CA ASP M 93 1.02 26.58 -9.23
C ASP M 93 1.68 25.31 -9.77
N LYS M 94 1.16 24.17 -9.33
CA LYS M 94 1.74 22.89 -9.73
C LYS M 94 1.35 22.50 -11.15
N SER M 95 0.27 23.08 -11.68
CA SER M 95 -0.16 22.74 -13.02
C SER M 95 0.81 23.30 -14.06
N SER M 96 1.19 24.57 -13.92
CA SER M 96 2.14 25.19 -14.83
C SER M 96 3.58 25.08 -14.34
N SER M 97 3.79 24.53 -13.14
CA SER M 97 5.12 24.41 -12.54
C SER M 97 5.75 25.79 -12.33
N THR M 98 5.00 26.68 -11.70
CA THR M 98 5.42 28.06 -11.53
C THR M 98 5.34 28.46 -10.06
N VAL M 99 6.21 29.40 -9.67
CA VAL M 99 6.20 29.97 -8.34
C VAL M 99 6.12 31.48 -8.48
N TYR M 100 5.15 32.09 -7.81
CA TYR M 100 4.89 33.51 -7.91
C TYR M 100 5.26 34.21 -6.61
N MET M 101 5.85 35.40 -6.74
CA MET M 101 6.19 36.23 -5.60
C MET M 101 5.39 37.52 -5.67
N GLU M 102 4.67 37.83 -4.59
CA GLU M 102 3.96 39.08 -4.39
C GLU M 102 4.79 40.02 -3.54
N LEU M 103 5.11 41.18 -4.10
CA LEU M 103 5.61 42.31 -3.34
C LEU M 103 4.47 43.31 -3.18
N SER M 104 4.13 43.64 -1.94
CA SER M 104 2.97 44.48 -1.66
C SER M 104 3.43 45.77 -0.99
N SER M 105 2.83 46.89 -1.43
CA SER M 105 3.15 48.22 -0.91
C SER M 105 4.61 48.57 -1.19
N LEU M 106 4.95 48.62 -2.48
CA LEU M 106 6.31 48.86 -2.91
C LEU M 106 6.75 50.28 -2.54
N THR M 107 7.93 50.38 -1.93
CA THR M 107 8.55 51.66 -1.63
C THR M 107 9.74 51.87 -2.57
N SER M 108 10.45 52.99 -2.37
CA SER M 108 11.57 53.32 -3.25
C SER M 108 12.83 52.54 -2.86
N GLU M 109 12.80 51.86 -1.72
CA GLU M 109 13.97 51.16 -1.21
C GLU M 109 13.98 49.73 -1.75
N ASP M 110 12.95 49.37 -2.52
CA ASP M 110 12.79 48.03 -3.03
C ASP M 110 13.25 47.87 -4.46
N SER M 111 13.88 48.88 -5.06
CA SER M 111 14.45 48.75 -6.39
C SER M 111 15.69 47.87 -6.29
N ALA M 112 15.55 46.60 -6.66
CA ALA M 112 16.63 45.63 -6.52
C ALA M 112 16.38 44.50 -7.51
N VAL M 113 17.31 43.55 -7.55
CA VAL M 113 17.20 42.38 -8.40
C VAL M 113 16.70 41.23 -7.56
N TYR M 114 15.60 40.62 -7.98
CA TYR M 114 14.99 39.50 -7.26
C TYR M 114 15.30 38.21 -8.02
N TYR M 115 16.09 37.35 -7.40
CA TYR M 115 16.46 36.06 -7.95
C TYR M 115 15.63 34.96 -7.30
N CYS M 116 15.32 33.94 -8.08
CA CYS M 116 14.71 32.71 -7.56
C CYS M 116 15.63 31.55 -7.91
N ALA M 117 15.88 30.71 -6.92
CA ALA M 117 16.79 29.58 -7.05
C ALA M 117 16.10 28.31 -6.57
N ARG M 118 16.68 27.18 -6.93
CA ARG M 118 16.17 25.88 -6.52
C ARG M 118 17.03 25.34 -5.39
N LYS M 119 16.39 24.68 -4.43
CA LYS M 119 17.10 24.03 -3.34
C LYS M 119 16.36 22.77 -2.96
N SER M 120 17.08 21.65 -2.86
CA SER M 120 16.43 20.41 -2.46
C SER M 120 16.02 20.49 -1.00
N SER M 121 15.10 19.60 -0.62
CA SER M 121 14.64 19.54 0.76
C SER M 121 15.68 18.91 1.70
N ARG M 122 16.73 18.30 1.15
CA ARG M 122 17.82 17.81 1.99
C ARG M 122 18.53 18.97 2.65
N LEU M 123 18.91 18.79 3.92
CA LEU M 123 19.54 19.86 4.67
C LEU M 123 20.91 20.21 4.12
N ARG M 124 21.61 19.23 3.54
CA ARG M 124 22.95 19.46 3.03
C ARG M 124 22.93 20.20 1.70
N SER M 125 21.90 20.02 0.89
CA SER M 125 21.83 20.68 -0.40
C SER M 125 21.65 22.19 -0.24
N THR M 126 22.19 22.92 -1.19
CA THR M 126 22.15 24.38 -1.20
C THR M 126 21.40 24.87 -2.43
N LEU M 127 21.35 26.19 -2.59
CA LEU M 127 20.71 26.80 -3.75
C LEU M 127 21.61 26.56 -4.95
N ASP M 128 21.26 25.58 -5.78
CA ASP M 128 22.16 25.14 -6.84
C ASP M 128 21.92 25.84 -8.18
N TYR M 129 20.67 26.01 -8.58
CA TYR M 129 20.35 26.63 -9.87
C TYR M 129 19.57 27.91 -9.63
N TRP M 130 19.93 28.96 -10.36
CA TRP M 130 19.37 30.29 -10.16
C TRP M 130 18.68 30.78 -11.42
N GLY M 131 17.70 31.66 -11.24
CA GLY M 131 17.04 32.30 -12.36
C GLY M 131 17.79 33.53 -12.83
N GLN M 132 17.23 34.15 -13.87
CA GLN M 132 17.83 35.37 -14.42
C GLN M 132 17.77 36.51 -13.43
N GLY M 133 16.68 36.62 -12.67
CA GLY M 133 16.52 37.69 -11.72
C GLY M 133 15.85 38.91 -12.34
N THR M 134 14.72 39.32 -11.78
CA THR M 134 13.97 40.45 -12.30
C THR M 134 14.35 41.71 -11.55
N SER M 135 14.70 42.76 -12.29
CA SER M 135 15.08 44.04 -11.69
C SER M 135 13.83 44.88 -11.52
N VAL M 136 13.42 45.10 -10.27
CA VAL M 136 12.22 45.88 -9.96
C VAL M 136 12.68 47.23 -9.44
N THR M 137 12.30 48.29 -10.15
CA THR M 137 12.65 49.66 -9.79
C THR M 137 11.38 50.45 -9.53
N VAL M 138 11.31 51.06 -8.35
CA VAL M 138 10.15 51.84 -7.94
C VAL M 138 10.42 53.31 -8.23
N SER M 139 9.50 53.94 -8.95
CA SER M 139 9.65 55.35 -9.32
C SER M 139 9.58 56.26 -8.10
N ASP M 157 19.88 36.61 14.90
CA ASP M 157 20.32 36.10 13.60
C ASP M 157 21.78 35.68 13.62
N ILE M 158 22.30 35.33 12.45
CA ILE M 158 23.69 34.92 12.29
C ILE M 158 24.34 35.82 11.26
N LYS M 159 25.54 36.30 11.56
CA LYS M 159 26.24 37.26 10.72
C LYS M 159 27.43 36.58 10.06
N MET M 160 27.45 36.60 8.73
CA MET M 160 28.61 36.16 7.95
C MET M 160 29.52 37.36 7.71
N THR M 161 30.82 37.17 7.97
CA THR M 161 31.81 38.21 7.79
C THR M 161 32.93 37.68 6.91
N GLN M 162 33.09 38.29 5.73
CA GLN M 162 34.17 37.96 4.82
C GLN M 162 35.33 38.92 5.08
N SER M 163 36.51 38.37 5.35
CA SER M 163 37.65 39.22 5.68
C SER M 163 38.11 40.11 4.53
N PRO M 164 38.47 39.61 3.34
CA PRO M 164 38.92 40.51 2.28
C PRO M 164 37.74 41.09 1.51
N SER M 165 37.55 42.40 1.61
CA SER M 165 36.49 43.07 0.87
C SER M 165 36.74 42.98 -0.64
N SER M 166 37.99 43.12 -1.05
CA SER M 166 38.38 42.98 -2.44
C SER M 166 39.87 42.67 -2.49
N MET M 167 40.24 41.73 -3.35
CA MET M 167 41.62 41.28 -3.46
C MET M 167 42.10 41.44 -4.89
N HIS M 168 43.35 41.87 -5.04
CA HIS M 168 43.97 42.07 -6.35
C HIS M 168 44.93 40.92 -6.61
N ALA M 169 44.68 40.19 -7.69
CA ALA M 169 45.47 39.01 -8.03
C ALA M 169 45.75 38.99 -9.52
N SER M 170 46.93 38.46 -9.86
CA SER M 170 47.33 38.26 -11.25
C SER M 170 46.91 36.85 -11.68
N LEU M 171 47.54 36.35 -12.75
CA LEU M 171 47.05 35.15 -13.42
C LEU M 171 47.27 33.88 -12.60
N GLY M 172 48.35 33.79 -11.84
CA GLY M 172 48.73 32.48 -11.33
C GLY M 172 49.12 32.32 -9.88
N GLU M 173 48.44 32.98 -8.96
CA GLU M 173 48.74 32.80 -7.55
C GLU M 173 47.59 32.07 -6.85
N ARG M 174 47.73 31.92 -5.54
CA ARG M 174 46.70 31.34 -4.68
C ARG M 174 45.70 32.42 -4.29
N VAL M 175 44.43 32.03 -4.14
CA VAL M 175 43.39 32.93 -3.69
C VAL M 175 42.70 32.29 -2.49
N THR M 176 42.52 33.06 -1.42
CA THR M 176 41.88 32.56 -0.21
C THR M 176 40.92 33.62 0.33
N ILE M 177 39.69 33.19 0.63
CA ILE M 177 38.68 34.06 1.22
C ILE M 177 38.12 33.38 2.46
N THR M 178 37.76 34.18 3.45
CA THR M 178 37.29 33.68 4.74
C THR M 178 35.85 34.15 4.98
N CYS M 179 35.09 33.31 5.68
CA CYS M 179 33.66 33.51 5.91
C CYS M 179 33.31 33.24 7.37
N LYS M 180 33.95 33.98 8.28
CA LYS M 180 33.74 33.82 9.71
C LYS M 180 32.28 34.02 10.10
N ALA M 181 31.76 33.12 10.93
CA ALA M 181 30.34 33.06 11.25
C ALA M 181 30.10 33.50 12.68
N SER M 182 29.00 34.21 12.90
CA SER M 182 28.66 34.69 14.24
C SER M 182 28.36 33.53 15.19
N GLN M 183 27.64 32.52 14.71
CA GLN M 183 27.28 31.35 15.51
C GLN M 183 27.91 30.11 14.90
N ASP M 184 27.57 28.95 15.44
CA ASP M 184 28.13 27.68 14.99
C ASP M 184 27.12 27.12 13.99
N ILE M 185 27.60 26.80 12.80
CA ILE M 185 26.82 26.11 11.78
C ILE M 185 27.59 24.85 11.40
N ARG M 186 26.97 23.75 11.53
CA ARG M 186 27.69 22.61 11.17
C ARG M 186 27.65 22.68 9.72
N SER M 187 28.78 22.87 9.21
CA SER M 187 29.23 22.73 7.84
C SER M 187 28.16 23.07 6.80
N TYR M 188 27.16 23.86 7.17
CA TYR M 188 26.08 24.22 6.25
C TYR M 188 26.38 25.57 5.59
N LEU M 189 27.50 25.61 4.88
CA LEU M 189 27.96 26.82 4.22
C LEU M 189 28.24 26.55 2.76
N SER M 190 27.81 27.46 1.90
CA SER M 190 28.00 27.36 0.47
C SER M 190 28.73 28.60 -0.05
N TRP M 191 29.45 28.43 -1.14
CA TRP M 191 30.19 29.50 -1.79
C TRP M 191 29.67 29.67 -3.21
N TYR M 192 29.32 30.92 -3.55
CA TYR M 192 28.77 31.29 -4.84
C TYR M 192 29.66 32.33 -5.51
N GLN M 193 29.67 32.30 -6.85
CA GLN M 193 30.36 33.28 -7.67
C GLN M 193 29.35 33.99 -8.56
N GLN M 194 29.46 35.31 -8.64
CA GLN M 194 28.54 36.12 -9.43
C GLN M 194 29.32 37.03 -10.35
N LYS M 195 29.04 36.93 -11.65
CA LYS M 195 29.53 37.88 -12.63
C LYS M 195 28.65 39.12 -12.62
N PRO M 196 29.15 40.23 -13.16
CA PRO M 196 28.31 41.44 -13.23
C PRO M 196 27.14 41.26 -14.18
N TRP M 197 25.96 41.66 -13.72
CA TRP M 197 24.72 41.54 -14.50
C TRP M 197 24.38 40.09 -14.81
N LYS M 198 24.75 39.19 -13.90
CA LYS M 198 24.51 37.77 -14.10
C LYS M 198 24.02 37.16 -12.79
N SER M 199 23.31 36.04 -12.91
CA SER M 199 22.90 35.30 -11.74
C SER M 199 24.09 34.64 -11.07
N PRO M 200 24.05 34.46 -9.75
CA PRO M 200 25.16 33.78 -9.06
C PRO M 200 25.26 32.32 -9.47
N LYS M 201 26.47 31.78 -9.40
CA LYS M 201 26.74 30.40 -9.75
C LYS M 201 27.24 29.68 -8.51
N THR M 202 26.70 28.49 -8.25
CA THR M 202 27.11 27.72 -7.09
C THR M 202 28.49 27.11 -7.31
N LEU M 203 29.39 27.37 -6.38
CA LEU M 203 30.74 26.79 -6.42
C LEU M 203 30.89 25.65 -5.43
N ILE M 204 30.57 25.89 -4.16
CA ILE M 204 30.79 24.92 -3.10
C ILE M 204 29.52 24.78 -2.29
N TYR M 205 29.18 23.54 -1.92
CA TYR M 205 28.10 23.28 -0.99
C TYR M 205 28.58 22.35 0.11
N TYR M 206 28.01 22.51 1.30
CA TYR M 206 28.39 21.76 2.50
C TYR M 206 29.81 22.06 2.95
N ALA M 207 30.36 23.20 2.54
CA ALA M 207 31.65 23.76 2.95
C ALA M 207 32.88 23.04 2.38
N THR M 208 32.68 21.89 1.74
CA THR M 208 33.78 21.19 1.08
C THR M 208 33.43 20.65 -0.30
N SER M 209 32.18 20.28 -0.55
CA SER M 209 31.82 19.60 -1.79
C SER M 209 31.77 20.56 -2.97
N LEU M 210 32.24 20.10 -4.11
CA LEU M 210 32.17 20.88 -5.34
C LEU M 210 30.78 20.81 -5.92
N ALA M 211 30.30 21.92 -6.47
CA ALA M 211 29.01 21.93 -7.14
C ALA M 211 29.10 21.15 -8.44
N ASP M 212 27.94 20.92 -9.05
CA ASP M 212 27.88 20.12 -10.27
C ASP M 212 28.48 20.90 -11.43
N GLY M 213 29.53 20.36 -12.02
CA GLY M 213 30.19 20.98 -13.15
C GLY M 213 31.28 21.96 -12.80
N VAL M 214 31.45 22.29 -11.52
CA VAL M 214 32.54 23.18 -11.11
C VAL M 214 33.86 22.42 -11.22
N PRO M 215 34.94 23.06 -11.67
CA PRO M 215 36.23 22.37 -11.73
C PRO M 215 36.76 22.06 -10.35
N SER M 216 37.81 21.24 -10.31
CA SER M 216 38.43 20.83 -9.05
C SER M 216 39.43 21.87 -8.57
N ARG M 217 39.63 22.92 -9.37
CA ARG M 217 40.53 24.01 -8.97
C ARG M 217 40.03 24.73 -7.73
N PHE M 218 38.72 24.99 -7.65
CA PHE M 218 38.14 25.55 -6.44
C PHE M 218 38.15 24.53 -5.32
N SER M 219 38.27 25.02 -4.09
CA SER M 219 38.26 24.14 -2.93
C SER M 219 37.63 24.87 -1.75
N GLY M 220 36.98 24.11 -0.88
CA GLY M 220 36.40 24.64 0.34
C GLY M 220 37.01 23.95 1.54
N SER M 221 37.05 24.65 2.66
CA SER M 221 37.61 24.08 3.88
C SER M 221 36.99 24.78 5.07
N GLY M 222 37.13 24.15 6.23
CA GLY M 222 36.63 24.71 7.47
C GLY M 222 35.39 24.01 7.97
N SER M 223 34.93 24.47 9.13
CA SER M 223 33.78 23.89 9.80
C SER M 223 33.50 24.71 11.05
N GLY M 224 32.28 24.60 11.56
CA GLY M 224 31.91 25.34 12.75
C GLY M 224 31.64 26.79 12.45
N GLN M 225 32.55 27.66 12.87
CA GLN M 225 32.42 29.10 12.65
C GLN M 225 33.42 29.66 11.66
N ASP M 226 34.43 28.89 11.27
CA ASP M 226 35.47 29.36 10.36
C ASP M 226 35.43 28.54 9.08
N PHE M 227 35.29 29.24 7.95
CA PHE M 227 35.25 28.62 6.64
C PHE M 227 36.13 29.41 5.69
N SER M 228 36.65 28.72 4.67
CA SER M 228 37.53 29.35 3.71
C SER M 228 37.31 28.74 2.33
N LEU M 229 37.43 29.58 1.31
CA LEU M 229 37.37 29.16 -0.09
C LEU M 229 38.69 29.50 -0.76
N THR M 230 39.25 28.53 -1.48
CA THR M 230 40.55 28.68 -2.12
C THR M 230 40.41 28.47 -3.63
N ILE M 231 40.92 29.42 -4.39
CA ILE M 231 41.02 29.31 -5.84
C ILE M 231 42.48 29.06 -6.18
N ASN M 232 42.73 28.03 -7.01
CA ASN M 232 44.07 27.51 -7.19
C ASN M 232 44.90 28.40 -8.13
N ASN M 233 44.50 28.51 -9.39
CA ASN M 233 45.19 29.33 -10.36
C ASN M 233 44.17 30.14 -11.15
N LEU M 234 44.48 31.40 -11.37
CA LEU M 234 43.44 32.30 -11.84
C LEU M 234 43.29 32.25 -13.35
N GLU M 235 42.04 32.24 -13.80
CA GLU M 235 41.73 32.45 -15.20
C GLU M 235 41.27 33.89 -15.36
N SER M 236 41.04 34.30 -16.61
CA SER M 236 40.47 35.61 -16.85
C SER M 236 39.02 35.67 -16.39
N ASP M 237 38.32 34.55 -16.41
CA ASP M 237 36.90 34.54 -16.04
C ASP M 237 36.68 34.58 -14.54
N ASP M 238 37.75 34.46 -13.74
CA ASP M 238 37.61 34.45 -12.29
C ASP M 238 37.28 35.82 -11.70
N THR M 239 37.36 36.88 -12.49
CA THR M 239 36.98 38.22 -12.03
C THR M 239 35.47 38.24 -11.78
N ALA M 240 35.08 38.29 -10.52
CA ALA M 240 33.67 38.27 -10.14
C ALA M 240 33.59 38.56 -8.65
N THR M 241 32.37 38.51 -8.11
CA THR M 241 32.13 38.70 -6.69
C THR M 241 31.78 37.37 -6.05
N TYR M 242 32.46 37.02 -4.97
CA TYR M 242 32.28 35.74 -4.30
C TYR M 242 31.56 35.95 -2.98
N TYR M 243 30.47 35.21 -2.79
CA TYR M 243 29.65 35.30 -1.60
C TYR M 243 29.63 33.95 -0.89
N CYS M 244 29.39 33.99 0.41
CA CYS M 244 29.22 32.79 1.21
C CYS M 244 27.89 32.85 1.94
N LEU M 245 27.11 31.78 1.82
CA LEU M 245 25.77 31.70 2.37
C LEU M 245 25.69 30.57 3.38
N GLN M 246 25.13 30.86 4.55
CA GLN M 246 24.87 29.85 5.56
C GLN M 246 23.38 29.50 5.54
N HIS M 247 23.07 28.21 5.54
CA HIS M 247 21.69 27.75 5.62
C HIS M 247 21.50 26.78 6.78
N GLY M 248 22.29 26.94 7.84
CA GLY M 248 22.16 26.11 9.02
C GLY M 248 21.11 26.55 10.01
N GLU M 249 20.53 27.73 9.84
CA GLU M 249 19.53 28.27 10.74
C GLU M 249 18.36 28.81 9.95
N SER M 250 17.36 29.30 10.68
CA SER M 250 16.09 29.70 10.05
C SER M 250 16.23 30.87 9.08
N PRO M 251 16.83 32.02 9.44
CA PRO M 251 17.09 33.03 8.41
C PRO M 251 18.42 32.79 7.71
N TYR M 252 18.39 32.50 6.42
CA TYR M 252 19.62 32.27 5.69
C TYR M 252 20.31 33.60 5.44
N THR M 253 21.61 33.66 5.72
CA THR M 253 22.36 34.90 5.66
C THR M 253 23.53 34.75 4.68
N PHE M 254 23.71 35.74 3.84
CA PHE M 254 24.83 35.79 2.92
C PHE M 254 25.98 36.60 3.52
N GLY M 255 27.17 36.40 2.97
CA GLY M 255 28.30 37.21 3.34
C GLY M 255 28.28 38.57 2.66
N SER M 256 29.22 39.42 3.07
CA SER M 256 29.32 40.73 2.45
C SER M 256 29.78 40.63 1.00
N GLY M 257 30.53 39.60 0.67
CA GLY M 257 31.03 39.43 -0.69
C GLY M 257 32.41 40.02 -0.86
N THR M 258 33.20 39.38 -1.71
CA THR M 258 34.56 39.81 -1.99
C THR M 258 34.75 39.94 -3.50
N LYS M 259 35.32 41.06 -3.92
CA LYS M 259 35.55 41.31 -5.34
C LYS M 259 36.91 40.79 -5.74
N LEU M 260 36.99 40.13 -6.89
CA LEU M 260 38.23 39.58 -7.40
C LEU M 260 38.37 39.92 -8.87
N GLU M 261 39.55 40.38 -9.26
CA GLU M 261 39.86 40.68 -10.65
C GLU M 261 41.24 40.14 -10.98
N ILE M 262 41.46 39.83 -12.26
CA ILE M 262 42.69 39.21 -12.72
C ILE M 262 43.40 40.16 -13.65
N LYS M 263 44.65 40.50 -13.31
CA LYS M 263 45.56 41.38 -14.06
C LYS M 263 44.94 42.68 -14.58
N GLU N 21 -18.66 -25.18 9.36
CA GLU N 21 -18.36 -23.78 9.13
C GLU N 21 -19.00 -23.27 7.85
N VAL N 22 -18.73 -23.95 6.74
CA VAL N 22 -19.30 -23.57 5.45
C VAL N 22 -20.73 -24.06 5.38
N GLN N 23 -21.66 -23.15 5.09
CA GLN N 23 -23.08 -23.46 5.03
C GLN N 23 -23.67 -22.91 3.75
N LEU N 24 -24.64 -23.65 3.21
CA LEU N 24 -25.39 -23.24 2.02
C LEU N 24 -26.87 -23.27 2.39
N GLN N 25 -27.41 -22.10 2.72
CA GLN N 25 -28.81 -22.01 3.12
C GLN N 25 -29.73 -22.02 1.91
N GLN N 26 -30.83 -22.75 2.01
CA GLN N 26 -31.82 -22.84 0.94
C GLN N 26 -33.21 -22.59 1.52
N SER N 27 -34.21 -22.58 0.64
CA SER N 27 -35.58 -22.33 1.03
C SER N 27 -36.32 -23.65 1.23
N GLY N 28 -37.60 -23.55 1.59
CA GLY N 28 -38.41 -24.72 1.84
C GLY N 28 -38.98 -25.29 0.57
N PRO N 29 -39.84 -26.30 0.73
CA PRO N 29 -40.44 -26.95 -0.44
C PRO N 29 -41.40 -26.00 -1.15
N GLU N 30 -41.52 -26.19 -2.46
CA GLU N 30 -42.33 -25.35 -3.32
C GLU N 30 -43.42 -26.17 -3.97
N LEU N 31 -44.64 -25.65 -3.98
CA LEU N 31 -45.77 -26.23 -4.70
C LEU N 31 -46.13 -25.26 -5.82
N VAL N 32 -46.04 -25.72 -7.06
CA VAL N 32 -46.18 -24.82 -8.21
C VAL N 32 -47.03 -25.51 -9.27
N GLU N 33 -47.96 -24.74 -9.84
CA GLU N 33 -48.74 -25.20 -10.98
C GLU N 33 -47.92 -25.09 -12.27
N PRO N 34 -48.24 -25.91 -13.26
CA PRO N 34 -47.43 -25.95 -14.49
C PRO N 34 -47.56 -24.67 -15.30
N GLY N 35 -46.47 -24.31 -15.98
CA GLY N 35 -46.44 -23.20 -16.89
C GLY N 35 -45.80 -21.94 -16.35
N THR N 36 -45.70 -21.79 -15.03
CA THR N 36 -45.11 -20.60 -14.44
C THR N 36 -43.62 -20.82 -14.18
N SER N 37 -42.99 -19.92 -13.43
CA SER N 37 -41.58 -20.00 -13.12
C SER N 37 -41.36 -19.91 -11.62
N VAL N 38 -40.27 -20.53 -11.16
CA VAL N 38 -39.95 -20.61 -9.74
C VAL N 38 -38.49 -20.22 -9.54
N LYS N 39 -38.24 -19.42 -8.51
CA LYS N 39 -36.90 -18.93 -8.17
C LYS N 39 -36.54 -19.40 -6.77
N MET N 40 -35.36 -20.01 -6.63
CA MET N 40 -34.91 -20.49 -5.34
C MET N 40 -33.51 -19.97 -5.02
N PRO N 41 -33.24 -19.62 -3.77
CA PRO N 41 -31.94 -19.07 -3.41
C PRO N 41 -30.97 -20.11 -2.88
N CYS N 42 -29.68 -19.77 -2.88
CA CYS N 42 -28.61 -20.61 -2.34
C CYS N 42 -27.68 -19.75 -1.48
N LYS N 43 -28.25 -19.04 -0.52
CA LYS N 43 -27.53 -18.16 0.41
C LYS N 43 -26.39 -18.88 1.12
N ALA N 44 -25.20 -18.30 1.06
CA ALA N 44 -23.98 -18.95 1.49
C ALA N 44 -23.25 -18.10 2.52
N SER N 45 -22.45 -18.76 3.36
CA SER N 45 -21.70 -18.07 4.39
C SER N 45 -20.54 -18.95 4.82
N GLY N 46 -19.59 -18.33 5.53
CA GLY N 46 -18.45 -19.04 6.07
C GLY N 46 -17.24 -19.12 5.18
N TYR N 47 -17.28 -18.49 4.00
CA TYR N 47 -16.14 -18.55 3.09
C TYR N 47 -16.23 -17.35 2.14
N THR N 48 -15.12 -17.10 1.44
CA THR N 48 -15.08 -16.06 0.42
C THR N 48 -16.02 -16.42 -0.72
N PHE N 49 -17.08 -15.64 -0.89
CA PHE N 49 -18.18 -16.02 -1.78
C PHE N 49 -17.73 -16.04 -3.25
N THR N 50 -16.92 -15.07 -3.65
CA THR N 50 -16.57 -14.92 -5.06
C THR N 50 -15.51 -15.90 -5.53
N SER N 51 -14.85 -16.61 -4.62
CA SER N 51 -13.75 -17.49 -5.01
C SER N 51 -14.19 -18.94 -5.24
N TYR N 52 -15.48 -19.23 -5.13
CA TYR N 52 -16.00 -20.57 -5.36
C TYR N 52 -17.22 -20.51 -6.25
N THR N 53 -17.29 -21.42 -7.23
CA THR N 53 -18.47 -21.54 -8.05
C THR N 53 -19.57 -22.26 -7.29
N ILE N 54 -20.81 -21.94 -7.64
CA ILE N 54 -21.98 -22.61 -7.09
C ILE N 54 -22.57 -23.47 -8.18
N GLN N 55 -22.61 -24.78 -7.95
CA GLN N 55 -23.17 -25.74 -8.88
C GLN N 55 -24.57 -26.11 -8.45
N TRP N 56 -25.42 -26.42 -9.43
CA TRP N 56 -26.79 -26.83 -9.20
C TRP N 56 -27.02 -28.17 -9.87
N VAL N 57 -27.57 -29.11 -9.11
CA VAL N 57 -27.93 -30.43 -9.59
C VAL N 57 -29.37 -30.70 -9.18
N LYS N 58 -30.00 -31.65 -9.87
CA LYS N 58 -31.37 -32.06 -9.57
C LYS N 58 -31.41 -33.56 -9.32
N GLN N 59 -32.27 -33.97 -8.40
CA GLN N 59 -32.42 -35.37 -8.03
C GLN N 59 -33.88 -35.77 -8.18
N THR N 60 -34.10 -36.87 -8.90
CA THR N 60 -35.40 -37.47 -9.12
C THR N 60 -35.33 -38.97 -8.81
N PRO N 61 -36.42 -39.56 -8.36
CA PRO N 61 -36.47 -41.03 -8.24
C PRO N 61 -36.28 -41.74 -9.57
N ARG N 62 -36.72 -41.13 -10.68
CA ARG N 62 -36.70 -41.81 -11.96
C ARG N 62 -35.28 -42.06 -12.46
N GLN N 63 -34.45 -41.01 -12.47
CA GLN N 63 -33.10 -41.13 -13.02
C GLN N 63 -32.03 -40.59 -12.08
N GLY N 64 -32.37 -40.37 -10.81
CA GLY N 64 -31.36 -39.99 -9.82
C GLY N 64 -30.80 -38.61 -10.04
N LEU N 65 -29.56 -38.42 -9.60
CA LEU N 65 -28.90 -37.13 -9.67
C LEU N 65 -28.47 -36.81 -11.09
N GLU N 66 -28.59 -35.54 -11.45
CA GLU N 66 -28.08 -35.05 -12.74
C GLU N 66 -27.65 -33.60 -12.56
N TRP N 67 -26.55 -33.24 -13.23
CA TRP N 67 -25.94 -31.94 -13.07
C TRP N 67 -26.65 -30.90 -13.92
N ILE N 68 -27.19 -29.87 -13.28
CA ILE N 68 -27.88 -28.81 -14.02
C ILE N 68 -26.88 -27.82 -14.61
N GLY N 69 -26.06 -27.22 -13.76
CA GLY N 69 -25.10 -26.24 -14.25
C GLY N 69 -24.31 -25.63 -13.12
N TYR N 70 -23.68 -24.50 -13.41
CA TYR N 70 -22.96 -23.77 -12.36
C TYR N 70 -22.83 -22.30 -12.75
N ILE N 71 -22.58 -21.49 -11.73
CA ILE N 71 -22.30 -20.07 -11.88
C ILE N 71 -21.10 -19.71 -11.04
N TYR N 72 -20.18 -18.94 -11.62
CA TYR N 72 -19.01 -18.43 -10.93
C TYR N 72 -19.24 -16.97 -10.57
N PRO N 73 -19.39 -16.64 -9.29
CA PRO N 73 -19.71 -15.26 -8.92
C PRO N 73 -18.57 -14.27 -9.09
N TYR N 74 -17.34 -14.75 -9.29
CA TYR N 74 -16.21 -13.84 -9.47
C TYR N 74 -16.36 -13.00 -10.73
N ASN N 75 -16.81 -13.61 -11.81
CA ASN N 75 -17.10 -12.89 -13.05
C ASN N 75 -18.54 -13.06 -13.49
N ALA N 76 -19.39 -13.68 -12.67
CA ALA N 76 -20.77 -14.01 -13.03
C ALA N 76 -20.82 -14.90 -14.27
N GLY N 77 -19.88 -15.82 -14.38
CA GLY N 77 -19.77 -16.66 -15.57
C GLY N 77 -20.46 -18.00 -15.36
N THR N 78 -21.45 -18.26 -16.19
CA THR N 78 -22.28 -19.44 -16.03
C THR N 78 -21.94 -20.49 -17.07
N LYS N 79 -22.36 -21.73 -16.78
CA LYS N 79 -22.28 -22.81 -17.75
C LYS N 79 -23.39 -23.80 -17.42
N TYR N 80 -24.24 -24.09 -18.41
CA TYR N 80 -25.41 -24.91 -18.21
C TYR N 80 -25.27 -26.24 -18.92
N ASN N 81 -25.96 -27.25 -18.40
CA ASN N 81 -26.07 -28.51 -19.10
C ASN N 81 -26.86 -28.31 -20.38
N GLU N 82 -26.59 -29.16 -21.37
CA GLU N 82 -27.23 -29.02 -22.68
C GLU N 82 -28.73 -29.29 -22.59
N LYS N 83 -29.14 -30.26 -21.78
CA LYS N 83 -30.55 -30.60 -21.65
C LYS N 83 -31.30 -29.64 -20.73
N PHE N 84 -30.61 -28.72 -20.07
CA PHE N 84 -31.26 -27.75 -19.20
C PHE N 84 -31.17 -26.32 -19.71
N LYS N 85 -30.71 -26.11 -20.93
CA LYS N 85 -30.63 -24.75 -21.47
C LYS N 85 -32.02 -24.19 -21.71
N GLY N 86 -32.25 -22.99 -21.23
CA GLY N 86 -33.55 -22.35 -21.35
C GLY N 86 -34.48 -22.66 -20.20
N LYS N 87 -34.54 -23.92 -19.80
CA LYS N 87 -35.38 -24.31 -18.67
C LYS N 87 -34.87 -23.71 -17.37
N ALA N 88 -33.55 -23.67 -17.20
CA ALA N 88 -32.93 -23.19 -15.97
C ALA N 88 -31.98 -22.04 -16.28
N THR N 89 -32.01 -21.01 -15.45
CA THR N 89 -31.09 -19.88 -15.55
C THR N 89 -30.54 -19.56 -14.17
N LEU N 90 -29.27 -19.18 -14.13
CA LEU N 90 -28.56 -18.93 -12.89
C LEU N 90 -28.18 -17.46 -12.78
N THR N 91 -28.35 -16.90 -11.59
CA THR N 91 -27.99 -15.52 -11.34
C THR N 91 -27.26 -15.43 -10.01
N SER N 92 -26.51 -14.35 -9.82
CA SER N 92 -25.75 -14.14 -8.60
C SER N 92 -26.01 -12.75 -8.06
N ASP N 93 -25.94 -12.63 -6.73
CA ASP N 93 -26.07 -11.34 -6.06
C ASP N 93 -24.87 -11.37 -5.10
N LYS N 94 -23.83 -10.62 -5.46
CA LYS N 94 -22.62 -10.59 -4.66
C LYS N 94 -22.83 -9.84 -3.35
N SER N 95 -23.76 -8.90 -3.32
CA SER N 95 -23.98 -8.09 -2.12
C SER N 95 -24.53 -8.92 -0.98
N SER N 96 -25.50 -9.78 -1.25
CA SER N 96 -26.09 -10.64 -0.24
C SER N 96 -25.40 -12.00 -0.15
N SER N 97 -24.43 -12.26 -1.03
CA SER N 97 -23.75 -13.55 -1.11
C SER N 97 -24.74 -14.68 -1.43
N THR N 98 -25.52 -14.47 -2.48
CA THR N 98 -26.62 -15.38 -2.80
C THR N 98 -26.55 -15.77 -4.28
N VAL N 99 -27.00 -16.99 -4.56
CA VAL N 99 -27.10 -17.49 -5.92
C VAL N 99 -28.53 -17.96 -6.15
N TYR N 100 -29.13 -17.54 -7.25
CA TYR N 100 -30.52 -17.80 -7.55
C TYR N 100 -30.65 -18.73 -8.75
N MET N 101 -31.51 -19.74 -8.60
CA MET N 101 -31.84 -20.68 -9.66
C MET N 101 -33.28 -20.43 -10.09
N GLU N 102 -33.48 -20.21 -11.38
CA GLU N 102 -34.80 -19.93 -11.94
C GLU N 102 -35.18 -21.03 -12.91
N LEU N 103 -36.28 -21.70 -12.64
CA LEU N 103 -36.86 -22.69 -13.54
C LEU N 103 -38.08 -22.08 -14.22
N SER N 104 -38.11 -22.13 -15.54
CA SER N 104 -39.18 -21.55 -16.33
C SER N 104 -39.96 -22.65 -17.03
N SER N 105 -41.29 -22.49 -17.07
CA SER N 105 -42.20 -23.45 -17.69
C SER N 105 -42.10 -24.83 -17.01
N LEU N 106 -42.47 -24.85 -15.74
CA LEU N 106 -42.40 -26.06 -14.94
C LEU N 106 -43.38 -27.11 -15.46
N THR N 107 -42.86 -28.16 -16.09
CA THR N 107 -43.67 -29.23 -16.62
C THR N 107 -43.94 -30.25 -15.51
N SER N 108 -44.54 -31.40 -15.88
CA SER N 108 -44.85 -32.43 -14.91
C SER N 108 -43.59 -33.06 -14.35
N GLU N 109 -42.60 -33.31 -15.21
CA GLU N 109 -41.35 -33.95 -14.79
C GLU N 109 -40.30 -32.93 -14.39
N ASP N 110 -40.70 -31.98 -13.55
CA ASP N 110 -39.78 -31.04 -12.92
C ASP N 110 -39.84 -31.11 -11.41
N SER N 111 -40.80 -31.83 -10.83
CA SER N 111 -40.90 -31.99 -9.38
C SER N 111 -39.74 -32.86 -8.93
N ALA N 112 -38.73 -32.24 -8.31
CA ALA N 112 -37.53 -32.95 -7.90
C ALA N 112 -36.92 -32.20 -6.72
N VAL N 113 -35.83 -32.75 -6.21
CA VAL N 113 -35.05 -32.09 -5.16
C VAL N 113 -33.89 -31.38 -5.83
N TYR N 114 -33.86 -30.06 -5.77
CA TYR N 114 -32.81 -29.26 -6.39
C TYR N 114 -31.78 -28.90 -5.34
N TYR N 115 -30.55 -29.38 -5.54
CA TYR N 115 -29.45 -29.17 -4.62
C TYR N 115 -28.49 -28.15 -5.22
N CYS N 116 -27.96 -27.28 -4.36
CA CYS N 116 -26.88 -26.38 -4.73
C CYS N 116 -25.66 -26.73 -3.88
N ALA N 117 -24.53 -26.88 -4.54
CA ALA N 117 -23.27 -27.26 -3.90
C ALA N 117 -22.21 -26.23 -4.23
N ARG N 118 -21.14 -26.25 -3.44
CA ARG N 118 -19.99 -25.39 -3.66
C ARG N 118 -18.90 -26.20 -4.36
N LYS N 119 -18.15 -25.52 -5.23
CA LYS N 119 -17.01 -26.16 -5.87
C LYS N 119 -15.96 -25.11 -6.15
N SER N 120 -14.72 -25.41 -5.79
CA SER N 120 -13.63 -24.49 -6.12
C SER N 120 -13.43 -24.43 -7.63
N SER N 121 -12.80 -23.35 -8.08
CA SER N 121 -12.48 -23.24 -9.50
C SER N 121 -11.33 -24.14 -9.91
N ARG N 122 -10.60 -24.72 -8.95
CA ARG N 122 -9.56 -25.69 -9.28
C ARG N 122 -10.17 -26.94 -9.88
N LEU N 123 -9.52 -27.47 -10.91
CA LEU N 123 -10.06 -28.60 -11.65
C LEU N 123 -10.06 -29.87 -10.82
N ARG N 124 -9.14 -29.97 -9.85
CA ARG N 124 -9.09 -31.12 -8.97
C ARG N 124 -10.19 -31.12 -7.91
N SER N 125 -10.68 -29.94 -7.53
CA SER N 125 -11.69 -29.84 -6.49
C SER N 125 -13.03 -30.40 -6.98
N THR N 126 -13.87 -30.77 -6.03
CA THR N 126 -15.19 -31.30 -6.33
C THR N 126 -16.26 -30.52 -5.56
N LEU N 127 -17.50 -31.00 -5.60
CA LEU N 127 -18.60 -30.37 -4.87
C LEU N 127 -18.50 -30.79 -3.41
N ASP N 128 -17.73 -30.02 -2.64
CA ASP N 128 -17.42 -30.43 -1.28
C ASP N 128 -18.62 -30.26 -0.34
N TYR N 129 -19.25 -29.09 -0.35
CA TYR N 129 -20.35 -28.81 0.55
C TYR N 129 -21.65 -28.65 -0.23
N TRP N 130 -22.75 -29.07 0.38
CA TRP N 130 -24.04 -29.10 -0.28
C TRP N 130 -25.07 -28.36 0.56
N GLY N 131 -26.13 -27.89 -0.10
CA GLY N 131 -27.27 -27.31 0.58
C GLY N 131 -28.29 -28.36 0.96
N GLN N 132 -29.34 -27.89 1.64
CA GLN N 132 -30.40 -28.80 2.07
C GLN N 132 -31.18 -29.34 0.89
N GLY N 133 -31.38 -28.52 -0.14
CA GLY N 133 -32.10 -28.95 -1.31
C GLY N 133 -33.58 -28.60 -1.23
N THR N 134 -34.11 -27.91 -2.23
CA THR N 134 -35.51 -27.52 -2.25
C THR N 134 -36.30 -28.53 -3.06
N SER N 135 -37.37 -29.05 -2.48
CA SER N 135 -38.23 -30.01 -3.16
C SER N 135 -39.35 -29.25 -3.86
N VAL N 136 -39.32 -29.25 -5.19
CA VAL N 136 -40.29 -28.53 -6.00
C VAL N 136 -41.24 -29.55 -6.61
N THR N 137 -42.53 -29.34 -6.40
CA THR N 137 -43.56 -30.24 -6.92
C THR N 137 -44.48 -29.47 -7.84
N VAL N 138 -44.62 -29.94 -9.08
CA VAL N 138 -45.46 -29.31 -10.09
C VAL N 138 -46.85 -29.92 -10.00
N SER N 139 -47.87 -29.06 -9.92
CA SER N 139 -49.25 -29.52 -9.85
C SER N 139 -49.73 -30.00 -11.22
N ASP N 157 -21.76 -37.08 -24.40
CA ASP N 157 -21.60 -37.10 -22.95
C ASP N 157 -20.85 -38.34 -22.51
N ILE N 158 -20.63 -38.46 -21.20
CA ILE N 158 -19.98 -39.61 -20.59
C ILE N 158 -20.99 -40.30 -19.69
N LYS N 159 -21.24 -41.58 -19.96
CA LYS N 159 -22.12 -42.40 -19.14
C LYS N 159 -21.28 -43.12 -18.10
N MET N 160 -21.53 -42.81 -16.82
CA MET N 160 -20.74 -43.37 -15.73
C MET N 160 -21.51 -44.57 -15.18
N THR N 161 -20.88 -45.75 -15.22
CA THR N 161 -21.54 -47.01 -14.92
C THR N 161 -21.07 -47.56 -13.58
N GLN N 162 -22.03 -47.88 -12.72
CA GLN N 162 -21.77 -48.56 -11.45
C GLN N 162 -22.24 -50.00 -11.57
N SER N 163 -21.30 -50.94 -11.39
CA SER N 163 -21.66 -52.35 -11.54
C SER N 163 -22.59 -52.87 -10.46
N PRO N 164 -22.28 -52.80 -9.14
CA PRO N 164 -23.20 -53.38 -8.16
C PRO N 164 -24.30 -52.38 -7.82
N SER N 165 -25.52 -52.69 -8.23
CA SER N 165 -26.64 -51.79 -7.98
C SER N 165 -26.98 -51.71 -6.50
N SER N 166 -26.93 -52.85 -5.80
CA SER N 166 -27.14 -52.86 -4.37
C SER N 166 -26.61 -54.16 -3.80
N MET N 167 -26.16 -54.08 -2.55
CA MET N 167 -25.69 -55.26 -1.83
C MET N 167 -26.01 -55.09 -0.36
N HIS N 168 -26.02 -56.21 0.35
CA HIS N 168 -26.15 -56.24 1.79
C HIS N 168 -24.86 -56.78 2.40
N ALA N 169 -24.46 -56.21 3.53
CA ALA N 169 -23.23 -56.64 4.18
C ALA N 169 -23.38 -56.53 5.68
N SER N 170 -22.54 -57.29 6.39
CA SER N 170 -22.55 -57.27 7.85
C SER N 170 -21.72 -56.09 8.34
N LEU N 171 -21.40 -56.09 9.63
CA LEU N 171 -20.82 -54.93 10.30
C LEU N 171 -19.30 -54.90 10.27
N GLY N 172 -18.63 -55.82 9.59
CA GLY N 172 -17.19 -55.86 9.68
C GLY N 172 -16.39 -56.22 8.45
N GLU N 173 -17.03 -56.29 7.28
CA GLU N 173 -16.36 -56.77 6.09
C GLU N 173 -15.98 -55.60 5.17
N ARG N 174 -15.43 -55.95 4.01
CA ARG N 174 -15.04 -55.00 2.98
C ARG N 174 -16.22 -54.75 2.04
N VAL N 175 -16.29 -53.54 1.51
CA VAL N 175 -17.27 -53.20 0.47
C VAL N 175 -16.53 -52.58 -0.70
N THR N 176 -16.86 -53.03 -1.91
CA THR N 176 -16.24 -52.51 -3.12
C THR N 176 -17.33 -52.11 -4.11
N ILE N 177 -17.21 -50.89 -4.64
CA ILE N 177 -18.14 -50.38 -5.64
C ILE N 177 -17.34 -49.89 -6.83
N THR N 178 -17.77 -50.27 -8.03
CA THR N 178 -17.06 -49.97 -9.26
C THR N 178 -17.82 -48.94 -10.09
N CYS N 179 -17.10 -48.01 -10.69
CA CYS N 179 -17.66 -46.87 -11.40
C CYS N 179 -16.98 -46.70 -12.77
N LYS N 180 -17.04 -47.76 -13.57
CA LYS N 180 -16.53 -47.76 -14.95
C LYS N 180 -17.10 -46.61 -15.77
N ALA N 181 -16.22 -45.92 -16.49
CA ALA N 181 -16.57 -44.70 -17.21
C ALA N 181 -16.61 -44.96 -18.71
N SER N 182 -17.43 -44.16 -19.40
CA SER N 182 -17.53 -44.27 -20.85
C SER N 182 -16.25 -43.83 -21.54
N GLN N 183 -15.85 -42.58 -21.33
CA GLN N 183 -14.61 -42.03 -21.87
C GLN N 183 -13.55 -42.00 -20.77
N ASP N 184 -12.40 -41.39 -21.08
CA ASP N 184 -11.28 -41.34 -20.17
C ASP N 184 -11.41 -40.02 -19.42
N ILE N 185 -11.34 -40.11 -18.09
CA ILE N 185 -11.27 -38.95 -17.21
C ILE N 185 -10.02 -39.10 -16.38
N ARG N 186 -9.17 -38.08 -16.39
CA ARG N 186 -7.84 -38.17 -15.77
C ARG N 186 -7.96 -37.91 -14.27
N SER N 187 -8.52 -38.90 -13.57
CA SER N 187 -8.68 -38.93 -12.12
C SER N 187 -9.65 -37.88 -11.60
N TYR N 188 -10.48 -37.30 -12.46
CA TYR N 188 -11.44 -36.28 -12.03
C TYR N 188 -12.77 -36.92 -11.65
N LEU N 189 -12.71 -37.74 -10.61
CA LEU N 189 -13.87 -38.48 -10.13
C LEU N 189 -14.02 -38.32 -8.64
N SER N 190 -15.25 -38.14 -8.19
CA SER N 190 -15.58 -37.96 -6.78
C SER N 190 -16.60 -39.00 -6.36
N TRP N 191 -16.56 -39.33 -5.08
CA TRP N 191 -17.47 -40.30 -4.47
C TRP N 191 -18.24 -39.60 -3.36
N TYR N 192 -19.57 -39.68 -3.43
CA TYR N 192 -20.47 -39.05 -2.48
C TYR N 192 -21.34 -40.11 -1.80
N GLN N 193 -21.64 -39.90 -0.53
CA GLN N 193 -22.55 -40.74 0.22
C GLN N 193 -23.77 -39.91 0.62
N GLN N 194 -24.95 -40.47 0.40
CA GLN N 194 -26.20 -39.77 0.68
C GLN N 194 -27.07 -40.64 1.56
N LYS N 195 -27.43 -40.12 2.73
CA LYS N 195 -28.48 -40.70 3.55
C LYS N 195 -29.83 -40.37 2.93
N PRO N 196 -30.86 -41.18 3.20
CA PRO N 196 -32.16 -40.90 2.59
C PRO N 196 -32.82 -39.69 3.25
N TRP N 197 -33.39 -38.82 2.41
CA TRP N 197 -33.91 -37.52 2.86
C TRP N 197 -32.80 -36.68 3.48
N LYS N 198 -31.65 -36.67 2.82
CA LYS N 198 -30.51 -35.88 3.27
C LYS N 198 -29.69 -35.45 2.06
N SER N 199 -28.99 -34.33 2.21
CA SER N 199 -28.09 -33.88 1.17
C SER N 199 -26.88 -34.81 1.09
N PRO N 200 -26.30 -35.00 -0.10
CA PRO N 200 -25.14 -35.88 -0.22
C PRO N 200 -23.92 -35.30 0.51
N LYS N 201 -23.07 -36.19 0.99
CA LYS N 201 -21.85 -35.82 1.67
C LYS N 201 -20.65 -36.30 0.86
N THR N 202 -19.66 -35.43 0.70
CA THR N 202 -18.50 -35.77 -0.10
C THR N 202 -17.59 -36.73 0.67
N LEU N 203 -17.24 -37.84 0.03
CA LEU N 203 -16.30 -38.80 0.61
C LEU N 203 -14.93 -38.73 -0.03
N ILE N 204 -14.86 -38.83 -1.36
CA ILE N 204 -13.59 -38.89 -2.08
C ILE N 204 -13.60 -37.85 -3.18
N TYR N 205 -12.47 -37.17 -3.37
CA TYR N 205 -12.27 -36.31 -4.51
C TYR N 205 -10.95 -36.64 -5.16
N TYR N 206 -10.88 -36.48 -6.48
CA TYR N 206 -9.72 -36.80 -7.30
C TYR N 206 -9.42 -38.30 -7.34
N ALA N 207 -10.41 -39.13 -7.00
CA ALA N 207 -10.41 -40.59 -7.08
C ALA N 207 -9.55 -41.29 -6.03
N THR N 208 -8.76 -40.53 -5.27
CA THR N 208 -7.96 -41.12 -4.18
C THR N 208 -7.96 -40.29 -2.90
N SER N 209 -8.26 -39.00 -2.96
CA SER N 209 -8.09 -38.13 -1.80
C SER N 209 -9.30 -38.21 -0.88
N LEU N 210 -9.05 -38.24 0.42
CA LEU N 210 -10.12 -38.23 1.40
C LEU N 210 -10.64 -36.81 1.59
N ALA N 211 -11.97 -36.67 1.69
CA ALA N 211 -12.57 -35.36 1.89
C ALA N 211 -12.28 -34.87 3.32
N ASP N 212 -12.70 -33.64 3.59
CA ASP N 212 -12.47 -33.04 4.90
C ASP N 212 -13.35 -33.71 5.94
N GLY N 213 -12.74 -34.31 6.95
CA GLY N 213 -13.45 -34.95 8.03
C GLY N 213 -13.86 -36.38 7.79
N VAL N 214 -13.68 -36.90 6.57
CA VAL N 214 -13.97 -38.30 6.30
C VAL N 214 -12.87 -39.17 6.91
N PRO N 215 -13.21 -40.27 7.57
CA PRO N 215 -12.17 -41.12 8.16
C PRO N 215 -11.38 -41.86 7.09
N SER N 216 -10.36 -42.59 7.54
CA SER N 216 -9.54 -43.40 6.65
C SER N 216 -10.16 -44.74 6.33
N ARG N 217 -11.38 -45.00 6.84
CA ARG N 217 -12.10 -46.22 6.50
C ARG N 217 -12.39 -46.29 5.00
N PHE N 218 -12.80 -45.18 4.41
CA PHE N 218 -13.07 -45.12 2.99
C PHE N 218 -11.77 -44.95 2.21
N SER N 219 -11.72 -45.55 1.03
CA SER N 219 -10.52 -45.51 0.20
C SER N 219 -10.92 -45.58 -1.26
N GLY N 220 -10.59 -44.54 -2.02
CA GLY N 220 -10.78 -44.55 -3.45
C GLY N 220 -9.55 -45.04 -4.17
N SER N 221 -9.76 -45.57 -5.37
CA SER N 221 -8.63 -46.04 -6.16
C SER N 221 -9.03 -46.08 -7.63
N GLY N 222 -8.03 -46.11 -8.49
CA GLY N 222 -8.24 -46.22 -9.92
C GLY N 222 -7.82 -44.98 -10.67
N SER N 223 -8.04 -45.04 -11.98
CA SER N 223 -7.72 -43.95 -12.89
C SER N 223 -8.27 -44.29 -14.26
N GLY N 224 -8.13 -43.34 -15.19
CA GLY N 224 -8.57 -43.53 -16.55
C GLY N 224 -10.07 -43.76 -16.67
N GLN N 225 -10.45 -44.99 -16.97
CA GLN N 225 -11.85 -45.38 -17.06
C GLN N 225 -12.26 -46.38 -15.98
N ASP N 226 -11.37 -46.71 -15.05
CA ASP N 226 -11.64 -47.71 -14.04
C ASP N 226 -11.46 -47.09 -12.66
N PHE N 227 -12.54 -46.98 -11.91
CA PHE N 227 -12.50 -46.39 -10.57
C PHE N 227 -13.25 -47.30 -9.61
N SER N 228 -12.86 -47.24 -8.34
CA SER N 228 -13.47 -48.08 -7.32
C SER N 228 -13.39 -47.40 -5.97
N LEU N 229 -14.40 -47.66 -5.15
CA LEU N 229 -14.47 -47.18 -3.78
C LEU N 229 -14.55 -48.37 -2.85
N THR N 230 -13.77 -48.33 -1.77
CA THR N 230 -13.69 -49.43 -0.82
C THR N 230 -13.99 -48.92 0.59
N ILE N 231 -14.87 -49.63 1.29
CA ILE N 231 -15.20 -49.35 2.68
C ILE N 231 -14.59 -50.47 3.52
N ASN N 232 -13.77 -50.08 4.50
CA ASN N 232 -12.98 -51.00 5.30
C ASN N 232 -13.83 -51.95 6.13
N ASN N 233 -14.58 -51.39 7.08
CA ASN N 233 -15.48 -52.19 7.91
C ASN N 233 -16.77 -51.42 8.11
N LEU N 234 -17.89 -52.11 7.98
CA LEU N 234 -19.18 -51.44 7.99
C LEU N 234 -19.54 -50.95 9.38
N GLU N 235 -20.53 -50.08 9.44
CA GLU N 235 -21.10 -49.59 10.69
C GLU N 235 -22.60 -49.44 10.52
N SER N 236 -23.26 -48.97 11.59
CA SER N 236 -24.70 -48.79 11.53
C SER N 236 -25.10 -47.67 10.58
N ASP N 237 -24.29 -46.62 10.50
CA ASP N 237 -24.62 -45.44 9.71
C ASP N 237 -24.16 -45.51 8.25
N ASP N 238 -23.58 -46.64 7.82
CA ASP N 238 -23.11 -46.76 6.44
C ASP N 238 -24.20 -47.15 5.47
N THR N 239 -25.42 -47.40 5.94
CA THR N 239 -26.55 -47.70 5.05
C THR N 239 -26.94 -46.42 4.33
N ALA N 240 -26.68 -46.35 3.03
CA ALA N 240 -26.94 -45.13 2.28
C ALA N 240 -26.73 -45.41 0.80
N THR N 241 -26.92 -44.39 -0.01
CA THR N 241 -26.72 -44.48 -1.46
C THR N 241 -25.42 -43.77 -1.82
N TYR N 242 -24.53 -44.49 -2.48
CA TYR N 242 -23.23 -43.98 -2.89
C TYR N 242 -23.24 -43.69 -4.38
N TYR N 243 -22.88 -42.46 -4.72
CA TYR N 243 -22.82 -42.01 -6.11
C TYR N 243 -21.38 -41.67 -6.47
N CYS N 244 -21.04 -41.86 -7.73
CA CYS N 244 -19.75 -41.43 -8.27
C CYS N 244 -19.99 -40.41 -9.36
N LEU N 245 -19.40 -39.23 -9.21
CA LEU N 245 -19.57 -38.12 -10.13
C LEU N 245 -18.26 -37.89 -10.87
N GLN N 246 -18.36 -37.58 -12.16
CA GLN N 246 -17.20 -37.23 -12.97
C GLN N 246 -17.30 -35.76 -13.36
N HIS N 247 -16.20 -35.04 -13.27
CA HIS N 247 -16.14 -33.66 -13.72
C HIS N 247 -14.92 -33.43 -14.59
N GLY N 248 -14.57 -34.43 -15.41
CA GLY N 248 -13.47 -34.28 -16.34
C GLY N 248 -13.86 -33.57 -17.61
N GLU N 249 -15.08 -33.76 -18.07
CA GLU N 249 -15.59 -33.14 -19.29
C GLU N 249 -16.59 -32.05 -18.96
N SER N 250 -17.11 -31.42 -20.01
CA SER N 250 -17.98 -30.25 -19.83
C SER N 250 -19.28 -30.56 -19.12
N PRO N 251 -20.10 -31.54 -19.55
CA PRO N 251 -21.28 -31.89 -18.75
C PRO N 251 -20.94 -32.92 -17.68
N TYR N 252 -21.08 -32.54 -16.42
CA TYR N 252 -20.74 -33.46 -15.34
C TYR N 252 -21.85 -34.49 -15.20
N THR N 253 -21.49 -35.77 -15.14
CA THR N 253 -22.45 -36.85 -15.08
C THR N 253 -22.24 -37.66 -13.82
N PHE N 254 -23.34 -37.93 -13.11
CA PHE N 254 -23.30 -38.74 -11.90
C PHE N 254 -23.41 -40.22 -12.25
N GLY N 255 -23.16 -41.05 -11.25
CA GLY N 255 -23.39 -42.48 -11.41
C GLY N 255 -24.84 -42.84 -11.19
N SER N 256 -25.15 -44.12 -11.43
CA SER N 256 -26.51 -44.61 -11.24
C SER N 256 -26.90 -44.58 -9.77
N GLY N 257 -25.96 -44.92 -8.90
CA GLY N 257 -26.21 -44.96 -7.47
C GLY N 257 -26.19 -46.39 -6.98
N THR N 258 -25.53 -46.62 -5.85
CA THR N 258 -25.41 -47.95 -5.27
C THR N 258 -25.99 -47.92 -3.87
N LYS N 259 -26.95 -48.80 -3.60
CA LYS N 259 -27.61 -48.84 -2.30
C LYS N 259 -26.89 -49.84 -1.40
N LEU N 260 -26.40 -49.37 -0.25
CA LEU N 260 -25.72 -50.21 0.71
C LEU N 260 -26.55 -50.29 1.98
N GLU N 261 -26.96 -51.50 2.33
CA GLU N 261 -27.74 -51.78 3.53
C GLU N 261 -26.87 -52.60 4.47
N ILE N 262 -27.04 -52.39 5.76
CA ILE N 262 -26.17 -52.98 6.77
C ILE N 262 -26.92 -54.09 7.49
N LYS N 263 -26.29 -55.26 7.59
CA LYS N 263 -26.81 -56.44 8.28
C LYS N 263 -28.17 -56.89 7.73
#